data_5W8I
#
_entry.id   5W8I
#
_cell.length_a   166.840
_cell.length_b   80.430
_cell.length_c   119.620
_cell.angle_alpha   90.000
_cell.angle_beta   117.730
_cell.angle_gamma   90.000
#
_symmetry.space_group_name_H-M   'C 1 2 1'
#
loop_
_entity.id
_entity.type
_entity.pdbx_description
1 polymer 'L-lactate dehydrogenase A chain'
2 non-polymer 'ZINC ION'
3 non-polymer '2-[3-(3,4-difluorophenyl)-5-hydroxy-1H-pyrazol-1-yl]-1,3-thiazole-4-carboxylic acid'
4 non-polymer 'CITRIC ACID'
5 non-polymer 'DIMETHYL SULFOXIDE'
6 non-polymer 'MALONIC ACID'
7 non-polymer GLYCEROL
8 water water
#
_entity_poly.entity_id   1
_entity_poly.type   'polypeptide(L)'
_entity_poly.pdbx_seq_one_letter_code
;MATLKDQLIYNLLKEEQTPQNKITVVGVGAVGMACAISILMKDLADELALVDVIEDKLKGEMMDLQHGSLFLRTPKIVSG
KDYNVTANSKLVIITAGARQQEGESRLNLVQRNVNIFKFIIPNVVKYSPNCKLLIVSNPVDILTYVAWKISGFPKNRVIG
SGCNLDSARFRYLMGERLGVHPLSCHGWVLGEHGDSSVPVWSGMNVAGVSLKTLHPDLGTDKDKEQWKEVHKQVVESAYE
VIKLKGYTSWAIGLSVADLAESIMKNLRRVHPVSTMIKGLYGIKDDVFLSVPCILGQNGISDLVKVTLTSEEEARLKKSA
DTLWGIQKELQF
;
_entity_poly.pdbx_strand_id   A,B,C,D
#
# COMPACT_ATOMS: atom_id res chain seq x y z
N ALA A 2 -13.06 21.86 -34.13
CA ALA A 2 -13.30 21.20 -32.84
C ALA A 2 -12.05 21.35 -31.97
N THR A 3 -12.27 21.27 -30.68
CA THR A 3 -11.21 21.45 -29.71
C THR A 3 -10.28 20.24 -29.73
N LEU A 4 -9.10 20.41 -29.14
CA LEU A 4 -8.19 19.30 -29.06
C LEU A 4 -8.83 18.18 -28.24
N LYS A 5 -9.53 18.56 -27.18
CA LYS A 5 -10.20 17.61 -26.33
C LYS A 5 -11.20 16.75 -27.13
N ASP A 6 -12.01 17.39 -27.94
CA ASP A 6 -12.98 16.65 -28.70
C ASP A 6 -12.38 15.89 -29.87
N GLN A 7 -11.27 16.34 -30.41
CA GLN A 7 -10.59 15.54 -31.41
C GLN A 7 -9.99 14.26 -30.80
N LEU A 8 -9.53 14.35 -29.56
CA LEU A 8 -8.85 13.25 -28.89
C LEU A 8 -9.85 12.28 -28.27
N ILE A 9 -10.96 12.81 -27.75
CA ILE A 9 -11.77 12.04 -26.79
C ILE A 9 -13.25 12.06 -27.21
N TYR A 10 -13.81 10.85 -27.34
CA TYR A 10 -15.24 10.70 -27.66
C TYR A 10 -15.97 10.44 -26.33
N ASN A 11 -16.85 11.36 -25.98
CA ASN A 11 -17.58 11.29 -24.74
C ASN A 11 -18.76 10.34 -24.86
N LEU A 12 -18.88 9.41 -23.93
CA LEU A 12 -20.05 8.52 -23.89
C LEU A 12 -21.10 9.02 -22.94
N LEU A 13 -20.71 9.58 -21.81
CA LEU A 13 -21.61 9.93 -20.67
C LEU A 13 -21.27 11.24 -20.05
N LYS A 14 -22.26 12.07 -19.69
CA LYS A 14 -22.04 13.24 -18.82
C LYS A 14 -22.08 12.84 -17.37
N GLN A 17 -22.52 13.02 -11.12
CA GLN A 17 -21.36 12.86 -10.24
C GLN A 17 -21.79 13.00 -8.77
N THR A 18 -21.88 11.89 -8.03
CA THR A 18 -22.19 11.90 -6.58
C THR A 18 -21.02 11.24 -5.84
N PRO A 19 -20.34 11.99 -4.94
CA PRO A 19 -19.15 11.39 -4.33
C PRO A 19 -19.49 10.09 -3.61
N GLN A 20 -18.64 9.09 -3.68
CA GLN A 20 -18.92 7.76 -3.08
C GLN A 20 -18.14 7.45 -1.79
N ASN A 21 -16.93 7.99 -1.65
CA ASN A 21 -16.10 7.71 -0.47
C ASN A 21 -15.41 9.00 -0.04
N LYS A 22 -16.21 10.01 0.26
CA LYS A 22 -15.68 11.37 0.41
C LYS A 22 -15.35 11.65 1.88
N ILE A 23 -14.23 12.35 2.12
CA ILE A 23 -13.86 12.83 3.43
C ILE A 23 -13.65 14.34 3.37
N THR A 24 -14.13 15.02 4.38
CA THR A 24 -13.90 16.44 4.60
C THR A 24 -13.01 16.66 5.82
N VAL A 25 -12.04 17.55 5.67
CA VAL A 25 -11.29 18.08 6.80
C VAL A 25 -11.61 19.57 6.98
N VAL A 26 -12.07 19.92 8.17
CA VAL A 26 -12.39 21.31 8.54
C VAL A 26 -11.21 21.82 9.35
N GLY A 27 -10.59 22.89 8.85
CA GLY A 27 -9.44 23.49 9.48
C GLY A 27 -8.19 23.01 8.77
N VAL A 28 -7.40 23.98 8.26
CA VAL A 28 -6.19 23.66 7.51
C VAL A 28 -4.93 24.18 8.22
N GLY A 29 -5.00 24.22 9.54
CA GLY A 29 -3.80 24.40 10.35
C GLY A 29 -2.96 23.13 10.24
N ALA A 30 -1.96 23.00 11.11
CA ALA A 30 -0.99 21.90 10.98
C ALA A 30 -1.65 20.54 11.25
N VAL A 31 -2.58 20.51 12.21
CA VAL A 31 -3.31 19.28 12.47
C VAL A 31 -4.19 18.87 11.28
N GLY A 32 -4.97 19.79 10.75
CA GLY A 32 -5.82 19.47 9.60
C GLY A 32 -5.04 18.97 8.40
N MET A 33 -3.91 19.62 8.10
CA MET A 33 -3.10 19.20 6.94
C MET A 33 -2.39 17.90 7.16
N ALA A 34 -1.98 17.60 8.39
CA ALA A 34 -1.42 16.29 8.69
C ALA A 34 -2.46 15.16 8.56
N CYS A 35 -3.68 15.39 9.00
CA CYS A 35 -4.78 14.49 8.74
C CYS A 35 -5.00 14.32 7.22
N ALA A 36 -5.02 15.41 6.48
CA ALA A 36 -5.25 15.37 5.03
C ALA A 36 -4.19 14.56 4.31
N ILE A 37 -2.91 14.81 4.60
CA ILE A 37 -1.86 14.13 3.86
C ILE A 37 -1.85 12.63 4.24
N SER A 38 -2.13 12.30 5.51
CA SER A 38 -2.18 10.91 5.97
C SER A 38 -3.30 10.12 5.32
N ILE A 39 -4.46 10.74 5.22
CA ILE A 39 -5.62 10.17 4.52
C ILE A 39 -5.31 9.98 3.02
N LEU A 40 -4.69 10.99 2.41
CA LEU A 40 -4.31 10.88 0.99
C LEU A 40 -3.34 9.77 0.76
N MET A 41 -2.36 9.61 1.65
CA MET A 41 -1.35 8.58 1.39
CA MET A 41 -1.31 8.60 1.49
C MET A 41 -1.79 7.17 1.78
N LYS A 42 -2.95 7.04 2.42
CA LYS A 42 -3.54 5.76 2.71
C LYS A 42 -4.66 5.40 1.73
N ASP A 43 -4.91 6.23 0.72
CA ASP A 43 -5.92 5.92 -0.29
C ASP A 43 -7.31 5.65 0.32
N LEU A 44 -7.73 6.44 1.29
CA LEU A 44 -8.96 6.16 1.99
C LEU A 44 -10.16 6.82 1.36
N ALA A 45 -9.96 7.83 0.51
CA ALA A 45 -11.08 8.56 -0.05
C ALA A 45 -10.95 8.72 -1.56
N ASP A 46 -12.08 8.90 -2.24
CA ASP A 46 -12.08 9.29 -3.63
C ASP A 46 -12.28 10.75 -3.85
N GLU A 47 -12.63 11.48 -2.79
CA GLU A 47 -12.72 12.93 -2.87
C GLU A 47 -12.38 13.44 -1.49
N LEU A 48 -11.56 14.47 -1.45
CA LEU A 48 -11.18 15.17 -0.23
C LEU A 48 -11.55 16.64 -0.33
N ALA A 49 -12.32 17.14 0.64
CA ALA A 49 -12.74 18.55 0.72
C ALA A 49 -12.06 19.18 1.94
N LEU A 50 -11.54 20.39 1.76
CA LEU A 50 -10.95 21.20 2.79
C LEU A 50 -11.77 22.45 2.99
N VAL A 51 -12.08 22.79 4.23
CA VAL A 51 -12.81 24.01 4.56
C VAL A 51 -12.14 24.75 5.71
N ASP A 52 -12.08 26.08 5.62
CA ASP A 52 -11.60 26.92 6.71
C ASP A 52 -12.07 28.33 6.39
N VAL A 53 -11.73 29.27 7.27
CA VAL A 53 -12.21 30.65 7.14
C VAL A 53 -11.16 31.55 6.50
N ILE A 54 -9.88 31.15 6.50
CA ILE A 54 -8.87 31.97 5.88
C ILE A 54 -8.64 31.57 4.44
N GLU A 55 -9.13 32.40 3.52
CA GLU A 55 -9.35 31.91 2.17
C GLU A 55 -8.05 31.71 1.38
N ASP A 56 -7.05 32.58 1.59
CA ASP A 56 -5.81 32.45 0.84
CA ASP A 56 -5.79 32.47 0.85
C ASP A 56 -5.07 31.19 1.26
N LYS A 57 -4.91 30.98 2.57
CA LYS A 57 -4.28 29.81 3.09
C LYS A 57 -4.98 28.51 2.65
N LEU A 58 -6.30 28.54 2.66
CA LEU A 58 -7.10 27.41 2.17
C LEU A 58 -6.83 27.08 0.73
N LYS A 59 -6.81 28.10 -0.12
CA LYS A 59 -6.57 27.88 -1.54
C LYS A 59 -5.16 27.38 -1.75
N GLY A 60 -4.20 27.92 -1.01
CA GLY A 60 -2.84 27.47 -1.15
C GLY A 60 -2.59 26.03 -0.77
N GLU A 61 -3.18 25.59 0.36
CA GLU A 61 -3.12 24.19 0.74
C GLU A 61 -3.73 23.27 -0.30
N MET A 62 -4.90 23.64 -0.80
CA MET A 62 -5.57 22.86 -1.81
C MET A 62 -4.68 22.71 -3.05
N MET A 63 -4.14 23.83 -3.54
CA MET A 63 -3.33 23.78 -4.73
C MET A 63 -2.08 22.95 -4.53
N ASP A 64 -1.50 23.03 -3.34
CA ASP A 64 -0.27 22.30 -3.06
C ASP A 64 -0.56 20.80 -3.09
N LEU A 65 -1.69 20.38 -2.53
CA LEU A 65 -2.08 18.98 -2.61
C LEU A 65 -2.42 18.53 -4.04
N GLN A 66 -3.16 19.35 -4.76
CA GLN A 66 -3.50 19.06 -6.14
C GLN A 66 -2.28 18.88 -7.03
N HIS A 67 -1.25 19.68 -6.79
CA HIS A 67 -0.02 19.59 -7.61
C HIS A 67 0.69 18.27 -7.43
N GLY A 68 0.39 17.57 -6.33
CA GLY A 68 0.87 16.22 -6.08
C GLY A 68 -0.03 15.07 -6.56
N SER A 69 -1.10 15.40 -7.31
CA SER A 69 -2.12 14.43 -7.70
C SER A 69 -1.59 13.24 -8.44
N LEU A 70 -0.59 13.48 -9.30
CA LEU A 70 0.04 12.40 -10.02
C LEU A 70 0.48 11.24 -9.08
N PHE A 71 0.92 11.57 -7.86
CA PHE A 71 1.54 10.65 -6.95
C PHE A 71 0.47 10.10 -5.97
N LEU A 72 -0.80 10.43 -6.17
CA LEU A 72 -1.85 10.07 -5.24
C LEU A 72 -2.90 9.25 -5.99
N ARG A 73 -3.88 8.72 -5.28
CA ARG A 73 -5.00 7.97 -5.91
C ARG A 73 -6.35 8.46 -5.41
N THR A 74 -6.43 9.78 -5.18
CA THR A 74 -7.60 10.46 -4.72
C THR A 74 -7.82 11.53 -5.77
N PRO A 75 -8.70 11.27 -6.75
CA PRO A 75 -8.73 12.06 -7.96
C PRO A 75 -9.40 13.43 -7.85
N LYS A 76 -10.08 13.72 -6.75
CA LYS A 76 -10.68 14.99 -6.61
C LYS A 76 -10.35 15.62 -5.26
N ILE A 77 -9.77 16.80 -5.32
CA ILE A 77 -9.45 17.58 -4.17
C ILE A 77 -10.06 18.94 -4.36
N VAL A 78 -10.93 19.33 -3.42
CA VAL A 78 -11.62 20.60 -3.46
C VAL A 78 -11.50 21.36 -2.12
N SER A 79 -11.82 22.66 -2.18
CA SER A 79 -11.81 23.52 -1.03
C SER A 79 -12.70 24.72 -1.19
N GLY A 80 -13.06 25.33 -0.07
CA GLY A 80 -13.65 26.66 -0.07
C GLY A 80 -14.17 26.98 1.32
N LYS A 81 -14.43 28.28 1.55
CA LYS A 81 -15.06 28.75 2.80
C LYS A 81 -16.52 28.27 2.92
N ASP A 82 -17.16 28.10 1.77
CA ASP A 82 -18.53 27.62 1.71
C ASP A 82 -18.62 26.10 1.92
N TYR A 83 -19.46 25.70 2.87
CA TYR A 83 -19.63 24.28 3.18
C TYR A 83 -20.32 23.46 2.06
N ASN A 84 -20.82 24.10 0.99
CA ASN A 84 -21.34 23.29 -0.11
C ASN A 84 -20.25 22.35 -0.68
N VAL A 85 -18.97 22.72 -0.58
CA VAL A 85 -17.88 21.83 -1.07
C VAL A 85 -17.80 20.52 -0.33
N THR A 86 -18.44 20.42 0.84
CA THR A 86 -18.35 19.28 1.70
C THR A 86 -19.49 18.30 1.52
N ALA A 87 -20.39 18.56 0.58
CA ALA A 87 -21.61 17.79 0.49
C ALA A 87 -21.35 16.31 0.29
N ASN A 88 -22.15 15.48 0.92
CA ASN A 88 -22.10 14.01 0.76
C ASN A 88 -20.76 13.39 1.23
N SER A 89 -20.18 13.97 2.27
CA SER A 89 -19.05 13.34 2.95
C SER A 89 -19.53 12.17 3.80
N LYS A 90 -18.82 11.06 3.76
CA LYS A 90 -19.04 9.98 4.66
C LYS A 90 -18.48 10.31 6.01
N LEU A 91 -17.39 11.06 6.03
CA LEU A 91 -16.63 11.30 7.25
C LEU A 91 -16.20 12.75 7.25
N VAL A 92 -16.50 13.47 8.34
CA VAL A 92 -16.10 14.88 8.43
C VAL A 92 -15.23 15.06 9.66
N ILE A 93 -14.00 15.52 9.45
CA ILE A 93 -12.98 15.57 10.51
C ILE A 93 -12.83 17.03 10.94
N ILE A 94 -13.10 17.34 12.19
CA ILE A 94 -13.07 18.73 12.65
C ILE A 94 -11.79 18.99 13.42
N THR A 95 -10.94 19.85 12.86
CA THR A 95 -9.70 20.22 13.54
C THR A 95 -9.63 21.69 13.91
N ALA A 96 -10.65 22.45 13.55
CA ALA A 96 -10.60 23.89 13.69
C ALA A 96 -10.97 24.31 15.10
N GLY A 97 -10.64 25.54 15.42
CA GLY A 97 -11.00 26.11 16.71
C GLY A 97 -9.93 27.02 17.24
N ALA A 98 -10.21 27.63 18.38
CA ALA A 98 -9.32 28.59 19.02
C ALA A 98 -8.36 27.87 19.91
N ARG A 99 -7.17 28.43 20.04
CA ARG A 99 -6.12 27.93 20.97
C ARG A 99 -6.14 28.69 22.30
N GLN A 100 -5.81 28.01 23.41
CA GLN A 100 -5.87 28.60 24.73
C GLN A 100 -4.84 29.69 24.81
N GLN A 101 -5.25 30.90 25.20
CA GLN A 101 -4.31 32.05 25.36
C GLN A 101 -3.71 32.10 26.77
N GLU A 102 -2.60 32.86 26.91
CA GLU A 102 -1.95 33.03 28.21
C GLU A 102 -2.99 33.63 29.14
N GLY A 103 -3.18 32.98 30.27
CA GLY A 103 -4.10 33.45 31.25
C GLY A 103 -5.54 33.03 31.05
N GLU A 104 -5.88 32.35 29.95
CA GLU A 104 -7.31 32.05 29.67
C GLU A 104 -7.73 30.83 30.44
N SER A 105 -8.86 30.87 31.14
CA SER A 105 -9.40 29.67 31.74
C SER A 105 -9.82 28.63 30.68
N ARG A 106 -9.79 27.38 31.10
CA ARG A 106 -10.30 26.30 30.28
C ARG A 106 -11.78 26.56 29.92
N LEU A 107 -12.56 27.08 30.87
CA LEU A 107 -13.97 27.32 30.60
C LEU A 107 -14.13 28.36 29.49
N ASN A 108 -13.41 29.47 29.59
CA ASN A 108 -13.55 30.51 28.59
C ASN A 108 -13.03 30.02 27.22
N LEU A 109 -11.96 29.23 27.20
CA LEU A 109 -11.46 28.67 25.92
C LEU A 109 -12.55 27.79 25.25
N VAL A 110 -13.14 26.91 26.04
CA VAL A 110 -14.15 26.02 25.49
C VAL A 110 -15.30 26.87 24.97
N GLN A 111 -15.72 27.92 25.73
CA GLN A 111 -16.85 28.72 25.30
C GLN A 111 -16.58 29.37 23.94
N ARG A 112 -15.35 29.80 23.73
CA ARG A 112 -14.99 30.38 22.44
C ARG A 112 -15.09 29.33 21.37
N ASN A 113 -14.74 28.10 21.70
CA ASN A 113 -14.89 27.01 20.72
C ASN A 113 -16.32 26.59 20.49
N VAL A 114 -17.17 26.67 21.51
CA VAL A 114 -18.59 26.50 21.32
C VAL A 114 -19.13 27.50 20.27
N ASN A 115 -18.72 28.76 20.40
CA ASN A 115 -19.22 29.79 19.49
C ASN A 115 -18.76 29.54 18.05
N ILE A 116 -17.53 29.04 17.88
CA ILE A 116 -17.03 28.62 16.57
C ILE A 116 -17.81 27.38 16.07
N PHE A 117 -18.00 26.38 16.91
CA PHE A 117 -18.81 25.21 16.56
C PHE A 117 -20.26 25.49 16.18
N LYS A 118 -20.85 26.55 16.72
CA LYS A 118 -22.22 26.89 16.38
C LYS A 118 -22.31 27.36 14.93
N PHE A 119 -21.21 27.77 14.31
CA PHE A 119 -21.15 28.02 12.87
C PHE A 119 -20.75 26.75 12.06
N ILE A 120 -19.77 26.05 12.54
CA ILE A 120 -19.23 24.90 11.80
C ILE A 120 -20.20 23.74 11.73
N ILE A 121 -20.71 23.31 12.86
CA ILE A 121 -21.42 22.06 12.91
C ILE A 121 -22.72 22.09 12.09
N PRO A 122 -23.53 23.16 12.21
CA PRO A 122 -24.77 23.12 11.44
C PRO A 122 -24.49 23.18 9.94
N ASN A 123 -23.42 23.88 9.55
CA ASN A 123 -23.02 23.85 8.16
C ASN A 123 -22.61 22.41 7.71
N VAL A 124 -21.85 21.72 8.54
CA VAL A 124 -21.48 20.34 8.18
C VAL A 124 -22.72 19.48 8.01
N VAL A 125 -23.60 19.59 9.00
CA VAL A 125 -24.80 18.79 9.07
C VAL A 125 -25.72 19.07 7.88
N LYS A 126 -25.83 20.32 7.47
CA LYS A 126 -26.69 20.69 6.35
C LYS A 126 -26.24 19.96 5.07
N TYR A 127 -24.94 19.84 4.84
CA TYR A 127 -24.47 19.28 3.59
C TYR A 127 -24.17 17.79 3.63
N SER A 128 -23.89 17.24 4.82
CA SER A 128 -23.70 15.80 4.98
C SER A 128 -24.43 15.30 6.23
N PRO A 129 -25.77 15.18 6.15
CA PRO A 129 -26.60 14.82 7.31
C PRO A 129 -26.39 13.41 7.83
N ASN A 130 -25.82 12.52 7.02
CA ASN A 130 -25.59 11.16 7.45
C ASN A 130 -24.11 10.86 7.68
N CYS A 131 -23.28 11.89 7.77
CA CYS A 131 -21.84 11.64 8.01
C CYS A 131 -21.60 11.14 9.42
N LYS A 132 -20.42 10.57 9.59
CA LYS A 132 -19.77 10.41 10.89
C LYS A 132 -18.89 11.66 11.14
N LEU A 133 -19.05 12.25 12.32
CA LEU A 133 -18.26 13.38 12.75
C LEU A 133 -17.12 12.91 13.63
N LEU A 134 -15.90 13.26 13.25
CA LEU A 134 -14.74 12.88 14.08
C LEU A 134 -14.08 14.16 14.56
N ILE A 135 -14.14 14.40 15.86
CA ILE A 135 -13.66 15.65 16.40
C ILE A 135 -12.22 15.47 16.89
N VAL A 136 -11.34 16.36 16.48
CA VAL A 136 -9.95 16.30 16.82
C VAL A 136 -9.55 17.58 17.58
N SER A 137 -10.32 18.66 17.46
CA SER A 137 -9.98 19.92 18.17
C SER A 137 -9.88 19.72 19.71
N ASN A 138 -8.92 20.40 20.33
CA ASN A 138 -8.71 20.37 21.79
C ASN A 138 -9.54 21.43 22.53
N PRO A 139 -10.03 21.15 23.74
CA PRO A 139 -9.97 19.88 24.45
C PRO A 139 -10.96 18.85 23.91
N VAL A 140 -10.47 17.69 23.44
CA VAL A 140 -11.22 16.86 22.50
C VAL A 140 -12.48 16.26 23.14
N ASP A 141 -12.40 15.82 24.40
CA ASP A 141 -13.54 15.16 25.03
C ASP A 141 -14.70 16.14 25.20
N ILE A 142 -14.39 17.38 25.58
CA ILE A 142 -15.44 18.37 25.73
C ILE A 142 -15.97 18.84 24.38
N LEU A 143 -15.07 19.10 23.41
CA LEU A 143 -15.55 19.54 22.10
C LEU A 143 -16.33 18.44 21.35
N THR A 144 -16.09 17.18 21.68
CA THR A 144 -16.89 16.10 21.16
C THR A 144 -18.34 16.21 21.65
N TYR A 145 -18.48 16.45 22.96
CA TYR A 145 -19.81 16.76 23.54
C TYR A 145 -20.46 17.96 22.87
N VAL A 146 -19.66 19.01 22.67
CA VAL A 146 -20.18 20.19 22.01
C VAL A 146 -20.73 19.87 20.61
N ALA A 147 -19.94 19.15 19.83
CA ALA A 147 -20.40 18.77 18.49
C ALA A 147 -21.67 17.91 18.49
N TRP A 148 -21.75 17.00 19.44
CA TRP A 148 -22.91 16.12 19.56
C TRP A 148 -24.13 16.92 19.89
N LYS A 149 -24.01 17.83 20.86
CA LYS A 149 -25.19 18.64 21.24
C LYS A 149 -25.64 19.52 20.08
N ILE A 150 -24.71 20.18 19.43
CA ILE A 150 -25.11 21.08 18.35
C ILE A 150 -25.65 20.32 17.13
N SER A 151 -25.04 19.17 16.80
CA SER A 151 -25.37 18.45 15.57
C SER A 151 -26.72 17.81 15.68
N GLY A 152 -27.05 17.35 16.88
CA GLY A 152 -28.27 16.55 17.08
C GLY A 152 -28.07 15.12 16.57
N PHE A 153 -26.81 14.71 16.29
CA PHE A 153 -26.54 13.35 15.77
C PHE A 153 -26.66 12.34 16.89
N PRO A 154 -26.94 11.07 16.54
CA PRO A 154 -26.91 10.02 17.52
C PRO A 154 -25.49 9.75 17.89
N LYS A 155 -25.32 9.21 19.08
CA LYS A 155 -24.01 8.94 19.71
C LYS A 155 -23.04 8.19 18.80
N ASN A 156 -23.56 7.19 18.09
CA ASN A 156 -22.71 6.38 17.24
C ASN A 156 -21.95 7.20 16.19
N ARG A 157 -22.50 8.35 15.78
CA ARG A 157 -21.90 9.12 14.69
C ARG A 157 -21.17 10.35 15.15
N VAL A 158 -20.92 10.48 16.45
CA VAL A 158 -20.08 11.57 16.96
C VAL A 158 -18.93 11.01 17.81
N ILE A 159 -17.71 11.07 17.25
CA ILE A 159 -16.58 10.34 17.77
C ILE A 159 -15.49 11.35 18.05
N GLY A 160 -14.87 11.28 19.22
CA GLY A 160 -13.66 12.10 19.46
C GLY A 160 -12.39 11.27 19.26
N SER A 161 -11.36 11.88 18.70
CA SER A 161 -10.08 11.18 18.50
C SER A 161 -9.53 10.58 19.79
N GLY A 162 -9.82 11.27 20.88
CA GLY A 162 -9.68 10.73 22.23
C GLY A 162 -8.27 10.17 22.50
N CYS A 163 -8.22 8.95 23.03
CA CYS A 163 -6.99 8.30 23.46
C CYS A 163 -6.32 7.36 22.44
N ASN A 164 -6.73 7.40 21.17
CA ASN A 164 -6.04 6.58 20.15
C ASN A 164 -4.58 7.04 20.08
N LEU A 165 -4.37 8.36 20.15
CA LEU A 165 -3.01 8.87 20.09
C LEU A 165 -2.24 8.55 21.38
N ASP A 166 -2.88 8.71 22.53
CA ASP A 166 -2.24 8.37 23.82
C ASP A 166 -1.78 6.91 23.86
N SER A 167 -2.63 6.02 23.39
CA SER A 167 -2.28 4.61 23.35
C SER A 167 -1.14 4.30 22.35
N ALA A 168 -1.15 4.98 21.20
CA ALA A 168 -0.03 4.88 20.24
C ALA A 168 1.28 5.36 20.90
N ARG A 169 1.22 6.49 21.61
CA ARG A 169 2.41 6.98 22.32
C ARG A 169 2.90 5.98 23.34
N PHE A 170 1.95 5.48 24.12
CA PHE A 170 2.23 4.48 25.13
C PHE A 170 2.93 3.28 24.53
N ARG A 171 2.44 2.81 23.39
CA ARG A 171 3.00 1.61 22.77
C ARG A 171 4.36 1.86 22.16
N TYR A 172 4.59 3.08 21.66
CA TYR A 172 5.89 3.45 21.18
C TYR A 172 6.94 3.34 22.34
N LEU A 173 6.59 3.92 23.48
CA LEU A 173 7.48 3.97 24.69
C LEU A 173 7.74 2.56 25.26
N MET A 174 6.68 1.76 25.30
CA MET A 174 6.78 0.35 25.68
C MET A 174 7.71 -0.42 24.76
N GLY A 175 7.50 -0.24 23.46
CA GLY A 175 8.32 -0.89 22.48
C GLY A 175 9.79 -0.55 22.61
N GLU A 176 10.06 0.75 22.78
CA GLU A 176 11.40 1.23 22.95
C GLU A 176 12.03 0.55 24.21
N ARG A 177 11.26 0.34 25.28
CA ARG A 177 11.78 -0.29 26.46
C ARG A 177 12.07 -1.75 26.29
N LEU A 178 11.19 -2.46 25.59
CA LEU A 178 11.29 -3.89 25.43
C LEU A 178 12.07 -4.32 24.20
N GLY A 179 12.42 -3.38 23.32
CA GLY A 179 13.03 -3.73 22.03
C GLY A 179 12.12 -4.53 21.10
N VAL A 180 10.83 -4.17 21.08
CA VAL A 180 9.80 -4.83 20.26
C VAL A 180 8.98 -3.73 19.54
N HIS A 181 8.54 -4.04 18.33
CA HIS A 181 7.79 -3.09 17.57
C HIS A 181 6.52 -2.74 18.34
N PRO A 182 6.08 -1.47 18.30
CA PRO A 182 4.80 -1.15 18.94
C PRO A 182 3.60 -2.03 18.51
N LEU A 183 3.56 -2.48 17.26
CA LEU A 183 2.50 -3.40 16.81
C LEU A 183 2.40 -4.65 17.66
N SER A 184 3.47 -5.03 18.35
CA SER A 184 3.44 -6.24 19.16
C SER A 184 3.51 -5.94 20.68
N CYS A 185 3.48 -4.66 21.05
CA CYS A 185 3.40 -4.20 22.44
C CYS A 185 2.00 -3.61 22.66
N HIS A 186 1.16 -4.34 23.39
CA HIS A 186 -0.20 -3.96 23.59
C HIS A 186 -0.43 -3.28 24.94
N GLY A 187 -1.23 -2.23 24.89
CA GLY A 187 -1.59 -1.53 26.09
C GLY A 187 -2.54 -0.42 25.75
N TRP A 188 -3.44 -0.16 26.67
CA TRP A 188 -4.58 0.73 26.42
C TRP A 188 -4.57 1.86 27.40
N VAL A 189 -4.64 3.08 26.86
CA VAL A 189 -4.80 4.27 27.68
C VAL A 189 -6.21 4.76 27.41
N LEU A 190 -6.98 4.89 28.49
CA LEU A 190 -8.39 5.24 28.42
C LEU A 190 -8.72 6.48 29.22
N GLY A 191 -9.97 6.92 29.09
CA GLY A 191 -10.47 8.05 29.84
C GLY A 191 -10.31 9.37 29.12
N GLU A 192 -9.81 10.37 29.83
CA GLU A 192 -9.71 11.68 29.31
C GLU A 192 -8.42 11.79 28.54
N HIS A 193 -8.42 12.32 27.31
CA HIS A 193 -7.16 12.50 26.59
C HIS A 193 -6.18 13.39 27.37
N GLY A 194 -4.90 13.02 27.32
CA GLY A 194 -3.83 13.89 27.81
C GLY A 194 -3.55 13.74 29.30
N ASP A 195 -3.61 14.85 30.03
CA ASP A 195 -3.16 14.92 31.46
C ASP A 195 -3.74 13.86 32.37
N SER A 196 -5.06 13.66 32.29
CA SER A 196 -5.71 12.77 33.24
C SER A 196 -6.03 11.40 32.67
N SER A 197 -5.36 11.00 31.60
CA SER A 197 -5.67 9.70 31.01
C SER A 197 -5.30 8.54 31.94
N VAL A 198 -5.90 7.38 31.71
CA VAL A 198 -5.73 6.23 32.54
C VAL A 198 -5.05 5.07 31.83
N PRO A 199 -3.85 4.71 32.28
CA PRO A 199 -3.21 3.53 31.68
C PRO A 199 -3.77 2.29 32.32
N VAL A 200 -4.31 1.37 31.53
CA VAL A 200 -4.90 0.15 32.07
C VAL A 200 -3.84 -0.93 32.16
N TRP A 201 -3.18 -0.96 33.30
CA TRP A 201 -1.99 -1.80 33.47
C TRP A 201 -2.33 -3.27 33.28
N SER A 202 -3.54 -3.67 33.68
CA SER A 202 -3.99 -5.08 33.51
C SER A 202 -4.01 -5.59 32.09
N GLY A 203 -4.11 -4.70 31.12
CA GLY A 203 -4.20 -5.11 29.74
C GLY A 203 -2.85 -5.08 29.01
N MET A 204 -1.82 -4.54 29.66
CA MET A 204 -0.49 -4.41 29.05
C MET A 204 0.17 -5.80 28.85
N ASN A 205 0.52 -6.11 27.61
CA ASN A 205 0.97 -7.45 27.26
C ASN A 205 1.78 -7.52 25.97
N VAL A 206 2.61 -8.54 25.89
CA VAL A 206 3.26 -8.96 24.67
C VAL A 206 2.89 -10.45 24.48
N ALA A 207 2.46 -10.78 23.28
CA ALA A 207 2.01 -12.14 22.92
C ALA A 207 1.04 -12.77 23.95
N GLY A 208 0.15 -11.93 24.48
CA GLY A 208 -0.87 -12.35 25.44
C GLY A 208 -0.32 -12.58 26.83
N VAL A 209 0.96 -12.28 27.07
CA VAL A 209 1.58 -12.42 28.39
C VAL A 209 1.39 -11.13 29.20
N SER A 210 0.61 -11.21 30.26
CA SER A 210 0.26 -10.05 31.02
C SER A 210 1.47 -9.58 31.78
N LEU A 211 1.91 -8.36 31.49
CA LEU A 211 3.07 -7.80 32.18
C LEU A 211 2.79 -7.57 33.67
N LYS A 212 1.54 -7.23 33.97
CA LYS A 212 1.14 -7.00 35.36
C LYS A 212 1.23 -8.29 36.18
N THR A 213 0.88 -9.41 35.57
CA THR A 213 1.00 -10.71 36.19
C THR A 213 2.44 -11.10 36.33
N LEU A 214 3.23 -10.83 35.32
CA LEU A 214 4.68 -11.13 35.39
C LEU A 214 5.39 -10.23 36.38
N HIS A 215 4.92 -8.99 36.52
CA HIS A 215 5.60 -7.96 37.32
C HIS A 215 4.53 -7.20 38.14
N PRO A 216 4.18 -7.72 39.32
CA PRO A 216 3.01 -7.19 40.01
C PRO A 216 3.07 -5.73 40.47
N ASP A 217 4.27 -5.20 40.60
CA ASP A 217 4.49 -3.77 40.87
C ASP A 217 4.22 -2.84 39.69
N LEU A 218 4.03 -3.43 38.49
CA LEU A 218 3.79 -2.67 37.26
C LEU A 218 2.80 -1.54 37.48
N GLY A 219 3.27 -0.32 37.29
CA GLY A 219 2.40 0.84 37.32
C GLY A 219 2.13 1.42 38.70
N THR A 220 2.85 0.93 39.72
CA THR A 220 2.77 1.50 41.06
C THR A 220 4.01 2.34 41.34
N ASP A 221 3.91 3.21 42.35
CA ASP A 221 5.00 4.05 42.82
C ASP A 221 6.26 3.26 43.22
N LYS A 222 6.06 2.09 43.80
CA LYS A 222 7.16 1.33 44.38
C LYS A 222 7.94 0.48 43.37
N ASP A 223 7.39 0.30 42.18
CA ASP A 223 8.05 -0.41 41.07
C ASP A 223 9.53 0.00 40.86
N LYS A 224 10.43 -0.96 41.03
CA LYS A 224 11.85 -0.72 40.86
C LYS A 224 12.13 -0.22 39.45
N GLU A 225 11.33 -0.65 38.48
CA GLU A 225 11.60 -0.28 37.10
C GLU A 225 10.80 0.94 36.65
N GLN A 226 9.98 1.45 37.54
CA GLN A 226 9.24 2.67 37.36
C GLN A 226 8.51 2.65 36.01
N TRP A 227 7.81 1.55 35.73
CA TRP A 227 6.94 1.49 34.54
C TRP A 227 5.89 2.60 34.48
N LYS A 228 5.46 3.12 35.62
CA LYS A 228 4.57 4.29 35.66
C LYS A 228 5.15 5.54 34.93
N GLU A 229 6.47 5.66 34.89
CA GLU A 229 7.14 6.71 34.11
C GLU A 229 6.75 6.71 32.60
N VAL A 230 6.43 5.54 32.07
CA VAL A 230 6.02 5.40 30.70
C VAL A 230 4.72 6.17 30.46
N HIS A 231 3.73 5.94 31.29
CA HIS A 231 2.51 6.75 31.23
C HIS A 231 2.78 8.21 31.49
N LYS A 232 3.64 8.56 32.45
CA LYS A 232 3.93 9.99 32.68
C LYS A 232 4.51 10.60 31.39
N GLN A 233 5.33 9.85 30.69
CA GLN A 233 5.96 10.36 29.47
C GLN A 233 4.87 10.52 28.38
N VAL A 234 3.85 9.68 28.36
CA VAL A 234 2.77 9.84 27.38
C VAL A 234 2.09 11.19 27.64
N VAL A 235 1.86 11.49 28.89
CA VAL A 235 1.17 12.75 29.26
C VAL A 235 2.03 13.95 28.90
N GLU A 236 3.34 13.84 29.15
CA GLU A 236 4.28 14.93 29.07
C GLU A 236 4.95 15.06 27.70
N SER A 237 4.83 14.02 26.90
CA SER A 237 5.37 13.96 25.54
CA SER A 237 5.45 14.00 25.58
C SER A 237 4.89 15.13 24.72
N ALA A 238 3.59 15.40 24.81
CA ALA A 238 2.96 16.48 24.08
C ALA A 238 3.51 17.84 24.46
N TYR A 239 3.66 18.00 25.78
CA TYR A 239 4.17 19.24 26.32
C TYR A 239 5.52 19.47 25.74
N GLU A 240 6.34 18.43 25.74
CA GLU A 240 7.70 18.57 25.26
C GLU A 240 7.73 18.91 23.78
N VAL A 241 6.89 18.25 22.99
CA VAL A 241 6.86 18.55 21.55
C VAL A 241 6.40 20.00 21.30
N ILE A 242 5.38 20.41 22.02
CA ILE A 242 4.90 21.77 21.92
C ILE A 242 5.98 22.82 22.24
N LYS A 243 6.67 22.63 23.36
CA LYS A 243 7.78 23.48 23.75
C LYS A 243 8.93 23.46 22.70
N LEU A 244 9.20 22.32 22.05
CA LEU A 244 10.31 22.20 21.07
C LEU A 244 9.97 22.72 19.66
N LYS A 245 8.81 22.34 19.11
CA LYS A 245 8.47 22.72 17.75
C LYS A 245 7.28 23.64 17.68
N GLY A 246 6.61 23.89 18.80
CA GLY A 246 5.51 24.86 18.82
C GLY A 246 4.10 24.26 18.86
N TYR A 247 3.94 23.01 18.44
CA TYR A 247 2.64 22.36 18.30
C TYR A 247 2.94 20.86 18.01
N THR A 248 1.93 20.00 18.12
CA THR A 248 2.07 18.64 17.57
C THR A 248 1.20 18.53 16.28
N SER A 249 1.64 17.70 15.34
CA SER A 249 0.85 17.50 14.12
C SER A 249 0.94 16.09 13.58
N TRP A 250 2.13 15.57 13.36
CA TRP A 250 2.22 14.31 12.60
C TRP A 250 1.58 13.14 13.26
N ALA A 251 1.79 12.97 14.56
CA ALA A 251 1.26 11.76 15.26
C ALA A 251 -0.28 11.80 15.29
N ILE A 252 -0.83 12.99 15.48
CA ILE A 252 -2.28 13.16 15.49
C ILE A 252 -2.81 12.81 14.12
N GLY A 253 -2.12 13.28 13.07
CA GLY A 253 -2.55 12.97 11.70
C GLY A 253 -2.65 11.49 11.38
N LEU A 254 -1.63 10.74 11.79
CA LEU A 254 -1.55 9.31 11.60
C LEU A 254 -2.57 8.61 12.46
N SER A 255 -2.80 9.09 13.71
CA SER A 255 -3.84 8.55 14.55
C SER A 255 -5.22 8.70 13.90
N VAL A 256 -5.49 9.88 13.41
CA VAL A 256 -6.78 10.17 12.76
C VAL A 256 -7.01 9.34 11.49
N ALA A 257 -5.97 9.19 10.71
CA ALA A 257 -6.06 8.41 9.48
C ALA A 257 -6.29 6.91 9.84
N ASP A 258 -5.75 6.46 10.98
CA ASP A 258 -6.00 5.09 11.50
C ASP A 258 -7.51 4.91 11.82
N LEU A 259 -8.08 5.89 12.50
CA LEU A 259 -9.51 5.92 12.77
C LEU A 259 -10.34 5.98 11.49
N ALA A 260 -9.93 6.84 10.57
CA ALA A 260 -10.62 6.99 9.29
C ALA A 260 -10.57 5.68 8.50
N GLU A 261 -9.46 4.93 8.61
CA GLU A 261 -9.33 3.69 7.91
C GLU A 261 -10.41 2.66 8.35
N SER A 262 -10.56 2.50 9.67
CA SER A 262 -11.54 1.59 10.17
C SER A 262 -12.98 2.02 9.80
N ILE A 263 -13.27 3.31 9.86
CA ILE A 263 -14.60 3.82 9.52
C ILE A 263 -14.89 3.64 8.04
N MET A 264 -13.96 4.06 7.19
CA MET A 264 -14.17 4.08 5.76
C MET A 264 -14.19 2.68 5.18
N LYS A 265 -13.42 1.79 5.76
CA LYS A 265 -13.34 0.42 5.26
C LYS A 265 -14.21 -0.59 6.02
N ASN A 266 -15.00 -0.07 6.95
CA ASN A 266 -15.87 -0.91 7.81
C ASN A 266 -15.16 -2.09 8.45
N LEU A 267 -14.01 -1.80 9.07
CA LEU A 267 -13.13 -2.86 9.54
C LEU A 267 -13.65 -3.48 10.87
N ARG A 268 -14.29 -2.69 11.71
CA ARG A 268 -14.71 -3.16 13.06
C ARG A 268 -13.47 -3.56 13.84
N ARG A 269 -12.43 -2.76 13.68
CA ARG A 269 -11.34 -2.78 14.64
C ARG A 269 -11.75 -2.01 15.87
N VAL A 270 -11.06 -2.29 16.96
CA VAL A 270 -11.33 -1.64 18.23
C VAL A 270 -10.34 -0.49 18.44
N HIS A 271 -10.85 0.70 18.75
CA HIS A 271 -9.98 1.86 19.08
C HIS A 271 -10.46 2.57 20.35
N PRO A 272 -9.56 3.15 21.12
CA PRO A 272 -9.96 3.92 22.26
C PRO A 272 -10.22 5.35 21.88
N VAL A 273 -11.49 5.62 21.53
CA VAL A 273 -11.91 6.91 21.09
C VAL A 273 -12.94 7.44 22.08
N SER A 274 -13.21 8.73 22.00
CA SER A 274 -14.10 9.35 22.90
CA SER A 274 -14.15 9.44 22.86
C SER A 274 -15.58 9.15 22.45
N THR A 275 -16.37 8.61 23.36
CA THR A 275 -17.76 8.33 23.14
C THR A 275 -18.57 8.65 24.40
N MET A 276 -19.85 8.83 24.19
CA MET A 276 -20.74 9.29 25.25
C MET A 276 -20.95 8.11 26.18
N ILE A 277 -20.40 8.22 27.37
CA ILE A 277 -20.27 7.13 28.29
C ILE A 277 -21.26 7.11 29.48
N LYS A 278 -22.21 8.02 29.52
CA LYS A 278 -23.24 7.96 30.58
C LYS A 278 -23.81 6.55 30.64
N GLY A 279 -23.91 5.96 31.82
CA GLY A 279 -24.34 4.55 31.87
C GLY A 279 -23.23 3.58 32.26
N LEU A 280 -21.98 3.79 31.81
CA LEU A 280 -20.83 2.97 32.28
C LEU A 280 -20.06 3.59 33.44
N TYR A 281 -19.50 2.72 34.25
CA TYR A 281 -18.56 3.07 35.30
C TYR A 281 -19.07 3.93 36.41
N GLY A 282 -20.38 4.00 36.56
CA GLY A 282 -20.96 4.86 37.59
C GLY A 282 -20.93 6.30 37.14
N ILE A 283 -20.73 6.48 35.84
CA ILE A 283 -20.80 7.80 35.24
C ILE A 283 -22.26 8.09 34.92
N LYS A 284 -22.72 9.25 35.38
CA LYS A 284 -24.11 9.66 35.35
C LYS A 284 -24.37 10.98 34.64
N ASP A 285 -23.34 11.60 34.06
CA ASP A 285 -23.49 12.77 33.21
C ASP A 285 -23.15 12.47 31.75
N ASP A 286 -23.57 13.40 30.90
CA ASP A 286 -23.41 13.36 29.46
C ASP A 286 -21.99 13.82 29.17
N VAL A 287 -21.05 12.91 29.29
CA VAL A 287 -19.65 13.21 28.97
C VAL A 287 -19.06 12.16 28.01
N PHE A 288 -18.04 12.57 27.31
CA PHE A 288 -17.37 11.73 26.39
C PHE A 288 -16.00 11.41 26.94
N LEU A 289 -15.70 10.12 27.04
CA LEU A 289 -14.41 9.62 27.48
C LEU A 289 -14.04 8.47 26.61
N SER A 290 -12.73 8.18 26.50
CA SER A 290 -12.31 7.06 25.69
C SER A 290 -12.48 5.69 26.39
N VAL A 291 -13.17 4.82 25.70
CA VAL A 291 -13.20 3.39 26.00
C VAL A 291 -12.97 2.70 24.66
N PRO A 292 -12.60 1.42 24.66
CA PRO A 292 -12.35 0.73 23.40
C PRO A 292 -13.70 0.54 22.65
N CYS A 293 -13.79 1.11 21.43
CA CYS A 293 -15.00 1.13 20.65
C CYS A 293 -14.75 0.37 19.36
N ILE A 294 -15.73 -0.39 18.91
CA ILE A 294 -15.67 -1.02 17.58
C ILE A 294 -16.12 0.04 16.57
N LEU A 295 -15.25 0.34 15.60
CA LEU A 295 -15.49 1.37 14.63
C LEU A 295 -15.69 0.80 13.24
N GLY A 296 -16.72 1.29 12.55
CA GLY A 296 -16.99 0.84 11.23
C GLY A 296 -17.82 1.84 10.49
N GLN A 297 -18.55 1.38 9.49
CA GLN A 297 -19.24 2.26 8.56
C GLN A 297 -20.35 3.10 9.23
N ASN A 298 -20.89 2.64 10.35
CA ASN A 298 -21.86 3.42 11.12
C ASN A 298 -21.27 4.14 12.33
N GLY A 299 -19.94 4.35 12.34
CA GLY A 299 -19.27 4.93 13.48
C GLY A 299 -19.01 3.91 14.59
N ILE A 300 -19.35 4.27 15.81
CA ILE A 300 -19.25 3.38 16.95
C ILE A 300 -20.50 2.50 17.03
N SER A 301 -20.33 1.20 16.77
CA SER A 301 -21.45 0.25 16.81
C SER A 301 -21.53 -0.51 18.15
N ASP A 302 -20.40 -0.63 18.82
CA ASP A 302 -20.28 -1.43 20.02
C ASP A 302 -19.12 -0.91 20.84
N LEU A 303 -19.16 -1.14 22.13
CA LEU A 303 -17.98 -0.90 22.91
C LEU A 303 -17.64 -2.00 23.83
N VAL A 304 -16.36 -2.07 24.13
CA VAL A 304 -15.83 -3.08 25.00
C VAL A 304 -15.91 -2.62 26.45
N LYS A 305 -16.40 -3.50 27.29
CA LYS A 305 -16.51 -3.22 28.69
C LYS A 305 -15.25 -3.73 29.37
N VAL A 306 -14.32 -2.84 29.56
CA VAL A 306 -13.07 -3.15 30.17
C VAL A 306 -13.30 -3.29 31.69
N THR A 307 -12.70 -4.31 32.31
CA THR A 307 -12.76 -4.48 33.77
C THR A 307 -11.73 -3.56 34.32
N LEU A 308 -12.16 -2.62 35.15
CA LEU A 308 -11.30 -1.60 35.68
C LEU A 308 -11.17 -1.84 37.19
N THR A 309 -10.01 -1.54 37.76
CA THR A 309 -9.87 -1.53 39.21
C THR A 309 -10.63 -0.35 39.81
N SER A 310 -10.85 -0.43 41.12
CA SER A 310 -11.41 0.67 41.89
C SER A 310 -10.73 1.97 41.61
N GLU A 311 -9.41 1.99 41.57
CA GLU A 311 -8.69 3.24 41.33
C GLU A 311 -8.92 3.75 39.87
N GLU A 312 -8.90 2.84 38.91
CA GLU A 312 -9.15 3.18 37.50
C GLU A 312 -10.53 3.79 37.34
N GLU A 313 -11.54 3.16 37.95
CA GLU A 313 -12.91 3.65 37.94
C GLU A 313 -13.00 5.03 38.58
N ALA A 314 -12.39 5.20 39.75
CA ALA A 314 -12.39 6.51 40.39
C ALA A 314 -11.80 7.60 39.50
N ARG A 315 -10.71 7.29 38.82
CA ARG A 315 -10.08 8.28 37.98
C ARG A 315 -11.01 8.61 36.78
N LEU A 316 -11.67 7.65 36.19
CA LEU A 316 -12.68 7.96 35.17
C LEU A 316 -13.82 8.87 35.68
N LYS A 317 -14.34 8.56 36.87
CA LYS A 317 -15.40 9.39 37.50
C LYS A 317 -14.94 10.80 37.75
N LYS A 318 -13.71 10.96 38.23
CA LYS A 318 -13.17 12.30 38.50
C LYS A 318 -13.12 13.10 37.21
N SER A 319 -12.69 12.47 36.13
CA SER A 319 -12.65 13.15 34.85
C SER A 319 -14.03 13.56 34.42
N ALA A 320 -14.96 12.64 34.60
CA ALA A 320 -16.34 12.91 34.17
C ALA A 320 -16.91 14.12 34.95
N ASP A 321 -16.71 14.12 36.25
CA ASP A 321 -17.11 15.27 37.09
C ASP A 321 -16.49 16.58 36.67
N THR A 322 -15.21 16.55 36.35
CA THR A 322 -14.48 17.71 35.87
C THR A 322 -14.96 18.18 34.50
N LEU A 323 -15.15 17.26 33.57
CA LEU A 323 -15.68 17.64 32.27
C LEU A 323 -17.11 18.22 32.44
N TRP A 324 -17.92 17.52 33.21
CA TRP A 324 -19.30 17.96 33.39
C TRP A 324 -19.32 19.31 34.06
N GLY A 325 -18.39 19.53 34.98
CA GLY A 325 -18.30 20.83 35.64
C GLY A 325 -18.06 21.99 34.70
N ILE A 326 -17.32 21.77 33.59
CA ILE A 326 -17.18 22.81 32.57
C ILE A 326 -18.42 22.87 31.65
N GLN A 327 -18.84 21.71 31.16
CA GLN A 327 -19.99 21.63 30.22
C GLN A 327 -21.27 22.25 30.73
N LYS A 328 -21.57 22.01 32.00
CA LYS A 328 -22.76 22.57 32.59
C LYS A 328 -22.76 24.10 32.60
N GLU A 329 -21.60 24.73 32.46
CA GLU A 329 -21.55 26.20 32.41
C GLU A 329 -21.60 26.76 31.00
N LEU A 330 -21.60 25.90 29.97
CA LEU A 330 -21.52 26.44 28.62
C LEU A 330 -22.87 27.04 28.19
N GLN A 331 -22.78 28.09 27.36
CA GLN A 331 -23.92 28.74 26.74
C GLN A 331 -24.00 28.30 25.31
N PHE A 332 -25.05 27.53 25.02
CA PHE A 332 -25.33 27.07 23.67
C PHE A 332 -26.33 27.97 22.92
N ALA B 2 16.58 -10.54 37.67
CA ALA B 2 15.90 -10.43 36.36
C ALA B 2 14.98 -9.21 36.32
N THR B 3 15.13 -8.39 35.28
CA THR B 3 14.18 -7.33 34.99
C THR B 3 12.93 -7.90 34.32
N LEU B 4 11.89 -7.08 34.21
CA LEU B 4 10.68 -7.48 33.49
C LEU B 4 11.03 -7.92 32.05
N LYS B 5 11.84 -7.13 31.37
CA LYS B 5 12.30 -7.48 30.02
C LYS B 5 12.97 -8.84 29.96
N ASP B 6 13.89 -9.11 30.92
CA ASP B 6 14.62 -10.40 30.95
C ASP B 6 13.70 -11.57 31.34
N GLN B 7 12.67 -11.31 32.14
CA GLN B 7 11.65 -12.35 32.44
C GLN B 7 10.78 -12.61 31.24
N LEU B 8 10.51 -11.57 30.46
CA LEU B 8 9.58 -11.71 29.34
C LEU B 8 10.28 -12.28 28.11
N ILE B 9 11.52 -11.91 27.92
CA ILE B 9 12.22 -12.15 26.66
C ILE B 9 13.60 -12.80 26.87
N TYR B 10 13.78 -13.96 26.25
CA TYR B 10 15.10 -14.60 26.14
C TYR B 10 15.81 -14.15 24.88
N ASN B 11 16.95 -13.53 25.06
CA ASN B 11 17.70 -12.96 23.97
C ASN B 11 18.61 -14.03 23.37
N LEU B 12 18.49 -14.27 22.05
CA LEU B 12 19.47 -15.10 21.29
C LEU B 12 20.61 -14.29 20.75
N LEU B 13 20.26 -13.26 19.99
CA LEU B 13 21.24 -12.53 19.24
C LEU B 13 21.62 -11.28 19.92
N LYS B 14 22.92 -11.15 20.19
CA LYS B 14 23.51 -10.00 20.87
C LYS B 14 23.97 -8.89 19.90
N GLN B 17 23.15 -4.84 13.77
CA GLN B 17 23.41 -4.81 12.32
C GLN B 17 23.04 -3.46 11.75
N THR B 18 23.81 -2.93 10.83
CA THR B 18 23.42 -1.69 10.23
C THR B 18 21.96 -1.82 9.68
N PRO B 19 21.28 -0.68 9.52
CA PRO B 19 20.05 -0.69 8.73
C PRO B 19 20.37 -1.05 7.29
N GLN B 20 19.43 -1.68 6.62
CA GLN B 20 19.61 -2.07 5.22
C GLN B 20 19.11 -1.01 4.22
N ASN B 21 18.27 -0.10 4.68
CA ASN B 21 17.57 0.84 3.83
C ASN B 21 17.41 2.17 4.52
N LYS B 22 18.51 2.73 4.99
CA LYS B 22 18.42 3.94 5.77
C LYS B 22 18.34 5.15 4.85
N ILE B 23 17.48 6.09 5.22
CA ILE B 23 17.37 7.34 4.48
C ILE B 23 17.57 8.48 5.49
N THR B 24 18.30 9.53 5.11
CA THR B 24 18.43 10.73 5.93
C THR B 24 17.75 11.89 5.20
N VAL B 25 17.03 12.72 5.96
CA VAL B 25 16.54 13.97 5.48
C VAL B 25 17.31 15.07 6.23
N VAL B 26 17.97 15.92 5.46
CA VAL B 26 18.72 17.06 6.02
C VAL B 26 17.80 18.26 5.85
N GLY B 27 17.48 18.93 6.95
CA GLY B 27 16.61 20.09 6.92
C GLY B 27 15.22 19.65 7.40
N VAL B 28 14.72 20.26 8.48
CA VAL B 28 13.39 19.95 9.01
C VAL B 28 12.44 21.12 8.93
N GLY B 29 12.63 21.93 7.92
CA GLY B 29 11.62 22.87 7.49
C GLY B 29 10.43 22.13 6.90
N ALA B 30 9.49 22.88 6.36
CA ALA B 30 8.28 22.30 5.81
C ALA B 30 8.56 21.29 4.68
N VAL B 31 9.52 21.61 3.83
CA VAL B 31 9.91 20.72 2.73
C VAL B 31 10.51 19.43 3.27
N GLY B 32 11.51 19.56 4.14
CA GLY B 32 12.09 18.41 4.80
C GLY B 32 11.06 17.50 5.43
N MET B 33 10.15 18.03 6.22
CA MET B 33 9.21 17.20 6.91
C MET B 33 8.15 16.59 6.01
N ALA B 34 7.78 17.29 4.92
CA ALA B 34 6.91 16.67 3.90
C ALA B 34 7.58 15.49 3.18
N CYS B 35 8.87 15.63 2.83
CA CYS B 35 9.68 14.53 2.33
C CYS B 35 9.67 13.35 3.33
N ALA B 36 9.90 13.67 4.61
CA ALA B 36 9.93 12.65 5.66
C ALA B 36 8.62 11.90 5.80
N ILE B 37 7.49 12.59 5.87
CA ILE B 37 6.26 11.89 6.11
C ILE B 37 5.91 11.06 4.88
N SER B 38 6.20 11.61 3.71
CA SER B 38 5.91 10.92 2.44
C SER B 38 6.73 9.64 2.30
N ILE B 39 8.01 9.72 2.65
CA ILE B 39 8.88 8.55 2.65
C ILE B 39 8.42 7.52 3.69
N LEU B 40 8.12 8.01 4.88
CA LEU B 40 7.56 7.09 5.93
C LEU B 40 6.28 6.40 5.50
N MET B 41 5.38 7.09 4.81
CA MET B 41 4.11 6.48 4.46
CA MET B 41 4.08 6.55 4.41
C MET B 41 4.19 5.55 3.24
N LYS B 42 5.34 5.60 2.57
CA LYS B 42 5.64 4.76 1.43
C LYS B 42 6.50 3.55 1.77
N ASP B 43 6.83 3.38 3.05
CA ASP B 43 7.58 2.21 3.53
C ASP B 43 8.90 1.99 2.75
N LEU B 44 9.65 3.06 2.54
CA LEU B 44 10.89 2.99 1.79
C LEU B 44 12.13 2.78 2.65
N ALA B 45 11.99 2.97 3.96
CA ALA B 45 13.16 2.95 4.82
C ALA B 45 12.96 2.12 6.08
N ASP B 46 14.02 1.45 6.53
CA ASP B 46 14.03 0.80 7.84
C ASP B 46 14.56 1.69 8.98
N GLU B 47 15.18 2.80 8.60
CA GLU B 47 15.64 3.79 9.53
C GLU B 47 15.56 5.13 8.82
N LEU B 48 15.06 6.11 9.55
CA LEU B 48 15.02 7.50 9.12
C LEU B 48 15.79 8.38 10.07
N ALA B 49 16.74 9.13 9.53
CA ALA B 49 17.45 10.14 10.31
C ALA B 49 17.16 11.54 9.83
N LEU B 50 16.99 12.45 10.79
CA LEU B 50 16.79 13.87 10.53
C LEU B 50 17.94 14.68 11.06
N VAL B 51 18.46 15.63 10.26
CA VAL B 51 19.54 16.50 10.71
C VAL B 51 19.19 17.94 10.43
N ASP B 52 19.46 18.83 11.38
CA ASP B 52 19.35 20.26 11.09
C ASP B 52 20.15 21.02 12.16
N VAL B 53 20.26 22.33 12.01
CA VAL B 53 21.07 23.17 12.95
C VAL B 53 20.18 23.68 14.10
N ILE B 54 18.87 23.68 13.94
CA ILE B 54 18.00 24.17 15.02
C ILE B 54 17.55 23.04 15.94
N GLU B 55 18.22 22.90 17.08
CA GLU B 55 18.11 21.68 17.86
C GLU B 55 16.74 21.39 18.44
N ASP B 56 16.03 22.41 18.90
CA ASP B 56 14.73 22.21 19.52
CA ASP B 56 14.74 22.18 19.53
C ASP B 56 13.71 21.72 18.50
N LYS B 57 13.60 22.46 17.41
CA LYS B 57 12.69 22.16 16.34
C LYS B 57 12.95 20.72 15.81
N LEU B 58 14.23 20.37 15.68
CA LEU B 58 14.65 19.06 15.19
C LEU B 58 14.16 17.95 16.11
N LYS B 59 14.43 18.11 17.41
CA LYS B 59 14.03 17.15 18.37
C LYS B 59 12.50 16.95 18.39
N GLY B 60 11.77 18.07 18.32
CA GLY B 60 10.32 18.09 18.36
C GLY B 60 9.72 17.35 17.18
N GLU B 61 10.32 17.54 16.00
CA GLU B 61 9.88 16.88 14.79
C GLU B 61 10.14 15.41 14.89
N MET B 62 11.34 15.04 15.32
CA MET B 62 11.65 13.64 15.53
C MET B 62 10.64 12.95 16.47
N MET B 63 10.40 13.55 17.65
CA MET B 63 9.51 12.96 18.63
C MET B 63 8.08 12.80 18.07
N ASP B 64 7.64 13.80 17.32
CA ASP B 64 6.28 13.78 16.76
C ASP B 64 6.15 12.59 15.79
N LEU B 65 7.09 12.42 14.87
CA LEU B 65 7.11 11.21 14.03
C LEU B 65 7.18 9.93 14.83
N GLN B 66 8.09 9.87 15.82
CA GLN B 66 8.18 8.68 16.64
C GLN B 66 6.85 8.27 17.27
N HIS B 67 6.10 9.26 17.75
CA HIS B 67 4.80 8.99 18.38
C HIS B 67 3.82 8.36 17.44
N GLY B 68 4.02 8.52 16.14
CA GLY B 68 3.19 7.82 15.16
C GLY B 68 3.71 6.49 14.68
N SER B 69 4.76 5.97 15.35
CA SER B 69 5.45 4.75 14.93
C SER B 69 4.52 3.56 14.75
N LEU B 70 3.53 3.48 15.61
CA LEU B 70 2.59 2.38 15.58
C LEU B 70 1.93 2.23 14.21
N PHE B 71 1.75 3.37 13.54
CA PHE B 71 1.05 3.46 12.27
C PHE B 71 1.99 3.43 11.08
N LEU B 72 3.26 3.22 11.31
CA LEU B 72 4.30 3.20 10.28
C LEU B 72 5.04 1.85 10.26
N ARG B 73 5.87 1.64 9.24
CA ARG B 73 6.67 0.41 9.18
C ARG B 73 8.18 0.75 9.05
N THR B 74 8.59 1.75 9.83
CA THR B 74 9.97 2.23 9.86
C THR B 74 10.33 2.23 11.32
N PRO B 75 11.06 1.21 11.77
CA PRO B 75 11.19 0.93 13.20
C PRO B 75 12.18 1.81 13.99
N LYS B 76 12.97 2.63 13.30
CA LYS B 76 13.90 3.52 13.99
C LYS B 76 13.88 4.87 13.34
N ILE B 77 13.64 5.88 14.16
CA ILE B 77 13.70 7.28 13.71
C ILE B 77 14.64 7.97 14.66
N VAL B 78 15.67 8.62 14.12
CA VAL B 78 16.68 9.32 14.94
C VAL B 78 16.86 10.76 14.42
N SER B 79 17.51 11.59 15.24
CA SER B 79 17.86 12.94 14.85
C SER B 79 19.03 13.50 15.68
N GLY B 80 19.65 14.54 15.12
CA GLY B 80 20.73 15.25 15.82
C GLY B 80 21.38 16.29 14.91
N LYS B 81 22.04 17.28 15.52
CA LYS B 81 22.70 18.32 14.78
C LYS B 81 23.99 17.73 14.24
N ASP B 82 24.47 16.68 14.87
CA ASP B 82 25.73 16.04 14.47
C ASP B 82 25.47 15.01 13.38
N TYR B 83 26.27 15.01 12.32
CA TYR B 83 26.00 14.18 11.15
C TYR B 83 26.26 12.70 11.43
N ASN B 84 26.78 12.38 12.61
CA ASN B 84 27.00 10.97 12.92
C ASN B 84 25.69 10.21 12.96
N VAL B 85 24.57 10.89 13.22
CA VAL B 85 23.28 10.20 13.17
C VAL B 85 22.88 9.76 11.78
N THR B 86 23.59 10.23 10.75
CA THR B 86 23.24 9.92 9.36
C THR B 86 24.07 8.77 8.80
N ALA B 87 25.05 8.29 9.58
CA ALA B 87 25.91 7.22 9.16
C ALA B 87 25.17 6.09 8.45
N ASN B 88 25.75 5.63 7.36
CA ASN B 88 25.32 4.40 6.64
C ASN B 88 24.01 4.55 5.86
N SER B 89 23.67 5.77 5.49
CA SER B 89 22.44 6.03 4.69
C SER B 89 22.61 5.52 3.28
N LYS B 90 21.59 4.91 2.72
CA LYS B 90 21.60 4.63 1.28
C LYS B 90 21.27 5.88 0.47
N LEU B 91 20.42 6.72 1.02
CA LEU B 91 19.98 7.91 0.34
C LEU B 91 19.96 9.06 1.33
N VAL B 92 20.54 10.16 0.92
CA VAL B 92 20.53 11.40 1.71
C VAL B 92 19.88 12.51 0.91
N ILE B 93 18.77 13.04 1.45
CA ILE B 93 17.90 13.98 0.78
C ILE B 93 18.22 15.35 1.40
N ILE B 94 18.66 16.30 0.60
CA ILE B 94 19.09 17.58 1.19
C ILE B 94 18.06 18.62 0.90
N THR B 95 17.40 19.10 1.94
CA THR B 95 16.33 20.10 1.78
C THR B 95 16.65 21.42 2.51
N ALA B 96 17.75 21.45 3.22
CA ALA B 96 18.11 22.56 4.07
C ALA B 96 18.49 23.80 3.29
N GLY B 97 18.43 24.95 3.98
CA GLY B 97 18.90 26.19 3.39
C GLY B 97 17.82 27.21 3.31
N ALA B 98 18.14 28.37 2.74
CA ALA B 98 17.13 29.38 2.52
C ALA B 98 16.07 28.96 1.48
N ARG B 99 14.84 29.41 1.62
CA ARG B 99 13.82 29.16 0.61
C ARG B 99 13.29 30.49 0.14
N GLN B 100 12.58 30.47 -1.00
CA GLN B 100 12.02 31.63 -1.67
C GLN B 100 11.03 32.33 -0.78
N GLN B 101 11.08 33.66 -0.72
CA GLN B 101 10.06 34.49 -0.12
C GLN B 101 9.11 34.84 -1.26
N GLU B 102 7.96 35.40 -0.94
CA GLU B 102 7.02 35.86 -1.97
C GLU B 102 7.68 36.73 -3.03
N GLY B 103 7.47 36.33 -4.28
CA GLY B 103 7.98 37.04 -5.42
C GLY B 103 9.47 36.82 -5.69
N GLU B 104 10.16 36.00 -4.91
CA GLU B 104 11.64 35.92 -5.03
C GLU B 104 11.99 34.78 -5.99
N SER B 105 12.94 35.01 -6.91
CA SER B 105 13.50 33.93 -7.74
C SER B 105 14.25 32.90 -6.93
N ARG B 106 14.12 31.64 -7.29
CA ARG B 106 14.95 30.61 -6.69
C ARG B 106 16.44 30.90 -6.92
N LEU B 107 16.77 31.57 -8.02
CA LEU B 107 18.16 31.92 -8.33
C LEU B 107 18.74 32.93 -7.36
N ASN B 108 17.86 33.66 -6.66
CA ASN B 108 18.31 34.60 -5.62
C ASN B 108 18.84 33.90 -4.36
N LEU B 109 18.73 32.58 -4.31
CA LEU B 109 19.13 31.82 -3.15
C LEU B 109 20.53 31.26 -3.23
N VAL B 110 21.20 31.47 -4.35
CA VAL B 110 22.47 30.79 -4.65
C VAL B 110 23.58 31.02 -3.59
N GLN B 111 23.88 32.27 -3.26
CA GLN B 111 25.04 32.52 -2.42
C GLN B 111 24.81 31.85 -1.08
N ARG B 112 23.64 32.10 -0.50
CA ARG B 112 23.31 31.52 0.78
C ARG B 112 23.44 29.99 0.77
N ASN B 113 22.83 29.38 -0.22
CA ASN B 113 22.76 27.92 -0.15
C ASN B 113 24.02 27.26 -0.59
N VAL B 114 24.82 27.91 -1.42
CA VAL B 114 26.14 27.37 -1.72
C VAL B 114 26.94 27.37 -0.41
N ASN B 115 26.89 28.45 0.34
CA ASN B 115 27.66 28.52 1.61
C ASN B 115 27.23 27.44 2.63
N ILE B 116 25.93 27.17 2.76
CA ILE B 116 25.44 26.10 3.61
C ILE B 116 25.89 24.73 3.05
N PHE B 117 25.91 24.57 1.72
CA PHE B 117 26.33 23.30 1.13
C PHE B 117 27.78 23.03 1.41
N LYS B 118 28.59 24.08 1.54
CA LYS B 118 30.01 23.92 1.89
C LYS B 118 30.21 23.22 3.24
N PHE B 119 29.27 23.41 4.18
CA PHE B 119 29.21 22.73 5.47
C PHE B 119 28.52 21.38 5.39
N ILE B 120 27.34 21.36 4.79
CA ILE B 120 26.53 20.17 4.73
C ILE B 120 27.20 19.04 3.94
N ILE B 121 27.64 19.30 2.72
CA ILE B 121 28.01 18.16 1.84
C ILE B 121 29.24 17.37 2.38
N PRO B 122 30.30 18.04 2.87
CA PRO B 122 31.40 17.24 3.42
C PRO B 122 30.97 16.41 4.61
N ASN B 123 30.06 16.92 5.43
CA ASN B 123 29.57 16.15 6.54
C ASN B 123 28.75 14.91 6.14
N VAL B 124 27.87 15.07 5.16
CA VAL B 124 27.07 13.95 4.65
C VAL B 124 28.01 12.84 4.13
N VAL B 125 28.93 13.24 3.26
CA VAL B 125 29.84 12.37 2.53
C VAL B 125 30.75 11.61 3.52
N LYS B 126 31.13 12.27 4.59
CA LYS B 126 31.96 11.67 5.61
C LYS B 126 31.26 10.49 6.28
N TYR B 127 29.98 10.61 6.61
CA TYR B 127 29.28 9.55 7.31
C TYR B 127 28.55 8.53 6.40
N SER B 128 28.30 8.88 5.14
CA SER B 128 27.69 7.94 4.18
C SER B 128 28.38 8.04 2.83
N PRO B 129 29.59 7.47 2.74
CA PRO B 129 30.40 7.64 1.54
C PRO B 129 29.83 6.91 0.32
N ASN B 130 28.92 5.97 0.52
CA ASN B 130 28.30 5.31 -0.63
C ASN B 130 26.84 5.72 -0.93
N CYS B 131 26.29 6.72 -0.25
CA CYS B 131 24.91 7.15 -0.50
C CYS B 131 24.76 7.73 -1.90
N LYS B 132 23.51 7.80 -2.31
CA LYS B 132 23.09 8.63 -3.40
C LYS B 132 22.65 9.91 -2.66
N LEU B 133 22.98 11.03 -3.25
CA LEU B 133 22.59 12.32 -2.74
C LEU B 133 21.41 12.78 -3.57
N LEU B 134 20.32 13.21 -2.94
CA LEU B 134 19.17 13.71 -3.66
C LEU B 134 18.99 15.14 -3.18
N ILE B 135 19.27 16.09 -4.06
CA ILE B 135 19.24 17.51 -3.71
C ILE B 135 17.87 18.07 -3.99
N VAL B 136 17.30 18.77 -3.01
CA VAL B 136 15.97 19.38 -3.13
C VAL B 136 15.99 20.89 -2.92
N SER B 137 16.98 21.36 -2.16
CA SER B 137 17.18 22.78 -1.88
C SER B 137 17.33 23.55 -3.18
N ASN B 138 16.94 24.82 -3.17
CA ASN B 138 16.96 25.63 -4.34
C ASN B 138 18.09 26.62 -4.41
N PRO B 139 18.53 26.96 -5.63
CA PRO B 139 18.06 26.49 -6.95
C PRO B 139 18.68 25.15 -7.24
N VAL B 140 17.79 24.19 -7.45
CA VAL B 140 18.15 22.82 -7.34
C VAL B 140 19.19 22.36 -8.37
N ASP B 141 19.13 22.90 -9.57
CA ASP B 141 20.04 22.48 -10.62
C ASP B 141 21.48 22.92 -10.28
N ILE B 142 21.60 24.20 -9.88
CA ILE B 142 22.88 24.75 -9.44
C ILE B 142 23.40 23.99 -8.23
N LEU B 143 22.54 23.73 -7.25
CA LEU B 143 23.02 23.05 -6.01
C LEU B 143 23.38 21.59 -6.25
N THR B 144 22.79 20.97 -7.28
CA THR B 144 23.18 19.65 -7.66
C THR B 144 24.62 19.65 -8.21
N TYR B 145 24.93 20.59 -9.13
CA TYR B 145 26.32 20.80 -9.58
C TYR B 145 27.27 21.01 -8.37
N VAL B 146 26.85 21.86 -7.41
CA VAL B 146 27.67 22.19 -6.27
C VAL B 146 27.90 20.97 -5.42
N ALA B 147 26.85 20.19 -5.20
CA ALA B 147 26.98 19.02 -4.35
C ALA B 147 27.91 18.02 -5.03
N TRP B 148 27.81 17.90 -6.34
CA TRP B 148 28.66 17.00 -7.09
C TRP B 148 30.13 17.43 -6.94
N LYS B 149 30.40 18.71 -7.15
CA LYS B 149 31.77 19.22 -7.05
C LYS B 149 32.31 19.10 -5.64
N ILE B 150 31.52 19.38 -4.61
CA ILE B 150 32.04 19.29 -3.22
C ILE B 150 32.21 17.85 -2.77
N SER B 151 31.25 17.01 -3.11
CA SER B 151 31.25 15.63 -2.61
C SER B 151 32.41 14.77 -3.12
N GLY B 152 32.84 15.01 -4.33
CA GLY B 152 33.75 14.05 -5.02
C GLY B 152 33.08 12.76 -5.54
N PHE B 153 31.75 12.65 -5.40
CA PHE B 153 31.00 11.49 -5.94
C PHE B 153 31.01 11.42 -7.47
N PRO B 154 30.91 10.18 -8.04
CA PRO B 154 30.64 10.13 -9.44
C PRO B 154 29.22 10.71 -9.67
N LYS B 155 28.98 11.25 -10.84
CA LYS B 155 27.79 12.03 -11.03
C LYS B 155 26.49 11.20 -11.04
N ASN B 156 26.58 9.89 -11.24
CA ASN B 156 25.38 9.04 -11.11
C ASN B 156 24.77 9.10 -9.73
N ARG B 157 25.59 9.39 -8.72
CA ARG B 157 25.13 9.40 -7.36
C ARG B 157 24.75 10.78 -6.80
N VAL B 158 24.65 11.78 -7.64
CA VAL B 158 24.25 13.11 -7.27
C VAL B 158 23.09 13.57 -8.14
N ILE B 159 21.90 13.59 -7.56
CA ILE B 159 20.69 13.72 -8.32
C ILE B 159 19.91 14.90 -7.79
N GLY B 160 19.43 15.75 -8.67
CA GLY B 160 18.55 16.81 -8.19
C GLY B 160 17.10 16.53 -8.43
N SER B 161 16.23 16.93 -7.49
CA SER B 161 14.81 16.71 -7.71
C SER B 161 14.29 17.31 -9.03
N GLY B 162 14.90 18.40 -9.47
CA GLY B 162 14.71 18.97 -10.77
C GLY B 162 13.26 19.21 -11.18
N CYS B 163 12.92 18.73 -12.38
CA CYS B 163 11.61 18.96 -12.94
C CYS B 163 10.62 17.82 -12.77
N ASN B 164 10.91 16.87 -11.88
CA ASN B 164 9.95 15.84 -11.55
C ASN B 164 8.62 16.49 -11.10
N LEU B 165 8.72 17.51 -10.24
CA LEU B 165 7.55 18.29 -9.78
C LEU B 165 6.90 19.15 -10.91
N ASP B 166 7.72 19.84 -11.72
CA ASP B 166 7.18 20.69 -12.80
C ASP B 166 6.41 19.85 -13.77
N SER B 167 6.91 18.65 -14.03
CA SER B 167 6.23 17.72 -14.88
C SER B 167 4.94 17.17 -14.26
N ALA B 168 4.97 16.85 -12.99
CA ALA B 168 3.77 16.50 -12.27
C ALA B 168 2.68 17.60 -12.28
N ARG B 169 3.07 18.85 -12.09
CA ARG B 169 2.14 19.99 -12.21
C ARG B 169 1.56 20.12 -13.60
N PHE B 170 2.42 19.94 -14.57
CA PHE B 170 2.05 20.02 -15.97
C PHE B 170 1.02 18.97 -16.29
N ARG B 171 1.21 17.75 -15.83
CA ARG B 171 0.31 16.66 -16.10
C ARG B 171 -1.00 16.83 -15.35
N TYR B 172 -0.91 17.37 -14.14
CA TYR B 172 -2.14 17.73 -13.39
C TYR B 172 -3.06 18.70 -14.22
N LEU B 173 -2.44 19.74 -14.76
CA LEU B 173 -3.17 20.82 -15.44
C LEU B 173 -3.69 20.32 -16.80
N MET B 174 -2.86 19.52 -17.47
CA MET B 174 -3.25 18.86 -18.68
C MET B 174 -4.49 17.97 -18.42
N GLY B 175 -4.39 17.16 -17.38
CA GLY B 175 -5.49 16.31 -16.92
C GLY B 175 -6.78 17.07 -16.65
N GLU B 176 -6.67 18.21 -16.01
CA GLU B 176 -7.85 19.05 -15.77
C GLU B 176 -8.48 19.54 -17.08
N ARG B 177 -7.69 19.87 -18.07
CA ARG B 177 -8.21 20.34 -19.33
C ARG B 177 -8.83 19.22 -20.14
N LEU B 178 -8.29 18.02 -20.03
CA LEU B 178 -8.75 16.92 -20.82
C LEU B 178 -9.75 16.02 -20.13
N GLY B 179 -9.82 16.08 -18.81
CA GLY B 179 -10.73 15.24 -18.06
C GLY B 179 -10.18 13.83 -17.86
N VAL B 180 -8.87 13.72 -17.67
CA VAL B 180 -8.19 12.44 -17.58
C VAL B 180 -7.22 12.54 -16.42
N HIS B 181 -7.07 11.46 -15.68
CA HIS B 181 -6.15 11.43 -14.57
C HIS B 181 -4.72 11.76 -15.04
N PRO B 182 -3.94 12.53 -14.28
CA PRO B 182 -2.55 12.80 -14.65
C PRO B 182 -1.71 11.61 -14.98
N LEU B 183 -1.97 10.46 -14.37
CA LEU B 183 -1.28 9.21 -14.73
C LEU B 183 -1.45 8.81 -16.18
N SER B 184 -2.53 9.27 -16.82
CA SER B 184 -2.72 8.96 -18.23
C SER B 184 -2.51 10.14 -19.16
N CYS B 185 -2.02 11.28 -18.64
CA CYS B 185 -1.68 12.43 -19.43
C CYS B 185 -0.17 12.62 -19.41
N HIS B 186 0.50 12.37 -20.52
CA HIS B 186 1.95 12.35 -20.52
C HIS B 186 2.50 13.62 -21.14
N GLY B 187 3.46 14.21 -20.46
CA GLY B 187 4.15 15.39 -20.95
C GLY B 187 5.28 15.74 -20.03
N TRP B 188 6.35 16.25 -20.60
CA TRP B 188 7.60 16.39 -19.90
C TRP B 188 7.96 17.86 -19.82
N VAL B 189 8.41 18.31 -18.65
CA VAL B 189 8.98 19.66 -18.54
C VAL B 189 10.43 19.49 -18.19
N LEU B 190 11.32 20.09 -18.99
CA LEU B 190 12.77 19.86 -18.82
C LEU B 190 13.52 21.14 -18.55
N GLY B 191 14.81 21.07 -18.28
CA GLY B 191 15.58 22.28 -18.12
C GLY B 191 15.59 22.70 -16.65
N GLU B 192 15.65 24.00 -16.42
CA GLU B 192 15.68 24.57 -15.06
C GLU B 192 14.38 24.28 -14.33
N HIS B 193 14.48 23.85 -13.09
CA HIS B 193 13.35 23.89 -12.16
C HIS B 193 13.15 25.36 -11.73
N GLY B 194 12.42 26.09 -12.53
CA GLY B 194 12.32 27.53 -12.36
C GLY B 194 11.81 28.16 -13.62
N ASP B 195 12.10 29.44 -13.78
CA ASP B 195 11.42 30.26 -14.78
C ASP B 195 11.76 29.93 -16.23
N SER B 196 12.92 29.33 -16.47
CA SER B 196 13.31 29.00 -17.82
C SER B 196 13.01 27.50 -18.20
N SER B 197 12.19 26.78 -17.45
CA SER B 197 11.82 25.40 -17.78
C SER B 197 11.22 25.31 -19.22
N VAL B 198 11.28 24.12 -19.80
CA VAL B 198 10.91 23.92 -21.18
C VAL B 198 9.83 22.85 -21.28
N PRO B 199 8.62 23.23 -21.71
CA PRO B 199 7.61 22.17 -21.99
C PRO B 199 7.87 21.48 -23.32
N VAL B 200 7.92 20.15 -23.33
CA VAL B 200 8.20 19.44 -24.55
C VAL B 200 6.87 19.09 -25.21
N TRP B 201 6.30 20.08 -25.87
CA TRP B 201 5.02 19.96 -26.55
C TRP B 201 5.02 18.74 -27.50
N SER B 202 6.12 18.53 -28.20
CA SER B 202 6.18 17.51 -29.20
C SER B 202 6.07 16.11 -28.62
N GLY B 203 6.22 15.97 -27.32
CA GLY B 203 6.09 14.66 -26.71
C GLY B 203 4.81 14.41 -25.94
N MET B 204 3.95 15.42 -25.85
CA MET B 204 2.74 15.25 -25.05
C MET B 204 1.75 14.32 -25.71
N ASN B 205 1.15 13.41 -24.93
CA ASN B 205 0.28 12.44 -25.51
C ASN B 205 -0.64 11.86 -24.47
N VAL B 206 -1.74 11.28 -24.93
CA VAL B 206 -2.61 10.44 -24.12
C VAL B 206 -2.72 9.15 -24.94
N ALA B 207 -2.51 8.03 -24.27
CA ALA B 207 -2.50 6.73 -24.90
C ALA B 207 -1.67 6.62 -26.18
N GLY B 208 -0.55 7.31 -26.17
CA GLY B 208 0.38 7.33 -27.28
C GLY B 208 -0.09 8.13 -28.48
N VAL B 209 -1.18 8.90 -28.35
CA VAL B 209 -1.64 9.77 -29.43
C VAL B 209 -1.01 11.16 -29.21
N SER B 210 -0.23 11.59 -30.19
CA SER B 210 0.51 12.84 -30.11
C SER B 210 -0.49 14.01 -30.17
N LEU B 211 -0.47 14.84 -29.16
CA LEU B 211 -1.35 16.01 -29.12
C LEU B 211 -0.93 17.07 -30.13
N LYS B 212 0.37 17.23 -30.34
CA LYS B 212 0.84 18.17 -31.34
C LYS B 212 0.50 17.71 -32.76
N THR B 213 0.41 16.41 -33.03
CA THR B 213 -0.02 15.95 -34.37
C THR B 213 -1.49 16.30 -34.59
N LEU B 214 -2.30 16.08 -33.57
CA LEU B 214 -3.69 16.46 -33.60
C LEU B 214 -3.92 17.94 -33.69
N HIS B 215 -3.05 18.71 -33.06
CA HIS B 215 -3.25 20.13 -32.89
C HIS B 215 -1.91 20.86 -33.17
N PRO B 216 -1.61 21.14 -34.46
CA PRO B 216 -0.29 21.63 -34.82
C PRO B 216 0.13 22.90 -34.15
N ASP B 217 -0.82 23.73 -33.73
CA ASP B 217 -0.48 25.01 -33.11
C ASP B 217 -0.17 24.85 -31.61
N LEU B 218 -0.26 23.64 -31.10
CA LEU B 218 -0.05 23.38 -29.65
C LEU B 218 1.22 24.02 -29.14
N GLY B 219 1.13 24.84 -28.11
CA GLY B 219 2.30 25.45 -27.54
C GLY B 219 2.80 26.72 -28.25
N THR B 220 2.06 27.19 -29.24
CA THR B 220 2.50 28.38 -29.96
C THR B 220 1.67 29.56 -29.50
N ASP B 221 2.13 30.75 -29.85
CA ASP B 221 1.36 31.94 -29.53
C ASP B 221 0.08 32.01 -30.34
N LYS B 222 0.06 31.40 -31.52
CA LYS B 222 -1.10 31.41 -32.41
C LYS B 222 -2.20 30.43 -31.94
N ASP B 223 -1.91 29.60 -30.95
CA ASP B 223 -2.84 28.56 -30.51
C ASP B 223 -4.17 29.16 -30.00
N LYS B 224 -5.29 28.87 -30.63
CA LYS B 224 -6.59 29.37 -30.18
C LYS B 224 -7.01 28.86 -28.80
N GLU B 225 -6.51 27.71 -28.38
CA GLU B 225 -6.76 27.22 -27.03
C GLU B 225 -5.70 27.69 -25.99
N GLN B 226 -4.67 28.35 -26.45
CA GLN B 226 -3.64 28.93 -25.53
C GLN B 226 -3.07 27.92 -24.52
N TRP B 227 -2.64 26.80 -25.06
CA TRP B 227 -1.98 25.82 -24.24
C TRP B 227 -0.71 26.28 -23.59
N LYS B 228 0.01 27.23 -24.20
CA LYS B 228 1.17 27.82 -23.48
C LYS B 228 0.85 28.27 -22.06
N GLU B 229 -0.40 28.67 -21.83
CA GLU B 229 -0.83 29.13 -20.51
C GLU B 229 -0.68 28.01 -19.46
N VAL B 230 -0.76 26.76 -19.87
CA VAL B 230 -0.57 25.64 -18.96
C VAL B 230 0.88 25.69 -18.48
N HIS B 231 1.82 25.92 -19.39
CA HIS B 231 3.18 25.96 -18.97
C HIS B 231 3.43 27.24 -18.13
N LYS B 232 2.78 28.36 -18.48
CA LYS B 232 2.91 29.58 -17.69
C LYS B 232 2.45 29.27 -16.27
N GLN B 233 1.33 28.56 -16.13
CA GLN B 233 0.87 28.21 -14.79
C GLN B 233 1.83 27.29 -14.05
N VAL B 234 2.48 26.38 -14.77
CA VAL B 234 3.54 25.57 -14.16
C VAL B 234 4.70 26.46 -13.61
N VAL B 235 5.21 27.35 -14.44
CA VAL B 235 6.20 28.30 -14.01
C VAL B 235 5.79 29.07 -12.74
N GLU B 236 4.55 29.53 -12.73
CA GLU B 236 4.04 30.42 -11.70
C GLU B 236 3.58 29.71 -10.42
N SER B 237 3.42 28.37 -10.48
CA SER B 237 2.80 27.62 -9.42
CA SER B 237 2.84 27.58 -9.40
C SER B 237 3.43 27.87 -8.06
N ALA B 238 4.74 27.74 -7.92
CA ALA B 238 5.34 27.90 -6.61
C ALA B 238 5.10 29.33 -6.11
N TYR B 239 5.26 30.30 -6.99
CA TYR B 239 5.02 31.69 -6.59
C TYR B 239 3.58 31.88 -6.07
N GLU B 240 2.60 31.34 -6.78
CA GLU B 240 1.22 31.50 -6.36
C GLU B 240 0.99 30.81 -5.02
N VAL B 241 1.49 29.59 -4.86
CA VAL B 241 1.30 28.87 -3.58
C VAL B 241 1.99 29.59 -2.41
N ILE B 242 3.22 30.06 -2.64
CA ILE B 242 3.89 30.83 -1.64
C ILE B 242 3.09 32.08 -1.27
N LYS B 243 2.57 32.82 -2.24
CA LYS B 243 1.77 34.02 -1.94
C LYS B 243 0.56 33.62 -1.07
N LEU B 244 -0.01 32.44 -1.34
CA LEU B 244 -1.21 32.00 -0.65
C LEU B 244 -0.99 31.42 0.73
N LYS B 245 -0.07 30.49 0.91
CA LYS B 245 0.18 29.83 2.21
C LYS B 245 1.56 30.08 2.80
N GLY B 246 2.43 30.83 2.11
CA GLY B 246 3.76 31.17 2.63
C GLY B 246 4.96 30.35 2.17
N TYR B 247 4.71 29.16 1.63
CA TYR B 247 5.73 28.21 1.24
C TYR B 247 5.00 27.08 0.45
N THR B 248 5.76 26.21 -0.20
CA THR B 248 5.23 24.98 -0.70
C THR B 248 5.84 23.82 0.05
N SER B 249 5.11 22.70 0.14
CA SER B 249 5.62 21.55 0.86
C SER B 249 5.09 20.22 0.33
N TRP B 250 3.78 20.07 0.20
CA TRP B 250 3.21 18.73 -0.03
C TRP B 250 3.64 18.16 -1.40
N ALA B 251 3.51 18.97 -2.45
CA ALA B 251 3.76 18.50 -3.80
C ALA B 251 5.23 18.10 -3.94
N ILE B 252 6.10 18.93 -3.43
CA ILE B 252 7.54 18.59 -3.50
C ILE B 252 7.87 17.37 -2.65
N GLY B 253 7.23 17.22 -1.47
CA GLY B 253 7.43 16.04 -0.65
C GLY B 253 7.07 14.75 -1.41
N LEU B 254 5.94 14.79 -2.10
CA LEU B 254 5.44 13.66 -2.92
C LEU B 254 6.35 13.38 -4.10
N SER B 255 6.83 14.44 -4.75
CA SER B 255 7.76 14.27 -5.86
C SER B 255 9.08 13.64 -5.41
N VAL B 256 9.60 14.09 -4.29
CA VAL B 256 10.86 13.55 -3.78
C VAL B 256 10.68 12.11 -3.36
N ALA B 257 9.55 11.76 -2.75
CA ALA B 257 9.31 10.36 -2.37
C ALA B 257 9.14 9.48 -3.63
N ASP B 258 8.52 10.01 -4.71
CA ASP B 258 8.48 9.33 -6.00
C ASP B 258 9.90 9.01 -6.50
N LEU B 259 10.79 10.00 -6.45
CA LEU B 259 12.19 9.74 -6.83
C LEU B 259 12.84 8.69 -5.89
N ALA B 260 12.63 8.85 -4.57
CA ALA B 260 13.20 7.92 -3.60
C ALA B 260 12.73 6.52 -3.85
N GLU B 261 11.49 6.36 -4.26
CA GLU B 261 10.96 5.04 -4.48
C GLU B 261 11.72 4.31 -5.62
N SER B 262 11.99 5.01 -6.71
CA SER B 262 12.69 4.46 -7.85
C SER B 262 14.10 4.09 -7.48
N ILE B 263 14.73 4.96 -6.68
CA ILE B 263 16.09 4.70 -6.20
C ILE B 263 16.19 3.50 -5.28
N MET B 264 15.41 3.54 -4.23
CA MET B 264 15.47 2.55 -3.17
C MET B 264 14.99 1.17 -3.65
N LYS B 265 14.00 1.13 -4.54
CA LYS B 265 13.50 -0.16 -5.01
C LYS B 265 14.10 -0.58 -6.39
N ASN B 266 15.12 0.17 -6.83
CA ASN B 266 15.84 -0.12 -8.07
C ASN B 266 14.89 -0.27 -9.29
N LEU B 267 13.92 0.62 -9.41
CA LEU B 267 12.86 0.43 -10.38
C LEU B 267 13.29 0.68 -11.81
N ARG B 268 14.26 1.55 -12.03
CA ARG B 268 14.62 1.95 -13.39
C ARG B 268 13.42 2.56 -14.15
N ARG B 269 12.65 3.37 -13.44
CA ARG B 269 11.74 4.29 -14.05
C ARG B 269 12.51 5.53 -14.52
N VAL B 270 11.90 6.24 -15.45
CA VAL B 270 12.48 7.46 -16.03
C VAL B 270 11.88 8.68 -15.36
N HIS B 271 12.72 9.62 -14.94
CA HIS B 271 12.24 10.84 -14.33
C HIS B 271 13.06 12.01 -14.79
N PRO B 272 12.45 13.19 -14.88
CA PRO B 272 13.25 14.34 -15.25
C PRO B 272 13.91 14.96 -14.01
N VAL B 273 15.22 14.73 -13.87
CA VAL B 273 15.93 15.12 -12.69
C VAL B 273 17.22 15.86 -13.12
N SER B 274 17.81 16.62 -12.19
CA SER B 274 18.95 17.50 -12.53
C SER B 274 20.16 16.62 -12.64
N THR B 275 20.85 16.72 -13.75
CA THR B 275 22.08 16.01 -13.95
C THR B 275 22.92 16.78 -14.99
N MET B 276 24.15 16.34 -15.22
CA MET B 276 25.06 16.96 -16.17
C MET B 276 24.63 16.59 -17.57
N ILE B 277 24.42 17.57 -18.40
CA ILE B 277 23.96 17.30 -19.76
C ILE B 277 25.01 17.50 -20.84
N LYS B 278 26.23 17.85 -20.45
CA LYS B 278 27.36 17.90 -21.38
C LYS B 278 27.38 16.73 -22.36
N GLY B 279 27.51 17.02 -23.65
CA GLY B 279 27.42 15.98 -24.66
C GLY B 279 26.09 15.89 -25.40
N LEU B 280 25.00 16.44 -24.83
CA LEU B 280 23.71 16.44 -25.51
C LEU B 280 23.45 17.84 -26.07
N TYR B 281 22.75 17.88 -27.20
CA TYR B 281 22.31 19.14 -27.81
C TYR B 281 23.47 20.08 -28.10
N GLY B 282 24.64 19.52 -28.38
CA GLY B 282 25.87 20.30 -28.54
C GLY B 282 26.27 21.18 -27.37
N ILE B 283 25.85 20.85 -26.16
CA ILE B 283 26.30 21.56 -24.99
C ILE B 283 27.61 20.94 -24.49
N LYS B 284 28.59 21.78 -24.25
CA LYS B 284 29.93 21.35 -23.83
C LYS B 284 30.27 21.79 -22.40
N ASP B 285 29.43 22.62 -21.80
CA ASP B 285 29.63 23.09 -20.43
C ASP B 285 29.16 22.03 -19.40
N ASP B 286 29.67 22.11 -18.15
CA ASP B 286 29.32 21.10 -17.14
C ASP B 286 28.02 21.51 -16.47
N VAL B 287 27.07 22.00 -17.25
CA VAL B 287 25.80 22.51 -16.69
C VAL B 287 24.90 21.35 -16.25
N PHE B 288 24.27 21.53 -15.10
CA PHE B 288 23.27 20.59 -14.60
C PHE B 288 21.87 21.18 -14.83
N LEU B 289 20.98 20.37 -15.39
CA LEU B 289 19.56 20.70 -15.49
C LEU B 289 18.75 19.45 -15.74
N SER B 290 17.42 19.53 -15.78
CA SER B 290 16.64 18.31 -15.90
C SER B 290 16.55 17.76 -17.32
N VAL B 291 16.87 16.48 -17.44
CA VAL B 291 16.49 15.66 -18.59
C VAL B 291 16.02 14.30 -18.04
N PRO B 292 15.34 13.50 -18.89
CA PRO B 292 14.83 12.24 -18.40
C PRO B 292 15.98 11.28 -18.15
N CYS B 293 15.99 10.68 -16.96
CA CYS B 293 17.06 9.81 -16.55
C CYS B 293 16.49 8.52 -15.99
N ILE B 294 17.20 7.43 -16.22
CA ILE B 294 16.79 6.17 -15.62
C ILE B 294 17.34 6.17 -14.19
N LEU B 295 16.45 5.98 -13.21
CA LEU B 295 16.81 5.99 -11.81
C LEU B 295 16.67 4.65 -11.13
N GLY B 296 17.73 4.27 -10.43
CA GLY B 296 17.72 3.03 -9.70
C GLY B 296 18.69 3.02 -8.55
N GLN B 297 19.16 1.84 -8.21
CA GLN B 297 19.91 1.70 -6.98
C GLN B 297 21.30 2.31 -7.03
N ASN B 298 21.80 2.57 -8.24
CA ASN B 298 23.04 3.32 -8.39
C ASN B 298 22.81 4.79 -8.82
N GLY B 299 21.63 5.30 -8.56
CA GLY B 299 21.33 6.63 -8.95
C GLY B 299 20.92 6.67 -10.39
N ILE B 300 21.49 7.63 -11.10
CA ILE B 300 21.22 7.81 -12.53
C ILE B 300 22.13 6.91 -13.31
N SER B 301 21.57 5.94 -14.02
CA SER B 301 22.39 5.01 -14.75
C SER B 301 22.45 5.29 -16.23
N ASP B 302 21.53 6.12 -16.70
CA ASP B 302 21.39 6.39 -18.11
C ASP B 302 20.56 7.67 -18.28
N LEU B 303 20.78 8.34 -19.39
CA LEU B 303 19.99 9.50 -19.78
C LEU B 303 19.14 9.12 -20.99
N VAL B 304 17.89 9.61 -21.08
CA VAL B 304 17.12 9.46 -22.33
C VAL B 304 17.35 10.65 -23.21
N LYS B 305 17.73 10.41 -24.45
CA LYS B 305 18.00 11.46 -25.39
C LYS B 305 16.71 11.92 -26.08
N VAL B 306 16.10 12.96 -25.56
CA VAL B 306 14.86 13.45 -26.11
C VAL B 306 15.06 14.20 -27.41
N THR B 307 14.24 13.84 -28.38
CA THR B 307 14.16 14.43 -29.69
CA THR B 307 14.30 14.52 -29.68
C THR B 307 13.46 15.77 -29.56
N LEU B 308 14.13 16.91 -29.63
CA LEU B 308 13.42 18.17 -29.43
C LEU B 308 13.27 18.85 -30.77
N THR B 309 12.15 19.55 -30.98
CA THR B 309 12.02 20.49 -32.10
C THR B 309 13.08 21.58 -31.98
N SER B 310 13.33 22.28 -33.07
CA SER B 310 14.38 23.26 -32.99
C SER B 310 14.01 24.39 -32.02
N GLU B 311 12.73 24.70 -31.87
CA GLU B 311 12.25 25.69 -30.90
C GLU B 311 12.42 25.18 -29.44
N GLU B 312 12.05 23.92 -29.19
CA GLU B 312 12.28 23.29 -27.91
C GLU B 312 13.77 23.27 -27.55
N GLU B 313 14.61 22.90 -28.51
CA GLU B 313 16.01 22.81 -28.25
C GLU B 313 16.61 24.18 -27.94
N ALA B 314 16.20 25.16 -28.72
CA ALA B 314 16.66 26.53 -28.43
C ALA B 314 16.30 26.97 -26.99
N ARG B 315 15.06 26.68 -26.58
CA ARG B 315 14.61 26.99 -25.22
C ARG B 315 15.45 26.27 -24.16
N LEU B 316 15.78 25.02 -24.44
CA LEU B 316 16.58 24.26 -23.54
C LEU B 316 18.01 24.83 -23.47
N LYS B 317 18.54 25.26 -24.62
CA LYS B 317 19.81 25.90 -24.63
C LYS B 317 19.78 27.23 -23.85
N LYS B 318 18.69 28.01 -23.96
CA LYS B 318 18.59 29.23 -23.19
C LYS B 318 18.60 28.92 -21.69
N SER B 319 17.92 27.85 -21.32
CA SER B 319 17.87 27.43 -19.90
C SER B 319 19.29 27.09 -19.42
N ALA B 320 19.99 26.32 -20.22
CA ALA B 320 21.38 25.94 -19.93
C ALA B 320 22.33 27.15 -19.84
N ASP B 321 22.20 28.10 -20.75
CA ASP B 321 22.97 29.35 -20.69
C ASP B 321 22.70 30.13 -19.39
N THR B 322 21.43 30.31 -19.01
CA THR B 322 21.11 31.01 -17.73
C THR B 322 21.74 30.27 -16.57
N LEU B 323 21.56 28.95 -16.51
CA LEU B 323 22.13 28.19 -15.38
C LEU B 323 23.66 28.22 -15.39
N TRP B 324 24.24 28.04 -16.57
CA TRP B 324 25.71 27.99 -16.68
C TRP B 324 26.33 29.36 -16.32
N GLY B 325 25.70 30.45 -16.69
CA GLY B 325 26.21 31.78 -16.37
C GLY B 325 26.30 31.97 -14.85
N ILE B 326 25.48 31.24 -14.09
CA ILE B 326 25.58 31.24 -12.64
C ILE B 326 26.60 30.22 -12.15
N GLN B 327 26.48 28.99 -12.63
CA GLN B 327 27.30 27.88 -12.13
C GLN B 327 28.76 28.20 -12.43
N LYS B 328 29.04 28.79 -13.60
CA LYS B 328 30.45 28.96 -14.00
C LYS B 328 31.23 29.89 -13.07
N GLU B 329 30.53 30.79 -12.38
CA GLU B 329 31.18 31.81 -11.57
C GLU B 329 31.32 31.38 -10.10
N LEU B 330 30.81 30.20 -9.76
CA LEU B 330 30.85 29.78 -8.37
C LEU B 330 32.31 29.50 -7.97
N GLN B 331 32.65 29.79 -6.72
CA GLN B 331 34.03 29.52 -6.25
C GLN B 331 33.99 28.54 -5.08
N PHE B 332 34.82 27.49 -5.18
CA PHE B 332 34.79 26.36 -4.25
C PHE B 332 35.81 26.31 -3.12
N ALA C 2 23.31 3.60 -35.09
CA ALA C 2 23.54 2.72 -33.93
C ALA C 2 22.24 1.98 -33.64
N THR C 3 22.17 1.15 -32.61
CA THR C 3 20.90 0.44 -32.31
C THR C 3 19.84 1.43 -31.80
N LEU C 4 18.56 1.08 -31.93
CA LEU C 4 17.48 1.92 -31.38
C LEU C 4 17.76 2.27 -29.90
N LYS C 5 18.19 1.28 -29.16
CA LYS C 5 18.47 1.41 -27.75
C LYS C 5 19.57 2.43 -27.51
N ASP C 6 20.62 2.40 -28.33
CA ASP C 6 21.70 3.42 -28.19
C ASP C 6 21.29 4.77 -28.73
N GLN C 7 20.42 4.82 -29.72
CA GLN C 7 19.92 6.13 -30.15
C GLN C 7 19.01 6.77 -29.09
N LEU C 8 18.30 5.96 -28.32
CA LEU C 8 17.38 6.49 -27.36
C LEU C 8 18.06 6.83 -26.02
N ILE C 9 18.99 6.00 -25.60
CA ILE C 9 19.55 6.02 -24.24
C ILE C 9 21.09 6.22 -24.28
N TYR C 10 21.54 7.18 -23.48
CA TYR C 10 22.97 7.45 -23.26
C TYR C 10 23.36 6.80 -21.93
N ASN C 11 24.14 5.72 -22.02
CA ASN C 11 24.47 4.92 -20.84
C ASN C 11 25.62 5.54 -20.04
N LEU C 12 25.47 5.60 -18.73
CA LEU C 12 26.53 6.01 -17.83
C LEU C 12 27.14 4.84 -17.10
N LEU C 13 26.35 3.83 -16.71
CA LEU C 13 26.80 2.75 -15.84
C LEU C 13 26.57 1.36 -16.41
N LYS C 14 27.55 0.48 -16.18
CA LYS C 14 27.45 -1.00 -16.34
C LYS C 14 26.06 -1.61 -16.11
N THR C 18 24.15 -6.03 -8.11
CA THR C 18 23.91 -6.96 -7.01
C THR C 18 22.60 -6.65 -6.26
N PRO C 19 21.63 -7.59 -6.28
CA PRO C 19 20.35 -7.23 -5.74
C PRO C 19 20.47 -7.08 -4.22
N GLN C 20 19.71 -6.17 -3.66
CA GLN C 20 19.89 -5.77 -2.28
C GLN C 20 18.80 -6.28 -1.32
N ASN C 21 17.63 -6.68 -1.86
CA ASN C 21 16.48 -7.14 -1.06
C ASN C 21 15.85 -8.34 -1.74
N LYS C 22 16.64 -9.39 -1.96
CA LYS C 22 16.21 -10.45 -2.83
C LYS C 22 15.59 -11.57 -2.01
N ILE C 23 14.54 -12.16 -2.57
CA ILE C 23 13.89 -13.33 -1.98
C ILE C 23 13.85 -14.45 -2.99
N THR C 24 14.15 -15.63 -2.52
CA THR C 24 13.92 -16.85 -3.27
C THR C 24 12.79 -17.70 -2.68
N VAL C 25 11.95 -18.26 -3.57
CA VAL C 25 10.97 -19.26 -3.20
C VAL C 25 11.36 -20.57 -3.90
N VAL C 26 11.55 -21.60 -3.09
CA VAL C 26 11.89 -22.93 -3.59
C VAL C 26 10.61 -23.75 -3.59
N GLY C 27 10.20 -24.20 -4.77
CA GLY C 27 9.02 -25.01 -4.95
C GLY C 27 7.95 -24.11 -5.55
N VAL C 28 7.36 -24.51 -6.68
CA VAL C 28 6.35 -23.70 -7.34
C VAL C 28 5.00 -24.46 -7.47
N GLY C 29 4.70 -25.27 -6.46
CA GLY C 29 3.38 -25.79 -6.30
C GLY C 29 2.47 -24.67 -5.82
N ALA C 30 1.27 -25.06 -5.42
CA ALA C 30 0.29 -24.08 -5.00
C ALA C 30 0.82 -23.21 -3.83
N VAL C 31 1.51 -23.81 -2.86
CA VAL C 31 1.98 -23.06 -1.71
C VAL C 31 3.09 -22.07 -2.11
N GLY C 32 4.10 -22.54 -2.83
CA GLY C 32 5.16 -21.69 -3.35
C GLY C 32 4.64 -20.50 -4.14
N MET C 33 3.64 -20.72 -4.97
CA MET C 33 3.18 -19.64 -5.84
C MET C 33 2.32 -18.68 -5.06
N ALA C 34 1.57 -19.20 -4.09
CA ALA C 34 0.81 -18.32 -3.19
C ALA C 34 1.78 -17.40 -2.34
N CYS C 35 2.90 -17.95 -1.90
CA CYS C 35 3.95 -17.15 -1.23
C CYS C 35 4.51 -16.11 -2.17
N ALA C 36 4.82 -16.52 -3.40
CA ALA C 36 5.38 -15.60 -4.37
C ALA C 36 4.47 -14.46 -4.69
N ILE C 37 3.20 -14.77 -5.00
CA ILE C 37 2.31 -13.69 -5.34
C ILE C 37 2.07 -12.72 -4.14
N SER C 38 1.99 -13.25 -2.93
CA SER C 38 1.75 -12.44 -1.77
C SER C 38 2.97 -11.52 -1.49
N ILE C 39 4.17 -12.06 -1.63
CA ILE C 39 5.37 -11.28 -1.50
C ILE C 39 5.47 -10.17 -2.57
N LEU C 40 5.06 -10.50 -3.79
CA LEU C 40 5.12 -9.50 -4.87
C LEU C 40 4.16 -8.37 -4.62
N MET C 41 2.95 -8.71 -4.18
CA MET C 41 1.95 -7.71 -3.96
CA MET C 41 1.89 -7.76 -3.89
C MET C 41 2.16 -6.88 -2.68
N LYS C 42 3.10 -7.27 -1.83
CA LYS C 42 3.47 -6.48 -0.68
C LYS C 42 4.79 -5.72 -0.90
N ASP C 43 5.36 -5.81 -2.11
CA ASP C 43 6.55 -5.07 -2.46
C ASP C 43 7.71 -5.33 -1.47
N LEU C 44 7.94 -6.59 -1.08
CA LEU C 44 9.00 -6.87 -0.09
C LEU C 44 10.37 -7.10 -0.69
N ALA C 45 10.42 -7.33 -1.99
CA ALA C 45 11.67 -7.69 -2.63
C ALA C 45 11.97 -6.84 -3.88
N ASP C 46 13.26 -6.69 -4.17
CA ASP C 46 13.68 -6.05 -5.44
C ASP C 46 14.05 -7.09 -6.50
N GLU C 47 14.16 -8.35 -6.09
CA GLU C 47 14.37 -9.48 -6.99
C GLU C 47 13.72 -10.69 -6.36
N LEU C 48 12.98 -11.45 -7.16
CA LEU C 48 12.39 -12.70 -6.74
C LEU C 48 12.94 -13.80 -7.63
N ALA C 49 13.49 -14.84 -7.04
CA ALA C 49 13.86 -16.02 -7.74
C ALA C 49 12.99 -17.22 -7.37
N LEU C 50 12.66 -18.01 -8.38
CA LEU C 50 11.91 -19.22 -8.18
C LEU C 50 12.78 -20.43 -8.64
N VAL C 51 12.78 -21.49 -7.86
CA VAL C 51 13.54 -22.71 -8.17
C VAL C 51 12.68 -23.90 -7.90
N ASP C 52 12.67 -24.85 -8.82
CA ASP C 52 12.04 -26.15 -8.59
C ASP C 52 12.75 -27.14 -9.53
N VAL C 53 12.41 -28.41 -9.43
CA VAL C 53 12.95 -29.45 -10.36
C VAL C 53 12.14 -29.65 -11.61
N ILE C 54 10.91 -29.14 -11.65
CA ILE C 54 10.05 -29.37 -12.83
C ILE C 54 10.16 -28.15 -13.77
N GLU C 55 10.98 -28.27 -14.81
CA GLU C 55 11.45 -27.06 -15.50
C GLU C 55 10.37 -26.36 -16.31
N ASP C 56 9.45 -27.12 -16.90
CA ASP C 56 8.38 -26.52 -17.71
CA ASP C 56 8.43 -26.48 -17.71
C ASP C 56 7.48 -25.67 -16.82
N LYS C 57 6.98 -26.30 -15.78
CA LYS C 57 6.13 -25.64 -14.85
C LYS C 57 6.77 -24.38 -14.22
N LEU C 58 8.03 -24.52 -13.90
CA LEU C 58 8.81 -23.42 -13.35
C LEU C 58 8.88 -22.24 -14.30
N LYS C 59 9.24 -22.50 -15.55
CA LYS C 59 9.38 -21.44 -16.52
C LYS C 59 7.99 -20.77 -16.78
N GLY C 60 6.95 -21.57 -16.87
CA GLY C 60 5.59 -21.05 -17.10
C GLY C 60 5.13 -20.16 -15.97
N GLU C 61 5.42 -20.52 -14.73
CA GLU C 61 5.05 -19.69 -13.59
C GLU C 61 5.84 -18.39 -13.61
N MET C 62 7.17 -18.47 -13.83
CA MET C 62 7.96 -17.29 -13.95
C MET C 62 7.39 -16.35 -15.01
N MET C 63 7.08 -16.86 -16.20
CA MET C 63 6.62 -16.00 -17.26
C MET C 63 5.27 -15.32 -16.93
N ASP C 64 4.37 -16.06 -16.31
CA ASP C 64 3.03 -15.57 -15.96
C ASP C 64 3.19 -14.40 -14.97
N LEU C 65 4.08 -14.55 -13.99
CA LEU C 65 4.41 -13.45 -13.10
C LEU C 65 5.03 -12.28 -13.82
N GLN C 66 6.02 -12.53 -14.67
CA GLN C 66 6.68 -11.48 -15.45
C GLN C 66 5.70 -10.66 -16.29
N HIS C 67 4.72 -11.34 -16.85
CA HIS C 67 3.72 -10.66 -17.65
C HIS C 67 2.92 -9.67 -16.86
N GLY C 68 2.88 -9.86 -15.55
CA GLY C 68 2.28 -8.90 -14.64
C GLY C 68 3.16 -7.79 -14.08
N SER C 69 4.39 -7.67 -14.58
CA SER C 69 5.41 -6.77 -14.03
C SER C 69 5.00 -5.29 -13.99
N LEU C 70 4.30 -4.84 -15.02
CA LEU C 70 3.78 -3.49 -15.04
C LEU C 70 2.98 -3.17 -13.75
N PHE C 71 2.33 -4.16 -13.15
CA PHE C 71 1.45 -3.93 -12.04
C PHE C 71 2.15 -4.14 -10.68
N LEU C 72 3.44 -4.45 -10.71
CA LEU C 72 4.23 -4.80 -9.52
C LEU C 72 5.39 -3.82 -9.33
N ARG C 73 6.07 -3.90 -8.21
CA ARG C 73 7.25 -3.03 -8.01
C ARG C 73 8.47 -3.84 -7.65
N THR C 74 8.58 -5.01 -8.30
CA THR C 74 9.68 -5.96 -8.09
C THR C 74 10.27 -6.13 -9.47
N PRO C 75 11.37 -5.44 -9.74
CA PRO C 75 11.73 -5.29 -11.15
C PRO C 75 12.46 -6.49 -11.81
N LYS C 76 12.79 -7.50 -11.04
CA LYS C 76 13.45 -8.65 -11.62
C LYS C 76 12.88 -9.91 -11.03
N ILE C 77 12.38 -10.75 -11.91
CA ILE C 77 11.85 -12.05 -11.58
C ILE C 77 12.60 -13.08 -12.43
N VAL C 78 13.24 -14.04 -11.77
CA VAL C 78 14.06 -15.03 -12.44
C VAL C 78 13.71 -16.42 -11.96
N SER C 79 14.08 -17.43 -12.74
CA SER C 79 13.87 -18.82 -12.33
C SER C 79 14.85 -19.76 -13.00
N GLY C 80 14.99 -20.93 -12.40
CA GLY C 80 15.75 -22.01 -13.02
C GLY C 80 15.91 -23.20 -12.09
N LYS C 81 16.25 -24.35 -12.65
CA LYS C 81 16.53 -25.48 -11.79
C LYS C 81 17.90 -25.30 -11.13
N ASP C 82 18.77 -24.47 -11.69
CA ASP C 82 20.12 -24.29 -11.14
C ASP C 82 20.04 -23.21 -10.06
N TYR C 83 20.56 -23.53 -8.88
CA TYR C 83 20.53 -22.63 -7.73
C TYR C 83 21.37 -21.37 -7.87
N ASN C 84 22.17 -21.26 -8.94
CA ASN C 84 22.86 -20.00 -9.23
C ASN C 84 21.92 -18.82 -9.40
N VAL C 85 20.67 -19.09 -9.79
CA VAL C 85 19.66 -17.99 -9.88
C VAL C 85 19.27 -17.43 -8.49
N THR C 86 19.54 -18.14 -7.40
CA THR C 86 19.16 -17.72 -6.07
C THR C 86 20.27 -16.94 -5.36
N ALA C 87 21.37 -16.67 -6.05
CA ALA C 87 22.52 -15.99 -5.40
C ALA C 87 22.15 -14.69 -4.73
N ASN C 88 22.70 -14.53 -3.54
CA ASN C 88 22.57 -13.33 -2.73
C ASN C 88 21.16 -13.03 -2.25
N SER C 89 20.40 -14.07 -1.96
CA SER C 89 19.09 -13.89 -1.35
C SER C 89 19.23 -13.55 0.10
N LYS C 90 18.41 -12.61 0.57
CA LYS C 90 18.29 -12.33 2.01
C LYS C 90 17.44 -13.38 2.73
N LEU C 91 16.45 -13.90 2.04
CA LEU C 91 15.49 -14.79 2.61
C LEU C 91 15.19 -15.87 1.57
N VAL C 92 15.28 -17.12 1.97
CA VAL C 92 14.93 -18.25 1.10
C VAL C 92 13.82 -19.05 1.77
N ILE C 93 12.70 -19.18 1.07
CA ILE C 93 11.50 -19.77 1.59
C ILE C 93 11.34 -21.15 0.95
N ILE C 94 11.37 -22.21 1.76
CA ILE C 94 11.33 -23.55 1.24
C ILE C 94 9.95 -24.15 1.34
N THR C 95 9.35 -24.43 0.20
CA THR C 95 8.01 -25.02 0.15
C THR C 95 8.01 -26.38 -0.54
N ALA C 96 9.18 -26.82 -0.99
CA ALA C 96 9.25 -28.00 -1.77
C ALA C 96 9.32 -29.21 -0.83
N GLY C 97 9.06 -30.38 -1.40
CA GLY C 97 9.21 -31.63 -0.67
C GLY C 97 8.15 -32.61 -1.09
N ALA C 98 8.20 -33.81 -0.50
CA ALA C 98 7.17 -34.82 -0.76
C ALA C 98 5.95 -34.69 0.17
N ARG C 99 4.79 -35.03 -0.37
CA ARG C 99 3.56 -35.14 0.38
C ARG C 99 3.40 -36.60 0.84
N GLN C 100 2.72 -36.81 1.96
CA GLN C 100 2.55 -38.13 2.57
C GLN C 100 1.61 -38.94 1.73
N GLN C 101 2.01 -40.16 1.35
CA GLN C 101 1.18 -40.99 0.45
C GLN C 101 0.43 -42.05 1.22
N GLU C 102 -0.49 -42.71 0.54
CA GLU C 102 -1.20 -43.84 1.11
C GLU C 102 -0.24 -44.90 1.68
N GLY C 103 -0.54 -45.33 2.91
CA GLY C 103 0.27 -46.28 3.66
C GLY C 103 1.61 -45.76 4.18
N GLU C 104 1.92 -44.47 4.04
CA GLU C 104 3.28 -44.04 4.38
C GLU C 104 3.35 -43.58 5.82
N SER C 105 4.31 -44.05 6.55
CA SER C 105 4.54 -43.60 7.91
C SER C 105 5.08 -42.15 7.87
N ARG C 106 4.88 -41.45 8.97
CA ARG C 106 5.45 -40.14 9.14
C ARG C 106 6.95 -40.17 9.04
N LEU C 107 7.56 -41.14 9.73
CA LEU C 107 8.99 -41.32 9.68
C LEU C 107 9.47 -41.45 8.24
N ASN C 108 8.83 -42.31 7.44
CA ASN C 108 9.34 -42.51 6.06
C ASN C 108 9.12 -41.28 5.18
N LEU C 109 8.00 -40.60 5.41
CA LEU C 109 7.73 -39.37 4.70
C LEU C 109 8.84 -38.36 5.06
N VAL C 110 9.13 -38.23 6.34
CA VAL C 110 10.20 -37.31 6.74
C VAL C 110 11.54 -37.67 6.15
N GLN C 111 11.90 -38.95 6.18
CA GLN C 111 13.12 -39.37 5.55
C GLN C 111 13.17 -38.99 4.08
N ARG C 112 12.06 -39.13 3.40
CA ARG C 112 12.02 -38.80 1.98
C ARG C 112 12.31 -37.30 1.79
N ASN C 113 11.82 -36.51 2.71
CA ASN C 113 12.10 -35.08 2.68
C ASN C 113 13.53 -34.75 3.11
N VAL C 114 14.10 -35.57 3.99
CA VAL C 114 15.52 -35.44 4.32
C VAL C 114 16.32 -35.59 3.06
N ASN C 115 15.97 -36.59 2.27
CA ASN C 115 16.75 -36.88 1.06
C ASN C 115 16.63 -35.76 0.03
N ILE C 116 15.43 -35.16 -0.07
CA ILE C 116 15.23 -33.98 -0.90
C ILE C 116 16.00 -32.76 -0.36
N PHE C 117 15.90 -32.50 0.94
CA PHE C 117 16.60 -31.37 1.55
C PHE C 117 18.13 -31.48 1.47
N LYS C 118 18.68 -32.70 1.36
CA LYS C 118 20.11 -32.90 1.19
C LYS C 118 20.62 -32.40 -0.12
N PHE C 119 19.72 -32.19 -1.08
CA PHE C 119 20.04 -31.56 -2.33
C PHE C 119 19.77 -30.06 -2.27
N ILE C 120 18.56 -29.70 -1.85
CA ILE C 120 18.11 -28.32 -1.82
C ILE C 120 18.96 -27.43 -0.94
N ILE C 121 19.13 -27.85 0.29
CA ILE C 121 19.67 -26.98 1.28
C ILE C 121 21.18 -26.64 1.04
N PRO C 122 22.01 -27.63 0.72
CA PRO C 122 23.39 -27.21 0.46
C PRO C 122 23.52 -26.28 -0.76
N ASN C 123 22.64 -26.45 -1.73
CA ASN C 123 22.64 -25.58 -2.89
C ASN C 123 22.25 -24.16 -2.49
N VAL C 124 21.25 -24.05 -1.63
CA VAL C 124 20.81 -22.76 -1.12
C VAL C 124 21.96 -22.07 -0.40
N VAL C 125 22.56 -22.78 0.54
CA VAL C 125 23.66 -22.26 1.35
C VAL C 125 24.89 -21.84 0.50
N LYS C 126 25.20 -22.61 -0.53
CA LYS C 126 26.31 -22.27 -1.41
C LYS C 126 26.12 -20.88 -2.02
N TYR C 127 24.91 -20.59 -2.50
CA TYR C 127 24.74 -19.31 -3.21
C TYR C 127 24.30 -18.12 -2.34
N SER C 128 23.75 -18.40 -1.17
CA SER C 128 23.29 -17.37 -0.25
C SER C 128 23.69 -17.79 1.15
N PRO C 129 25.00 -17.80 1.42
CA PRO C 129 25.45 -18.30 2.72
C PRO C 129 24.99 -17.45 3.89
N ASN C 130 24.57 -16.21 3.70
CA ASN C 130 24.11 -15.42 4.83
C ASN C 130 22.58 -15.26 4.91
N CYS C 131 21.84 -16.03 4.12
CA CYS C 131 20.38 -15.93 4.13
C CYS C 131 19.77 -16.42 5.41
N LYS C 132 18.52 -16.03 5.59
CA LYS C 132 17.64 -16.65 6.55
C LYS C 132 16.84 -17.68 5.75
N LEU C 133 16.69 -18.88 6.31
CA LEU C 133 15.83 -19.92 5.78
C LEU C 133 14.49 -19.93 6.49
N LEU C 134 13.40 -19.98 5.72
CA LEU C 134 12.05 -20.07 6.25
C LEU C 134 11.44 -21.31 5.66
N ILE C 135 11.22 -22.29 6.51
CA ILE C 135 10.70 -23.59 6.10
C ILE C 135 9.20 -23.61 6.24
N VAL C 136 8.55 -23.88 5.12
CA VAL C 136 7.10 -23.92 5.02
C VAL C 136 6.61 -25.37 4.76
N SER C 137 7.46 -26.20 4.20
CA SER C 137 7.10 -27.62 3.94
C SER C 137 6.65 -28.39 5.19
N ASN C 138 5.67 -29.29 5.03
CA ASN C 138 5.13 -30.13 6.13
C ASN C 138 5.82 -31.50 6.30
N PRO C 139 5.96 -31.99 7.54
CA PRO C 139 5.59 -31.39 8.82
C PRO C 139 6.64 -30.37 9.21
N VAL C 140 6.20 -29.14 9.44
CA VAL C 140 7.12 -28.03 9.42
C VAL C 140 8.11 -28.06 10.57
N ASP C 141 7.67 -28.54 11.74
CA ASP C 141 8.56 -28.43 12.93
C ASP C 141 9.76 -29.36 12.76
N ILE C 142 9.48 -30.52 12.20
CA ILE C 142 10.53 -31.49 11.90
C ILE C 142 11.40 -31.10 10.73
N LEU C 143 10.82 -30.57 9.67
CA LEU C 143 11.63 -30.19 8.55
C LEU C 143 12.45 -28.93 8.82
N THR C 144 12.02 -28.10 9.76
CA THR C 144 12.85 -26.99 10.18
C THR C 144 14.13 -27.57 10.84
N TYR C 145 13.98 -28.56 11.71
CA TYR C 145 15.12 -29.23 12.31
C TYR C 145 16.03 -29.79 11.19
N VAL C 146 15.42 -30.45 10.22
CA VAL C 146 16.16 -31.03 9.11
C VAL C 146 17.01 -29.97 8.39
N ALA C 147 16.39 -28.83 8.11
CA ALA C 147 17.05 -27.75 7.39
C ALA C 147 18.20 -27.19 8.26
N TRP C 148 17.94 -27.07 9.55
CA TRP C 148 18.96 -26.58 10.46
C TRP C 148 20.20 -27.53 10.47
N LYS C 149 19.95 -28.81 10.63
CA LYS C 149 21.03 -29.81 10.63
C LYS C 149 21.83 -29.79 9.31
N ILE C 150 21.16 -29.78 8.17
CA ILE C 150 21.83 -29.86 6.89
C ILE C 150 22.58 -28.57 6.57
N SER C 151 22.00 -27.44 6.95
CA SER C 151 22.58 -26.14 6.61
C SER C 151 23.81 -25.77 7.39
N GLY C 152 23.87 -26.19 8.64
CA GLY C 152 24.90 -25.72 9.56
C GLY C 152 24.68 -24.29 10.01
N PHE C 153 23.49 -23.70 9.75
CA PHE C 153 23.24 -22.31 10.15
C PHE C 153 23.01 -22.22 11.65
N PRO C 154 23.27 -21.05 12.23
CA PRO C 154 22.88 -20.79 13.59
C PRO C 154 21.37 -20.73 13.74
N LYS C 155 20.90 -21.00 14.95
CA LYS C 155 19.47 -21.17 15.20
C LYS C 155 18.63 -19.98 14.72
N ASN C 156 19.20 -18.81 14.83
CA ASN C 156 18.44 -17.61 14.48
C ASN C 156 18.09 -17.50 13.02
N ARG C 157 18.80 -18.22 12.14
CA ARG C 157 18.54 -18.09 10.70
C ARG C 157 17.74 -19.23 10.11
N VAL C 158 17.19 -20.08 10.97
CA VAL C 158 16.40 -21.23 10.49
C VAL C 158 15.08 -21.20 11.20
N ILE C 159 14.05 -20.85 10.45
CA ILE C 159 12.75 -20.49 10.99
C ILE C 159 11.68 -21.35 10.30
N GLY C 160 10.77 -21.93 11.08
CA GLY C 160 9.64 -22.66 10.54
C GLY C 160 8.41 -21.76 10.56
N SER C 161 7.58 -21.87 9.51
CA SER C 161 6.37 -21.08 9.46
C SER C 161 5.49 -21.37 10.67
N GLY C 162 5.54 -22.59 11.18
CA GLY C 162 5.08 -22.88 12.53
C GLY C 162 3.62 -22.58 12.75
N CYS C 163 3.29 -21.90 13.85
CA CYS C 163 1.91 -21.59 14.20
C CYS C 163 1.42 -20.18 13.81
N ASN C 164 2.14 -19.48 12.95
CA ASN C 164 1.71 -18.18 12.55
C ASN C 164 0.33 -18.33 11.87
N LEU C 165 0.17 -19.36 11.06
CA LEU C 165 -1.13 -19.61 10.37
C LEU C 165 -2.23 -20.10 11.32
N ASP C 166 -1.88 -21.04 12.22
CA ASP C 166 -2.83 -21.55 13.23
C ASP C 166 -3.41 -20.41 14.04
N SER C 167 -2.54 -19.46 14.38
CA SER C 167 -2.90 -18.29 15.17
C SER C 167 -3.82 -17.36 14.38
N ALA C 168 -3.50 -17.12 13.13
CA ALA C 168 -4.36 -16.34 12.24
C ALA C 168 -5.74 -16.98 12.11
N ARG C 169 -5.78 -18.29 11.93
CA ARG C 169 -7.06 -19.02 11.85
C ARG C 169 -7.90 -18.89 13.12
N PHE C 170 -7.23 -19.05 14.24
CA PHE C 170 -7.85 -18.90 15.56
C PHE C 170 -8.45 -17.49 15.70
N ARG C 171 -7.71 -16.46 15.30
CA ARG C 171 -8.19 -15.10 15.45
C ARG C 171 -9.32 -14.81 14.47
N TYR C 172 -9.27 -15.41 13.28
CA TYR C 172 -10.41 -15.36 12.34
C TYR C 172 -11.70 -15.86 13.00
N LEU C 173 -11.62 -17.04 13.57
CA LEU C 173 -12.77 -17.72 14.22
C LEU C 173 -13.27 -16.99 15.47
N MET C 174 -12.32 -16.49 16.27
CA MET C 174 -12.63 -15.63 17.39
C MET C 174 -13.35 -14.36 16.96
N GLY C 175 -12.81 -13.68 15.95
CA GLY C 175 -13.45 -12.54 15.36
C GLY C 175 -14.87 -12.76 14.85
N GLU C 176 -15.07 -13.89 14.17
CA GLU C 176 -16.40 -14.29 13.70
CA GLU C 176 -16.40 -14.29 13.71
C GLU C 176 -17.35 -14.46 14.89
N ARG C 177 -16.90 -15.10 15.95
CA ARG C 177 -17.78 -15.26 17.08
C ARG C 177 -18.13 -13.95 17.77
N LEU C 178 -17.16 -13.03 17.88
CA LEU C 178 -17.35 -11.76 18.60
C LEU C 178 -17.83 -10.58 17.79
N GLY C 179 -17.76 -10.67 16.47
CA GLY C 179 -18.15 -9.56 15.63
C GLY C 179 -17.10 -8.45 15.68
N VAL C 180 -15.82 -8.82 15.78
CA VAL C 180 -14.73 -7.87 15.75
C VAL C 180 -13.71 -8.34 14.70
N HIS C 181 -13.02 -7.40 14.10
CA HIS C 181 -11.94 -7.77 13.17
C HIS C 181 -10.88 -8.60 13.87
N PRO C 182 -10.33 -9.59 13.17
CA PRO C 182 -9.25 -10.40 13.70
C PRO C 182 -8.05 -9.60 14.24
N LEU C 183 -7.74 -8.48 13.61
CA LEU C 183 -6.69 -7.58 14.08
C LEU C 183 -6.91 -7.13 15.53
N SER C 184 -8.15 -7.10 16.01
CA SER C 184 -8.45 -6.68 17.36
C SER C 184 -8.84 -7.86 18.29
N CYS C 185 -8.75 -9.10 17.80
CA CYS C 185 -9.02 -10.29 18.57
C CYS C 185 -7.71 -11.04 18.77
N HIS C 186 -7.18 -11.01 19.98
CA HIS C 186 -5.86 -11.54 20.23
C HIS C 186 -5.89 -12.89 20.87
N GLY C 187 -4.99 -13.75 20.42
CA GLY C 187 -4.94 -15.10 20.95
C GLY C 187 -3.81 -15.81 20.26
N TRP C 188 -3.16 -16.69 20.98
CA TRP C 188 -1.93 -17.32 20.52
C TRP C 188 -2.06 -18.86 20.55
N VAL C 189 -1.73 -19.46 19.41
CA VAL C 189 -1.63 -20.88 19.28
C VAL C 189 -0.15 -21.22 19.14
N LEU C 190 0.31 -22.13 19.99
CA LEU C 190 1.71 -22.48 20.10
C LEU C 190 1.95 -23.97 19.97
N GLY C 191 3.24 -24.32 19.88
CA GLY C 191 3.66 -25.70 19.90
C GLY C 191 3.82 -26.27 18.52
N GLU C 192 3.35 -27.48 18.34
CA GLU C 192 3.44 -28.15 17.09
C GLU C 192 2.33 -27.61 16.17
N HIS C 193 2.67 -27.27 14.93
CA HIS C 193 1.67 -26.82 14.00
C HIS C 193 0.61 -27.90 13.83
N GLY C 194 -0.65 -27.52 13.76
CA GLY C 194 -1.70 -28.42 13.34
C GLY C 194 -2.31 -29.20 14.48
N ASP C 195 -2.41 -30.52 14.31
CA ASP C 195 -3.20 -31.38 15.18
C ASP C 195 -2.91 -31.22 16.68
N SER C 196 -1.65 -31.14 17.05
CA SER C 196 -1.25 -31.05 18.44
C SER C 196 -0.94 -29.64 18.96
N SER C 197 -1.37 -28.61 18.25
CA SER C 197 -1.05 -27.23 18.68
C SER C 197 -1.81 -26.91 19.94
N VAL C 198 -1.36 -25.88 20.65
CA VAL C 198 -1.86 -25.55 21.97
C VAL C 198 -2.39 -24.13 21.98
N PRO C 199 -3.70 -23.96 22.20
CA PRO C 199 -4.24 -22.63 22.35
C PRO C 199 -4.00 -22.12 23.76
N VAL C 200 -3.36 -20.96 23.88
CA VAL C 200 -3.00 -20.42 25.20
C VAL C 200 -4.13 -19.52 25.65
N TRP C 201 -5.08 -20.13 26.36
CA TRP C 201 -6.35 -19.46 26.70
C TRP C 201 -6.15 -18.24 27.53
N SER C 202 -5.12 -18.26 28.35
CA SER C 202 -4.81 -17.13 29.21
C SER C 202 -4.46 -15.84 28.47
N GLY C 203 -3.98 -15.91 27.22
CA GLY C 203 -3.63 -14.68 26.51
C GLY C 203 -4.74 -14.17 25.58
N MET C 204 -5.86 -14.87 25.52
CA MET C 204 -6.93 -14.54 24.59
C MET C 204 -7.64 -13.30 25.11
N ASN C 205 -7.68 -12.21 24.33
CA ASN C 205 -8.18 -10.92 24.79
C ASN C 205 -8.68 -10.01 23.68
N VAL C 206 -9.56 -9.09 24.03
CA VAL C 206 -9.91 -8.00 23.15
C VAL C 206 -9.63 -6.76 23.98
N ALA C 207 -8.83 -5.85 23.43
CA ALA C 207 -8.47 -4.61 24.08
C ALA C 207 -7.86 -4.84 25.48
N GLY C 208 -7.10 -5.91 25.62
CA GLY C 208 -6.40 -6.21 26.87
C GLY C 208 -7.28 -6.84 27.95
N VAL C 209 -8.56 -7.06 27.64
CA VAL C 209 -9.48 -7.73 28.55
C VAL C 209 -9.39 -9.24 28.37
N SER C 210 -8.95 -9.93 29.41
CA SER C 210 -8.76 -11.36 29.36
C SER C 210 -10.10 -12.05 29.32
N LEU C 211 -10.31 -12.87 28.28
CA LEU C 211 -11.56 -13.59 28.16
C LEU C 211 -11.65 -14.66 29.24
N LYS C 212 -10.51 -15.29 29.57
CA LYS C 212 -10.45 -16.32 30.61
C LYS C 212 -10.81 -15.80 31.99
N THR C 213 -10.41 -14.58 32.30
CA THR C 213 -10.77 -13.96 33.59
C THR C 213 -12.27 -13.66 33.62
N LEU C 214 -12.81 -13.13 32.53
CA LEU C 214 -14.24 -12.86 32.47
C LEU C 214 -15.05 -14.14 32.49
N HIS C 215 -14.50 -15.21 31.91
CA HIS C 215 -15.22 -16.46 31.68
C HIS C 215 -14.31 -17.62 32.06
N PRO C 216 -14.18 -17.92 33.37
CA PRO C 216 -13.27 -18.93 33.90
C PRO C 216 -13.36 -20.34 33.29
N ASP C 217 -14.51 -20.75 32.80
CA ASP C 217 -14.62 -22.05 32.08
C ASP C 217 -13.94 -22.09 30.70
N LEU C 218 -13.49 -20.93 30.21
CA LEU C 218 -12.94 -20.82 28.85
C LEU C 218 -11.85 -21.85 28.60
N GLY C 219 -11.99 -22.60 27.52
CA GLY C 219 -11.03 -23.64 27.21
C GLY C 219 -11.20 -24.97 27.96
N THR C 220 -12.29 -25.12 28.72
CA THR C 220 -12.52 -26.36 29.49
C THR C 220 -13.69 -27.10 28.87
N ASP C 221 -13.71 -28.41 29.06
CA ASP C 221 -14.84 -29.26 28.68
C ASP C 221 -16.14 -28.85 29.40
N LYS C 222 -16.05 -28.31 30.63
CA LYS C 222 -17.22 -27.76 31.37
C LYS C 222 -17.97 -26.60 30.68
N ASP C 223 -17.27 -25.88 29.78
CA ASP C 223 -17.77 -24.63 29.19
C ASP C 223 -19.09 -24.74 28.41
N LYS C 224 -20.15 -24.16 28.99
CA LYS C 224 -21.45 -24.01 28.37
C LYS C 224 -21.35 -23.45 26.95
N GLU C 225 -20.46 -22.49 26.73
CA GLU C 225 -20.25 -21.89 25.40
C GLU C 225 -19.28 -22.62 24.47
N GLN C 226 -18.65 -23.69 24.96
CA GLN C 226 -17.85 -24.58 24.11
C GLN C 226 -16.77 -23.79 23.32
N TRP C 227 -16.04 -22.89 23.99
CA TRP C 227 -14.99 -22.11 23.33
C TRP C 227 -13.83 -23.00 22.92
N LYS C 228 -13.66 -24.15 23.55
CA LYS C 228 -12.71 -25.18 23.08
C LYS C 228 -12.93 -25.53 21.61
N GLU C 229 -14.16 -25.46 21.13
CA GLU C 229 -14.47 -25.79 19.73
C GLU C 229 -13.82 -24.81 18.76
N VAL C 230 -13.46 -23.60 19.21
CA VAL C 230 -12.79 -22.66 18.31
C VAL C 230 -11.41 -23.26 17.98
N HIS C 231 -10.73 -23.80 19.00
CA HIS C 231 -9.47 -24.42 18.73
C HIS C 231 -9.60 -25.73 17.94
N LYS C 232 -10.64 -26.53 18.22
CA LYS C 232 -10.92 -27.71 17.42
C LYS C 232 -11.05 -27.32 15.96
N GLN C 233 -11.73 -26.20 15.68
CA GLN C 233 -11.96 -25.81 14.28
C GLN C 233 -10.67 -25.35 13.60
N VAL C 234 -9.74 -24.79 14.34
CA VAL C 234 -8.43 -24.44 13.80
C VAL C 234 -7.78 -25.71 13.22
N VAL C 235 -7.74 -26.75 14.04
CA VAL C 235 -7.18 -28.04 13.61
C VAL C 235 -7.94 -28.61 12.40
N GLU C 236 -9.27 -28.55 12.47
CA GLU C 236 -10.11 -29.26 11.50
C GLU C 236 -10.34 -28.48 10.19
N SER C 237 -10.25 -27.15 10.26
CA SER C 237 -10.41 -26.23 9.12
CA SER C 237 -10.52 -26.33 9.07
C SER C 237 -9.51 -26.63 7.96
N ALA C 238 -8.27 -26.93 8.28
CA ALA C 238 -7.34 -27.36 7.26
C ALA C 238 -7.80 -28.66 6.56
N TYR C 239 -8.22 -29.65 7.36
CA TYR C 239 -8.73 -30.89 6.80
C TYR C 239 -9.91 -30.59 5.92
N GLU C 240 -10.76 -29.68 6.36
CA GLU C 240 -11.93 -29.30 5.59
C GLU C 240 -11.59 -28.64 4.23
N VAL C 241 -10.68 -27.68 4.23
CA VAL C 241 -10.22 -27.06 3.00
C VAL C 241 -9.61 -28.12 2.09
N ILE C 242 -8.75 -28.95 2.64
CA ILE C 242 -8.14 -30.01 1.87
C ILE C 242 -9.23 -30.90 1.28
N LYS C 243 -10.27 -31.25 2.05
CA LYS C 243 -11.36 -32.08 1.53
C LYS C 243 -12.13 -31.38 0.43
N LEU C 244 -12.30 -30.07 0.56
CA LEU C 244 -13.12 -29.30 -0.37
C LEU C 244 -12.43 -28.88 -1.66
N LYS C 245 -11.24 -28.32 -1.56
CA LYS C 245 -10.54 -27.86 -2.77
C LYS C 245 -9.32 -28.68 -3.09
N GLY C 246 -8.92 -29.57 -2.19
CA GLY C 246 -7.82 -30.51 -2.47
C GLY C 246 -6.48 -30.27 -1.78
N TYR C 247 -6.29 -29.03 -1.32
CA TYR C 247 -5.06 -28.56 -0.73
C TYR C 247 -5.40 -27.17 -0.13
N THR C 248 -4.53 -26.64 0.72
CA THR C 248 -4.60 -25.23 1.13
C THR C 248 -3.44 -24.46 0.49
N SER C 249 -3.66 -23.17 0.26
CA SER C 249 -2.64 -22.32 -0.31
C SER C 249 -2.69 -20.86 0.13
N TRP C 250 -3.84 -20.22 -0.05
CA TRP C 250 -3.92 -18.74 0.09
C TRP C 250 -3.48 -18.30 1.48
N ALA C 251 -3.96 -18.97 2.52
CA ALA C 251 -3.72 -18.49 3.86
C ALA C 251 -2.28 -18.72 4.25
N ILE C 252 -1.70 -19.83 3.81
CA ILE C 252 -0.26 -20.10 4.05
C ILE C 252 0.57 -19.00 3.40
N GLY C 253 0.27 -18.70 2.14
CA GLY C 253 0.96 -17.63 1.41
C GLY C 253 0.92 -16.26 2.09
N LEU C 254 -0.26 -15.85 2.56
CA LEU C 254 -0.40 -14.61 3.32
C LEU C 254 0.38 -14.61 4.66
N SER C 255 0.35 -15.75 5.37
CA SER C 255 1.07 -15.92 6.62
C SER C 255 2.55 -15.82 6.38
N VAL C 256 3.03 -16.50 5.36
CA VAL C 256 4.45 -16.49 5.04
C VAL C 256 4.89 -15.07 4.62
N ALA C 257 4.04 -14.38 3.84
CA ALA C 257 4.37 -13.00 3.49
C ALA C 257 4.43 -12.04 4.71
N ASP C 258 3.61 -12.32 5.71
CA ASP C 258 3.61 -11.57 6.99
C ASP C 258 4.97 -11.75 7.71
N LEU C 259 5.46 -12.99 7.76
CA LEU C 259 6.76 -13.27 8.33
C LEU C 259 7.83 -12.58 7.53
N ALA C 260 7.73 -12.66 6.21
CA ALA C 260 8.76 -12.11 5.36
C ALA C 260 8.79 -10.58 5.50
N GLU C 261 7.63 -9.97 5.70
CA GLU C 261 7.62 -8.56 5.92
C GLU C 261 8.43 -8.17 7.17
N SER C 262 8.20 -8.84 8.29
CA SER C 262 8.97 -8.57 9.49
C SER C 262 10.47 -8.76 9.33
N ILE C 263 10.86 -9.82 8.64
CA ILE C 263 12.27 -10.09 8.39
C ILE C 263 12.88 -9.04 7.49
N MET C 264 12.25 -8.81 6.34
CA MET C 264 12.87 -7.97 5.32
C MET C 264 12.90 -6.50 5.74
N LYS C 265 11.95 -6.08 6.57
CA LYS C 265 11.85 -4.68 6.97
C LYS C 265 12.39 -4.49 8.41
N ASN C 266 12.97 -5.54 8.97
CA ASN C 266 13.51 -5.53 10.33
C ASN C 266 12.52 -4.92 11.35
N LEU C 267 11.29 -5.41 11.36
CA LEU C 267 10.25 -4.79 12.14
C LEU C 267 10.35 -5.11 13.62
N ARG C 268 10.86 -6.29 13.94
CA ARG C 268 10.84 -6.80 15.30
C ARG C 268 9.43 -6.91 15.86
N ARG C 269 8.50 -7.39 15.03
CA ARG C 269 7.22 -7.86 15.48
C ARG C 269 7.42 -9.26 16.02
N VAL C 270 6.45 -9.70 16.81
CA VAL C 270 6.43 -11.00 17.43
C VAL C 270 5.50 -11.94 16.67
N HIS C 271 6.01 -13.11 16.31
CA HIS C 271 5.23 -14.11 15.61
C HIS C 271 5.47 -15.48 16.19
N PRO C 272 4.44 -16.33 16.19
CA PRO C 272 4.65 -17.69 16.66
C PRO C 272 5.18 -18.61 15.55
N VAL C 273 6.49 -18.74 15.50
CA VAL C 273 7.18 -19.53 14.48
C VAL C 273 7.96 -20.66 15.12
N SER C 274 8.37 -21.63 14.31
CA SER C 274 9.11 -22.81 14.78
CA SER C 274 9.08 -22.76 14.82
C SER C 274 10.54 -22.41 15.01
N THR C 275 11.03 -22.62 16.23
CA THR C 275 12.39 -22.33 16.59
C THR C 275 12.87 -23.37 17.58
N MET C 276 14.17 -23.50 17.70
CA MET C 276 14.68 -24.51 18.58
C MET C 276 14.34 -24.15 20.02
N ILE C 277 13.62 -25.07 20.66
CA ILE C 277 13.04 -24.79 21.94
C ILE C 277 13.77 -25.50 23.11
N LYS C 278 14.84 -26.25 22.81
CA LYS C 278 15.60 -26.93 23.86
C LYS C 278 15.92 -25.93 24.97
N GLY C 279 15.71 -26.34 26.23
CA GLY C 279 16.00 -25.48 27.36
C GLY C 279 14.76 -24.78 27.90
N LEU C 280 13.62 -24.87 27.21
CA LEU C 280 12.34 -24.40 27.80
C LEU C 280 11.37 -25.54 28.07
N TYR C 281 10.44 -25.25 28.98
CA TYR C 281 9.34 -26.14 29.31
C TYR C 281 9.75 -27.57 29.61
N GLY C 282 10.98 -27.74 30.07
CA GLY C 282 11.52 -29.04 30.42
C GLY C 282 12.06 -29.82 29.25
N ILE C 283 12.14 -29.16 28.10
CA ILE C 283 12.57 -29.83 26.89
C ILE C 283 14.09 -29.86 26.83
N LYS C 284 14.64 -31.07 26.61
CA LYS C 284 16.08 -31.31 26.61
C LYS C 284 16.61 -31.77 25.25
N ASP C 285 15.74 -31.94 24.26
CA ASP C 285 16.19 -32.43 22.97
C ASP C 285 16.23 -31.30 21.93
N ASP C 286 16.94 -31.54 20.84
CA ASP C 286 17.05 -30.60 19.74
C ASP C 286 15.76 -30.68 18.92
N VAL C 287 14.69 -30.05 19.38
CA VAL C 287 13.44 -29.99 18.63
C VAL C 287 13.02 -28.53 18.41
N PHE C 288 12.26 -28.32 17.33
CA PHE C 288 11.74 -27.02 17.01
C PHE C 288 10.23 -27.04 17.24
N LEU C 289 9.74 -26.03 17.95
CA LEU C 289 8.31 -25.84 18.15
C LEU C 289 8.05 -24.35 18.15
N SER C 290 6.78 -23.98 17.99
CA SER C 290 6.44 -22.58 17.90
C SER C 290 6.30 -21.94 19.28
N VAL C 291 7.06 -20.88 19.48
CA VAL C 291 6.82 -19.93 20.55
C VAL C 291 6.83 -18.56 19.89
N PRO C 292 6.34 -17.51 20.59
CA PRO C 292 6.44 -16.17 20.00
C PRO C 292 7.91 -15.72 19.90
N CYS C 293 8.35 -15.34 18.72
CA CYS C 293 9.71 -14.87 18.46
C CYS C 293 9.71 -13.49 17.86
N ILE C 294 10.69 -12.69 18.25
CA ILE C 294 10.92 -11.43 17.61
C ILE C 294 11.68 -11.66 16.28
N LEU C 295 11.06 -11.24 15.18
CA LEU C 295 11.62 -11.42 13.84
C LEU C 295 12.11 -10.14 13.26
N GLY C 296 13.29 -10.19 12.68
CA GLY C 296 13.85 -9.02 12.02
C GLY C 296 14.97 -9.42 11.09
N GLN C 297 15.83 -8.46 10.80
CA GLN C 297 16.85 -8.58 9.76
C GLN C 297 17.77 -9.79 9.97
N ASN C 298 17.98 -10.21 11.21
CA ASN C 298 18.83 -11.38 11.42
C ASN C 298 18.04 -12.66 11.74
N GLY C 299 16.75 -12.69 11.38
CA GLY C 299 15.96 -13.84 11.69
C GLY C 299 15.38 -13.70 13.06
N ILE C 300 15.43 -14.77 13.85
CA ILE C 300 14.84 -14.78 15.16
C ILE C 300 15.87 -14.17 16.10
N SER C 301 15.60 -13.02 16.69
CA SER C 301 16.60 -12.44 17.60
C SER C 301 16.37 -12.75 19.07
N ASP C 302 15.12 -13.05 19.42
CA ASP C 302 14.63 -13.20 20.80
C ASP C 302 13.37 -14.07 20.81
N LEU C 303 13.12 -14.71 21.94
CA LEU C 303 11.96 -15.58 22.15
C LEU C 303 11.20 -14.96 23.32
N VAL C 304 9.87 -14.91 23.24
CA VAL C 304 9.06 -14.52 24.39
C VAL C 304 8.75 -15.79 25.17
N LYS C 305 8.91 -15.71 26.47
CA LYS C 305 8.73 -16.84 27.36
C LYS C 305 7.32 -16.77 27.91
N VAL C 306 6.40 -17.44 27.26
CA VAL C 306 5.00 -17.34 27.61
C VAL C 306 4.79 -18.16 28.88
N THR C 307 4.01 -17.66 29.83
CA THR C 307 3.70 -18.42 31.04
C THR C 307 2.63 -19.38 30.69
N LEU C 308 2.90 -20.67 30.92
CA LEU C 308 2.00 -21.72 30.54
C LEU C 308 1.50 -22.49 31.79
N THR C 309 0.31 -23.05 31.72
CA THR C 309 -0.16 -23.92 32.77
C THR C 309 0.59 -25.24 32.68
N SER C 310 0.47 -26.06 33.71
CA SER C 310 1.06 -27.38 33.70
C SER C 310 0.56 -28.23 32.56
N GLU C 311 -0.73 -28.20 32.29
CA GLU C 311 -1.29 -28.94 31.19
C GLU C 311 -0.69 -28.49 29.84
N GLU C 312 -0.52 -27.19 29.67
CA GLU C 312 -0.11 -26.64 28.36
C GLU C 312 1.34 -27.04 28.16
N GLU C 313 2.09 -26.90 29.25
CA GLU C 313 3.48 -27.26 29.27
C GLU C 313 3.70 -28.77 29.01
N ALA C 314 2.88 -29.63 29.61
CA ALA C 314 2.92 -31.08 29.31
C ALA C 314 2.67 -31.38 27.83
N ARG C 315 1.73 -30.67 27.21
CA ARG C 315 1.44 -30.90 25.78
C ARG C 315 2.63 -30.56 24.89
N LEU C 316 3.34 -29.46 25.16
CA LEU C 316 4.58 -29.16 24.41
C LEU C 316 5.66 -30.18 24.65
N LYS C 317 5.83 -30.62 25.91
CA LYS C 317 6.79 -31.67 26.21
C LYS C 317 6.43 -32.93 25.46
N LYS C 318 5.15 -33.34 25.45
CA LYS C 318 4.74 -34.53 24.69
C LYS C 318 5.10 -34.38 23.21
N SER C 319 4.80 -33.22 22.63
CA SER C 319 5.15 -32.94 21.23
C SER C 319 6.65 -33.08 20.99
N ALA C 320 7.45 -32.54 21.92
CA ALA C 320 8.91 -32.56 21.81
C ALA C 320 9.40 -34.03 21.82
N ASP C 321 8.88 -34.83 22.76
CA ASP C 321 9.20 -36.27 22.82
C ASP C 321 8.86 -37.00 21.51
N THR C 322 7.69 -36.75 20.96
CA THR C 322 7.30 -37.36 19.70
C THR C 322 8.21 -36.90 18.56
N LEU C 323 8.47 -35.60 18.48
CA LEU C 323 9.37 -35.11 17.44
C LEU C 323 10.73 -35.74 17.53
N TRP C 324 11.26 -35.78 18.74
CA TRP C 324 12.61 -36.35 18.92
C TRP C 324 12.62 -37.83 18.57
N GLY C 325 11.53 -38.55 18.89
CA GLY C 325 11.43 -40.00 18.58
C GLY C 325 11.56 -40.27 17.08
N ILE C 326 11.07 -39.33 16.27
CA ILE C 326 11.20 -39.42 14.83
C ILE C 326 12.58 -38.98 14.40
N GLN C 327 12.99 -37.81 14.88
CA GLN C 327 14.26 -37.28 14.47
C GLN C 327 15.40 -38.20 14.74
N LYS C 328 15.43 -38.85 15.91
CA LYS C 328 16.58 -39.73 16.20
C LYS C 328 16.68 -40.91 15.22
N GLU C 329 15.60 -41.23 14.51
CA GLU C 329 15.63 -42.31 13.54
C GLU C 329 16.02 -41.92 12.13
N LEU C 330 16.26 -40.64 11.86
CA LEU C 330 16.52 -40.21 10.49
C LEU C 330 17.96 -40.46 10.09
N GLN C 331 18.17 -40.71 8.81
CA GLN C 331 19.50 -40.89 8.26
C GLN C 331 19.82 -39.64 7.48
N PHE C 332 20.76 -38.86 8.02
CA PHE C 332 21.29 -37.70 7.32
C PHE C 332 22.46 -38.12 6.44
N ALA D 2 -24.99 -13.71 31.70
CA ALA D 2 -25.01 -13.45 30.24
C ALA D 2 -23.84 -14.15 29.58
N THR D 3 -23.87 -14.27 28.26
CA THR D 3 -22.80 -14.93 27.54
C THR D 3 -21.50 -14.13 27.57
N LEU D 4 -20.41 -14.75 27.13
CA LEU D 4 -19.10 -14.11 27.15
C LEU D 4 -19.11 -12.84 26.27
N LYS D 5 -19.60 -12.98 25.05
CA LYS D 5 -19.73 -11.84 24.16
C LYS D 5 -20.49 -10.67 24.81
N ASP D 6 -21.57 -10.95 25.53
CA ASP D 6 -22.37 -9.87 26.12
C ASP D 6 -21.73 -9.27 27.34
N GLN D 7 -20.96 -10.07 28.07
CA GLN D 7 -20.14 -9.55 29.16
C GLN D 7 -19.02 -8.64 28.64
N LEU D 8 -18.50 -8.92 27.45
CA LEU D 8 -17.32 -8.21 26.91
C LEU D 8 -17.72 -6.98 26.14
N ILE D 9 -18.82 -7.09 25.40
CA ILE D 9 -19.20 -6.09 24.42
C ILE D 9 -20.62 -5.57 24.66
N TYR D 10 -20.72 -4.28 24.84
CA TYR D 10 -22.00 -3.61 24.92
C TYR D 10 -22.37 -3.11 23.52
N ASN D 11 -23.48 -3.62 22.99
CA ASN D 11 -23.93 -3.24 21.67
C ASN D 11 -24.71 -1.92 21.62
N LEU D 12 -24.32 -0.99 20.74
CA LEU D 12 -25.05 0.26 20.55
C LEU D 12 -26.07 0.22 19.40
N LEU D 13 -25.80 -0.55 18.36
CA LEU D 13 -26.58 -0.51 17.11
C LEU D 13 -26.76 -1.88 16.53
N LYS D 14 -27.97 -2.22 16.08
CA LYS D 14 -28.18 -3.41 15.25
C LYS D 14 -28.75 -2.95 13.90
N GLN D 17 -26.78 -3.10 7.61
CA GLN D 17 -25.45 -3.15 6.98
C GLN D 17 -25.52 -3.47 5.47
N THR D 18 -25.32 -2.46 4.65
CA THR D 18 -25.14 -2.67 3.22
C THR D 18 -23.67 -2.45 2.94
N PRO D 19 -23.00 -3.36 2.20
CA PRO D 19 -21.57 -3.10 1.89
C PRO D 19 -21.47 -1.92 0.96
N GLN D 20 -20.40 -1.15 1.05
CA GLN D 20 -20.21 0.08 0.29
C GLN D 20 -19.35 -0.08 -0.94
N ASN D 21 -18.50 -1.09 -0.95
CA ASN D 21 -17.49 -1.21 -2.01
C ASN D 21 -17.29 -2.68 -2.30
N LYS D 22 -18.36 -3.34 -2.65
CA LYS D 22 -18.35 -4.79 -2.76
C LYS D 22 -18.03 -5.20 -4.20
N ILE D 23 -17.26 -6.27 -4.31
CA ILE D 23 -16.91 -6.88 -5.55
C ILE D 23 -17.32 -8.37 -5.52
N THR D 24 -17.86 -8.81 -6.63
CA THR D 24 -18.15 -10.22 -6.86
C THR D 24 -17.25 -10.77 -8.00
N VAL D 25 -16.70 -11.95 -7.77
CA VAL D 25 -16.05 -12.73 -8.80
C VAL D 25 -16.90 -13.98 -9.09
N VAL D 26 -17.29 -14.14 -10.34
CA VAL D 26 -18.05 -15.31 -10.76
C VAL D 26 -17.03 -16.26 -11.44
N GLY D 27 -16.91 -17.47 -10.90
CA GLY D 27 -15.98 -18.47 -11.43
C GLY D 27 -14.76 -18.49 -10.53
N VAL D 28 -14.54 -19.65 -9.92
CA VAL D 28 -13.43 -19.83 -9.00
C VAL D 28 -12.39 -20.83 -9.51
N GLY D 29 -12.25 -20.86 -10.84
CA GLY D 29 -11.05 -21.41 -11.47
C GLY D 29 -9.81 -20.58 -11.17
N ALA D 30 -8.71 -20.92 -11.80
CA ALA D 30 -7.45 -20.27 -11.52
C ALA D 30 -7.52 -18.77 -11.81
N VAL D 31 -8.22 -18.39 -12.89
CA VAL D 31 -8.32 -17.00 -13.26
C VAL D 31 -9.14 -16.22 -12.23
N GLY D 32 -10.29 -16.77 -11.91
CA GLY D 32 -11.16 -16.19 -10.90
C GLY D 32 -10.44 -16.03 -9.59
N MET D 33 -9.71 -17.05 -9.15
CA MET D 33 -9.01 -16.91 -7.87
C MET D 33 -7.81 -15.95 -7.93
N ALA D 34 -7.14 -15.85 -9.07
CA ALA D 34 -6.06 -14.88 -9.20
C ALA D 34 -6.64 -13.44 -9.14
N CYS D 35 -7.79 -13.23 -9.77
CA CYS D 35 -8.45 -11.92 -9.67
C CYS D 35 -8.80 -11.63 -8.17
N ALA D 36 -9.38 -12.61 -7.50
CA ALA D 36 -9.74 -12.46 -6.09
C ALA D 36 -8.55 -12.09 -5.20
N ILE D 37 -7.47 -12.84 -5.25
CA ILE D 37 -6.31 -12.51 -4.38
C ILE D 37 -5.71 -11.15 -4.70
N SER D 38 -5.67 -10.83 -6.00
CA SER D 38 -5.14 -9.56 -6.45
C SER D 38 -5.96 -8.38 -5.93
N ILE D 39 -7.25 -8.55 -5.97
CA ILE D 39 -8.15 -7.52 -5.46
C ILE D 39 -8.07 -7.39 -3.95
N LEU D 40 -7.98 -8.53 -3.28
CA LEU D 40 -7.87 -8.53 -1.83
C LEU D 40 -6.60 -7.83 -1.40
N MET D 41 -5.49 -8.06 -2.15
CA MET D 41 -4.23 -7.54 -1.73
CA MET D 41 -4.17 -7.56 -1.78
C MET D 41 -4.04 -6.08 -2.11
N LYS D 42 -4.97 -5.54 -2.89
CA LYS D 42 -4.99 -4.14 -3.20
C LYS D 42 -6.03 -3.32 -2.38
N ASP D 43 -6.72 -3.94 -1.44
CA ASP D 43 -7.70 -3.28 -0.58
C ASP D 43 -8.69 -2.48 -1.37
N LEU D 44 -9.24 -3.09 -2.40
CA LEU D 44 -10.24 -2.43 -3.23
C LEU D 44 -11.69 -2.61 -2.75
N ALA D 45 -11.97 -3.60 -1.88
CA ALA D 45 -13.34 -3.96 -1.58
C ALA D 45 -13.56 -4.11 -0.07
N ASP D 46 -14.75 -3.81 0.38
CA ASP D 46 -15.10 -4.03 1.77
C ASP D 46 -15.80 -5.37 1.94
N GLU D 47 -16.22 -5.96 0.82
CA GLU D 47 -16.83 -7.28 0.80
C GLU D 47 -16.47 -7.91 -0.53
N LEU D 48 -16.10 -9.17 -0.48
CA LEU D 48 -15.84 -9.97 -1.67
C LEU D 48 -16.75 -11.17 -1.66
N ALA D 49 -17.43 -11.36 -2.79
CA ALA D 49 -18.33 -12.50 -2.97
C ALA D 49 -17.79 -13.34 -4.08
N LEU D 50 -17.77 -14.66 -3.83
CA LEU D 50 -17.43 -15.63 -4.87
C LEU D 50 -18.63 -16.49 -5.21
N VAL D 51 -18.83 -16.70 -6.52
CA VAL D 51 -19.88 -17.56 -7.02
C VAL D 51 -19.37 -18.55 -8.05
N ASP D 52 -19.85 -19.79 -7.93
CA ASP D 52 -19.63 -20.78 -9.01
C ASP D 52 -20.62 -21.94 -8.83
N VAL D 53 -20.63 -22.84 -9.78
CA VAL D 53 -21.53 -24.00 -9.72
C VAL D 53 -20.91 -25.21 -9.00
N ILE D 54 -19.60 -25.27 -8.82
CA ILE D 54 -18.96 -26.40 -8.13
C ILE D 54 -18.85 -26.09 -6.63
N GLU D 55 -19.82 -26.59 -5.85
CA GLU D 55 -20.00 -26.14 -4.49
C GLU D 55 -18.85 -26.43 -3.50
N ASP D 56 -18.22 -27.60 -3.59
CA ASP D 56 -17.06 -27.96 -2.75
C ASP D 56 -15.89 -27.02 -2.94
N LYS D 57 -15.46 -26.91 -4.17
CA LYS D 57 -14.31 -26.11 -4.51
C LYS D 57 -14.54 -24.67 -4.08
N LEU D 58 -15.75 -24.19 -4.33
CA LEU D 58 -16.14 -22.83 -3.96
C LEU D 58 -16.01 -22.56 -2.46
N LYS D 59 -16.58 -23.45 -1.65
CA LYS D 59 -16.49 -23.28 -0.22
C LYS D 59 -15.04 -23.38 0.26
N GLY D 60 -14.28 -24.31 -0.28
CA GLY D 60 -12.88 -24.44 0.09
C GLY D 60 -12.06 -23.19 -0.21
N GLU D 61 -12.25 -22.62 -1.39
CA GLU D 61 -11.58 -21.39 -1.75
C GLU D 61 -11.93 -20.24 -0.83
N MET D 62 -13.22 -20.06 -0.60
CA MET D 62 -13.68 -19.08 0.36
C MET D 62 -13.03 -19.23 1.73
N MET D 63 -13.03 -20.45 2.26
CA MET D 63 -12.51 -20.66 3.60
C MET D 63 -11.03 -20.38 3.67
N ASP D 64 -10.31 -20.78 2.63
CA ASP D 64 -8.85 -20.58 2.58
C ASP D 64 -8.54 -19.08 2.63
N LEU D 65 -9.25 -18.27 1.83
CA LEU D 65 -9.11 -16.81 1.89
C LEU D 65 -9.50 -16.27 3.26
N GLN D 66 -10.60 -16.78 3.81
CA GLN D 66 -11.04 -16.38 5.15
C GLN D 66 -9.97 -16.59 6.18
N HIS D 67 -9.26 -17.73 6.09
CA HIS D 67 -8.21 -17.98 7.03
C HIS D 67 -7.09 -16.97 6.99
N GLY D 68 -6.94 -16.27 5.88
CA GLY D 68 -5.97 -15.17 5.79
C GLY D 68 -6.48 -13.78 6.10
N SER D 69 -7.68 -13.67 6.68
CA SER D 69 -8.32 -12.39 6.92
C SER D 69 -7.52 -11.45 7.77
N LEU D 70 -6.84 -11.99 8.77
CA LEU D 70 -5.92 -11.22 9.62
C LEU D 70 -4.97 -10.33 8.81
N PHE D 71 -4.56 -10.82 7.65
CA PHE D 71 -3.53 -10.21 6.83
C PHE D 71 -4.11 -9.35 5.76
N LEU D 72 -5.43 -9.21 5.75
CA LEU D 72 -6.13 -8.43 4.74
C LEU D 72 -6.96 -7.29 5.36
N ARG D 73 -7.58 -6.47 4.53
CA ARG D 73 -8.42 -5.37 5.03
C ARG D 73 -9.76 -5.37 4.32
N THR D 74 -10.25 -6.58 4.01
CA THR D 74 -11.57 -6.84 3.42
C THR D 74 -12.28 -7.67 4.47
N PRO D 75 -13.18 -7.06 5.23
CA PRO D 75 -13.62 -7.73 6.44
C PRO D 75 -14.66 -8.80 6.22
N LYS D 76 -15.25 -8.87 5.02
CA LYS D 76 -16.24 -9.91 4.76
C LYS D 76 -15.99 -10.61 3.41
N ILE D 77 -15.85 -11.93 3.48
CA ILE D 77 -15.68 -12.79 2.30
C ILE D 77 -16.76 -13.84 2.32
N VAL D 78 -17.56 -13.91 1.27
CA VAL D 78 -18.71 -14.81 1.25
C VAL D 78 -18.70 -15.62 -0.07
N SER D 79 -19.43 -16.72 -0.10
CA SER D 79 -19.55 -17.45 -1.31
C SER D 79 -20.82 -18.28 -1.35
N GLY D 80 -21.23 -18.67 -2.53
CA GLY D 80 -22.27 -19.68 -2.65
C GLY D 80 -22.65 -19.86 -4.10
N LYS D 81 -23.39 -20.95 -4.38
CA LYS D 81 -24.01 -21.20 -5.68
C LYS D 81 -25.12 -20.18 -5.97
N ASP D 82 -25.82 -19.75 -4.92
CA ASP D 82 -26.93 -18.82 -5.06
C ASP D 82 -26.40 -17.39 -5.19
N TYR D 83 -26.93 -16.66 -6.17
CA TYR D 83 -26.51 -15.30 -6.41
C TYR D 83 -26.93 -14.28 -5.34
N ASN D 84 -27.72 -14.70 -4.34
CA ASN D 84 -28.07 -13.78 -3.30
C ASN D 84 -26.84 -13.28 -2.51
N VAL D 85 -25.74 -14.03 -2.53
CA VAL D 85 -24.51 -13.59 -1.89
C VAL D 85 -23.83 -12.41 -2.62
N THR D 86 -24.23 -12.18 -3.87
CA THR D 86 -23.67 -11.08 -4.70
C THR D 86 -24.36 -9.73 -4.55
N ALA D 87 -25.40 -9.65 -3.73
CA ALA D 87 -26.23 -8.42 -3.69
C ALA D 87 -25.46 -7.15 -3.41
N ASN D 88 -25.83 -6.09 -4.12
CA ASN D 88 -25.27 -4.76 -3.89
C ASN D 88 -23.78 -4.64 -4.25
N SER D 89 -23.32 -5.41 -5.23
CA SER D 89 -21.95 -5.27 -5.76
C SER D 89 -21.84 -4.03 -6.60
N LYS D 90 -20.76 -3.30 -6.41
CA LYS D 90 -20.37 -2.20 -7.31
C LYS D 90 -19.78 -2.72 -8.62
N LEU D 91 -19.09 -3.88 -8.55
CA LEU D 91 -18.34 -4.44 -9.67
C LEU D 91 -18.49 -5.95 -9.62
N VAL D 92 -18.90 -6.56 -10.73
CA VAL D 92 -19.02 -8.00 -10.86
C VAL D 92 -18.17 -8.48 -12.01
N ILE D 93 -17.25 -9.38 -11.69
CA ILE D 93 -16.18 -9.82 -12.59
C ILE D 93 -16.52 -11.23 -13.01
N ILE D 94 -16.74 -11.43 -14.32
CA ILE D 94 -17.15 -12.70 -14.88
C ILE D 94 -15.95 -13.43 -15.52
N THR D 95 -15.64 -14.59 -14.99
CA THR D 95 -14.51 -15.40 -15.47
C THR D 95 -15.00 -16.79 -15.95
N ALA D 96 -16.28 -17.08 -15.75
CA ALA D 96 -16.86 -18.38 -16.16
C ALA D 96 -17.12 -18.44 -17.69
N GLY D 97 -17.11 -19.63 -18.27
CA GLY D 97 -17.31 -19.72 -19.73
C GLY D 97 -17.09 -21.12 -20.24
N ALA D 98 -17.38 -21.37 -21.53
CA ALA D 98 -17.15 -22.70 -22.12
C ALA D 98 -15.66 -22.93 -22.53
N ARG D 99 -15.25 -24.21 -22.61
CA ARG D 99 -14.00 -24.63 -23.29
C ARG D 99 -14.33 -25.17 -24.63
N GLN D 100 -13.57 -24.81 -25.67
CA GLN D 100 -13.91 -25.22 -27.02
C GLN D 100 -13.60 -26.72 -27.17
N GLN D 101 -14.47 -27.40 -27.93
CA GLN D 101 -14.35 -28.82 -28.18
C GLN D 101 -13.70 -29.05 -29.54
N GLU D 102 -13.06 -30.21 -29.71
CA GLU D 102 -12.48 -30.57 -31.00
C GLU D 102 -13.62 -30.67 -32.00
N GLY D 103 -13.50 -29.94 -33.10
CA GLY D 103 -14.49 -29.91 -34.17
C GLY D 103 -15.67 -28.97 -33.99
N GLU D 104 -15.80 -28.33 -32.82
CA GLU D 104 -16.90 -27.40 -32.57
C GLU D 104 -16.57 -26.07 -33.23
N SER D 105 -17.51 -25.51 -33.98
CA SER D 105 -17.34 -24.23 -34.62
C SER D 105 -17.30 -23.11 -33.58
N ARG D 106 -16.63 -22.03 -33.95
CA ARG D 106 -16.49 -20.89 -33.08
C ARG D 106 -17.89 -20.40 -32.81
N LEU D 107 -18.79 -20.47 -33.79
CA LEU D 107 -20.19 -20.07 -33.58
C LEU D 107 -20.90 -20.88 -32.46
N ASN D 108 -20.78 -22.20 -32.52
CA ASN D 108 -21.41 -23.08 -31.53
C ASN D 108 -20.83 -22.85 -30.13
N LEU D 109 -19.53 -22.69 -30.06
CA LEU D 109 -18.87 -22.39 -28.81
C LEU D 109 -19.41 -21.09 -28.20
N VAL D 110 -19.50 -20.04 -29.01
CA VAL D 110 -20.00 -18.78 -28.45
C VAL D 110 -21.46 -18.96 -28.03
N GLN D 111 -22.23 -19.76 -28.77
CA GLN D 111 -23.60 -20.01 -28.42
C GLN D 111 -23.68 -20.72 -27.07
N ARG D 112 -22.76 -21.63 -26.79
CA ARG D 112 -22.79 -22.26 -25.46
C ARG D 112 -22.56 -21.23 -24.35
N ASN D 113 -21.67 -20.26 -24.58
CA ASN D 113 -21.47 -19.16 -23.64
C ASN D 113 -22.67 -18.28 -23.56
N VAL D 114 -23.38 -18.05 -24.65
CA VAL D 114 -24.63 -17.31 -24.55
C VAL D 114 -25.57 -18.01 -23.57
N ASN D 115 -25.72 -19.35 -23.72
CA ASN D 115 -26.62 -20.09 -22.87
C ASN D 115 -26.15 -20.09 -21.41
N ILE D 116 -24.87 -20.15 -21.20
CA ILE D 116 -24.34 -20.05 -19.85
C ILE D 116 -24.59 -18.64 -19.25
N PHE D 117 -24.32 -17.62 -20.03
CA PHE D 117 -24.55 -16.27 -19.60
C PHE D 117 -26.03 -15.93 -19.40
N LYS D 118 -26.93 -16.60 -20.11
CA LYS D 118 -28.36 -16.47 -19.88
C LYS D 118 -28.72 -16.96 -18.50
N PHE D 119 -27.86 -17.73 -17.82
CA PHE D 119 -28.10 -18.04 -16.40
C PHE D 119 -27.44 -17.02 -15.49
N ILE D 120 -26.15 -16.82 -15.72
CA ILE D 120 -25.35 -15.98 -14.86
C ILE D 120 -25.80 -14.51 -14.81
N ILE D 121 -25.92 -13.90 -15.98
CA ILE D 121 -26.05 -12.46 -16.05
C ILE D 121 -27.40 -11.99 -15.46
N PRO D 122 -28.53 -12.66 -15.76
CA PRO D 122 -29.77 -12.12 -15.16
C PRO D 122 -29.77 -12.28 -13.65
N ASN D 123 -29.06 -13.27 -13.14
CA ASN D 123 -28.99 -13.44 -11.71
C ASN D 123 -28.10 -12.38 -11.06
N VAL D 124 -27.00 -12.01 -11.74
CA VAL D 124 -26.19 -10.89 -11.31
C VAL D 124 -27.02 -9.58 -11.31
N VAL D 125 -27.74 -9.31 -12.40
CA VAL D 125 -28.57 -8.09 -12.58
C VAL D 125 -29.70 -7.98 -11.52
N LYS D 126 -30.32 -9.12 -11.17
CA LYS D 126 -31.34 -9.15 -10.14
C LYS D 126 -30.80 -8.59 -8.80
N TYR D 127 -29.59 -8.96 -8.42
CA TYR D 127 -29.04 -8.61 -7.10
C TYR D 127 -28.17 -7.37 -7.07
N SER D 128 -27.65 -6.97 -8.24
CA SER D 128 -26.84 -5.76 -8.37
C SER D 128 -27.15 -5.04 -9.64
N PRO D 129 -28.36 -4.46 -9.73
CA PRO D 129 -28.77 -3.85 -10.96
C PRO D 129 -27.89 -2.66 -11.39
N ASN D 130 -27.20 -2.01 -10.48
CA ASN D 130 -26.36 -0.87 -10.78
C ASN D 130 -24.84 -1.14 -10.84
N CYS D 131 -24.45 -2.42 -10.86
CA CYS D 131 -23.03 -2.80 -10.88
C CYS D 131 -22.44 -2.45 -12.21
N LYS D 132 -21.11 -2.34 -12.25
CA LYS D 132 -20.36 -2.44 -13.51
C LYS D 132 -20.05 -3.93 -13.73
N LEU D 133 -20.17 -4.38 -14.95
CA LEU D 133 -19.83 -5.76 -15.32
C LEU D 133 -18.50 -5.75 -16.03
N LEU D 134 -17.56 -6.56 -15.55
CA LEU D 134 -16.28 -6.70 -16.15
C LEU D 134 -16.10 -8.15 -16.59
N ILE D 135 -16.06 -8.35 -17.91
CA ILE D 135 -16.02 -9.70 -18.52
C ILE D 135 -14.56 -10.05 -18.75
N VAL D 136 -14.11 -11.14 -18.14
CA VAL D 136 -12.77 -11.61 -18.28
C VAL D 136 -12.69 -12.93 -19.06
N SER D 137 -13.78 -13.66 -19.14
CA SER D 137 -13.92 -14.88 -19.88
C SER D 137 -13.48 -14.73 -21.34
N ASN D 138 -12.83 -15.74 -21.91
CA ASN D 138 -12.48 -15.76 -23.34
C ASN D 138 -13.52 -16.55 -24.14
N PRO D 139 -13.79 -16.13 -25.38
CA PRO D 139 -13.24 -15.00 -26.12
C PRO D 139 -13.89 -13.65 -25.74
N VAL D 140 -13.06 -12.76 -25.23
CA VAL D 140 -13.55 -11.67 -24.40
C VAL D 140 -14.38 -10.67 -25.17
N ASP D 141 -13.97 -10.36 -26.39
CA ASP D 141 -14.62 -9.27 -27.14
C ASP D 141 -16.06 -9.65 -27.46
N ILE D 142 -16.24 -10.88 -27.93
CA ILE D 142 -17.60 -11.32 -28.20
C ILE D 142 -18.37 -11.59 -26.92
N LEU D 143 -17.72 -12.10 -25.85
CA LEU D 143 -18.47 -12.35 -24.64
C LEU D 143 -18.90 -11.04 -23.95
N THR D 144 -18.18 -9.94 -24.22
CA THR D 144 -18.55 -8.67 -23.66
C THR D 144 -19.86 -8.22 -24.35
N TYR D 145 -19.93 -8.39 -25.68
CA TYR D 145 -21.18 -8.17 -26.43
C TYR D 145 -22.34 -8.99 -25.88
N VAL D 146 -22.09 -10.27 -25.69
CA VAL D 146 -23.09 -11.17 -25.13
C VAL D 146 -23.60 -10.68 -23.76
N ALA D 147 -22.66 -10.30 -22.87
CA ALA D 147 -23.07 -9.82 -21.57
C ALA D 147 -23.89 -8.54 -21.70
N TRP D 148 -23.49 -7.71 -22.62
CA TRP D 148 -24.19 -6.43 -22.85
C TRP D 148 -25.67 -6.67 -23.26
N LYS D 149 -25.83 -7.51 -24.25
CA LYS D 149 -27.12 -7.92 -24.77
C LYS D 149 -27.96 -8.60 -23.73
N ILE D 150 -27.41 -9.49 -22.92
CA ILE D 150 -28.23 -10.14 -21.90
C ILE D 150 -28.59 -9.24 -20.72
N SER D 151 -27.65 -8.43 -20.27
CA SER D 151 -27.87 -7.62 -19.13
C SER D 151 -28.89 -6.47 -19.37
N GLY D 152 -28.93 -5.95 -20.56
CA GLY D 152 -29.71 -4.71 -20.80
C GLY D 152 -29.02 -3.48 -20.21
N PHE D 153 -27.74 -3.59 -19.80
CA PHE D 153 -27.02 -2.46 -19.22
C PHE D 153 -26.65 -1.43 -20.31
N PRO D 154 -26.57 -0.17 -19.93
CA PRO D 154 -26.04 0.77 -20.90
C PRO D 154 -24.57 0.39 -21.14
N LYS D 155 -24.07 0.72 -22.30
CA LYS D 155 -22.75 0.27 -22.66
C LYS D 155 -21.56 0.79 -21.82
N ASN D 156 -21.71 1.93 -21.13
CA ASN D 156 -20.66 2.34 -20.18
C ASN D 156 -20.44 1.35 -19.05
N ARG D 157 -21.43 0.51 -18.75
CA ARG D 157 -21.30 -0.41 -17.59
C ARG D 157 -20.95 -1.88 -17.95
N VAL D 158 -20.61 -2.13 -19.19
CA VAL D 158 -20.21 -3.44 -19.60
C VAL D 158 -18.84 -3.36 -20.28
N ILE D 159 -17.85 -3.93 -19.62
CA ILE D 159 -16.44 -3.72 -19.97
C ILE D 159 -15.79 -5.08 -20.12
N GLY D 160 -15.03 -5.26 -21.18
CA GLY D 160 -14.30 -6.46 -21.39
C GLY D 160 -12.83 -6.20 -20.99
N SER D 161 -12.19 -7.14 -20.34
CA SER D 161 -10.78 -6.93 -19.94
C SER D 161 -9.87 -6.68 -21.19
N GLY D 162 -10.26 -7.21 -22.33
CA GLY D 162 -9.72 -6.83 -23.63
C GLY D 162 -8.21 -6.89 -23.74
N CYS D 163 -7.58 -5.78 -24.12
CA CYS D 163 -6.13 -5.76 -24.36
C CYS D 163 -5.33 -5.14 -23.22
N ASN D 164 -5.91 -5.03 -22.04
CA ASN D 164 -5.14 -4.48 -20.94
C ASN D 164 -3.95 -5.39 -20.67
N LEU D 165 -4.19 -6.70 -20.72
CA LEU D 165 -3.14 -7.67 -20.51
C LEU D 165 -2.12 -7.70 -21.64
N ASP D 166 -2.60 -7.62 -22.88
CA ASP D 166 -1.74 -7.65 -24.02
C ASP D 166 -0.79 -6.48 -23.99
N SER D 167 -1.29 -5.31 -23.58
CA SER D 167 -0.50 -4.13 -23.55
C SER D 167 0.54 -4.29 -22.42
N ALA D 168 0.13 -4.89 -21.30
CA ALA D 168 1.09 -5.07 -20.15
C ALA D 168 2.24 -6.00 -20.59
N ARG D 169 1.89 -7.04 -21.36
CA ARG D 169 2.88 -7.96 -21.89
C ARG D 169 3.82 -7.25 -22.82
N PHE D 170 3.25 -6.44 -23.70
CA PHE D 170 4.01 -5.68 -24.66
C PHE D 170 5.04 -4.78 -23.93
N ARG D 171 4.58 -4.11 -22.89
CA ARG D 171 5.41 -3.21 -22.12
C ARG D 171 6.47 -3.91 -21.32
N TYR D 172 6.15 -5.11 -20.82
CA TYR D 172 7.15 -5.96 -20.17
C TYR D 172 8.31 -6.31 -21.15
N LEU D 173 7.95 -6.72 -22.34
CA LEU D 173 8.91 -7.16 -23.34
C LEU D 173 9.74 -5.99 -23.85
N MET D 174 9.06 -4.86 -24.07
CA MET D 174 9.74 -3.63 -24.42
C MET D 174 10.78 -3.22 -23.37
N GLY D 175 10.34 -3.17 -22.13
CA GLY D 175 11.19 -2.83 -21.01
C GLY D 175 12.38 -3.79 -20.89
N GLU D 176 12.20 -5.07 -21.19
CA GLU D 176 13.32 -6.02 -21.14
CA GLU D 176 13.31 -6.02 -21.13
C GLU D 176 14.36 -5.67 -22.21
N ARG D 177 13.90 -5.32 -23.39
CA ARG D 177 14.80 -4.97 -24.46
C ARG D 177 15.53 -3.64 -24.21
N LEU D 178 14.89 -2.68 -23.54
CA LEU D 178 15.47 -1.37 -23.34
C LEU D 178 16.18 -1.20 -21.99
N GLY D 179 15.95 -2.10 -21.07
CA GLY D 179 16.47 -1.97 -19.68
C GLY D 179 15.77 -0.85 -18.88
N VAL D 180 14.46 -0.70 -19.09
CA VAL D 180 13.65 0.36 -18.48
C VAL D 180 12.42 -0.32 -17.91
N HIS D 181 11.98 0.13 -16.74
CA HIS D 181 10.79 -0.47 -16.14
C HIS D 181 9.60 -0.32 -17.09
N PRO D 182 8.72 -1.31 -17.18
CA PRO D 182 7.56 -1.17 -18.02
C PRO D 182 6.70 0.06 -17.74
N LEU D 183 6.67 0.56 -16.50
CA LEU D 183 5.96 1.81 -16.16
C LEU D 183 6.45 2.97 -16.98
N SER D 184 7.70 2.94 -17.43
CA SER D 184 8.25 4.01 -18.22
C SER D 184 8.36 3.65 -19.72
N CYS D 185 7.90 2.45 -20.09
CA CYS D 185 7.89 1.99 -21.49
C CYS D 185 6.48 1.99 -22.00
N HIS D 186 6.09 2.97 -22.80
CA HIS D 186 4.71 3.10 -23.22
C HIS D 186 4.47 2.50 -24.57
N GLY D 187 3.33 1.84 -24.69
CA GLY D 187 2.94 1.19 -25.94
C GLY D 187 1.55 0.56 -25.80
N TRP D 188 0.78 0.57 -26.87
CA TRP D 188 -0.61 0.16 -26.80
C TRP D 188 -0.88 -0.95 -27.80
N VAL D 189 -1.53 -2.00 -27.34
CA VAL D 189 -2.03 -3.08 -28.18
C VAL D 189 -3.54 -2.94 -28.12
N LEU D 190 -4.15 -2.90 -29.27
CA LEU D 190 -5.57 -2.61 -29.41
C LEU D 190 -6.27 -3.68 -30.22
N GLY D 191 -7.59 -3.54 -30.39
CA GLY D 191 -8.38 -4.46 -31.20
C GLY D 191 -8.83 -5.69 -30.42
N GLU D 192 -8.69 -6.86 -31.01
CA GLU D 192 -9.17 -8.11 -30.43
C GLU D 192 -8.09 -8.63 -29.52
N HIS D 193 -8.38 -9.05 -28.31
CA HIS D 193 -7.37 -9.64 -27.49
C HIS D 193 -6.74 -10.90 -28.13
N GLY D 194 -5.46 -11.11 -27.87
CA GLY D 194 -4.81 -12.36 -28.23
C GLY D 194 -4.38 -12.42 -29.70
N ASP D 195 -4.85 -13.44 -30.41
CA ASP D 195 -4.27 -13.73 -31.74
C ASP D 195 -4.27 -12.56 -32.71
N SER D 196 -5.35 -11.82 -32.79
CA SER D 196 -5.52 -10.78 -33.79
C SER D 196 -5.30 -9.36 -33.31
N SER D 197 -4.67 -9.20 -32.15
CA SER D 197 -4.40 -7.88 -31.61
C SER D 197 -3.50 -7.05 -32.51
N VAL D 198 -3.63 -5.73 -32.38
CA VAL D 198 -2.86 -4.77 -33.17
C VAL D 198 -1.88 -3.94 -32.29
N PRO D 199 -0.56 -4.09 -32.48
CA PRO D 199 0.37 -3.17 -31.82
C PRO D 199 0.43 -1.78 -32.50
N VAL D 200 0.16 -0.68 -31.79
CA VAL D 200 0.16 0.66 -32.40
C VAL D 200 1.59 1.23 -32.30
N TRP D 201 2.39 0.90 -33.31
CA TRP D 201 3.80 1.25 -33.28
C TRP D 201 4.05 2.76 -33.09
N SER D 202 3.16 3.58 -33.63
CA SER D 202 3.28 5.06 -33.55
C SER D 202 3.28 5.58 -32.10
N GLY D 203 2.66 4.83 -31.20
CA GLY D 203 2.56 5.26 -29.84
C GLY D 203 3.62 4.78 -28.90
N MET D 204 4.51 3.91 -29.37
CA MET D 204 5.51 3.33 -28.52
C MET D 204 6.56 4.37 -28.21
N ASN D 205 6.82 4.61 -26.94
CA ASN D 205 7.66 5.71 -26.58
C ASN D 205 8.23 5.56 -25.16
N VAL D 206 9.37 6.16 -24.93
CA VAL D 206 9.93 6.38 -23.60
C VAL D 206 10.11 7.90 -23.47
N ALA D 207 9.59 8.43 -22.35
CA ALA D 207 9.64 9.86 -22.05
C ALA D 207 9.15 10.76 -23.22
N GLY D 208 8.14 10.28 -23.91
CA GLY D 208 7.52 10.97 -25.02
C GLY D 208 8.32 10.94 -26.30
N VAL D 209 9.42 10.18 -26.32
CA VAL D 209 10.20 10.02 -27.54
C VAL D 209 9.65 8.87 -28.37
N SER D 210 9.21 9.18 -29.57
CA SER D 210 8.64 8.15 -30.42
C SER D 210 9.74 7.24 -30.97
N LEU D 211 9.66 5.95 -30.66
CA LEU D 211 10.60 4.96 -31.16
C LEU D 211 10.46 4.80 -32.71
N LYS D 212 9.25 4.94 -33.23
CA LYS D 212 9.06 4.82 -34.70
C LYS D 212 9.75 5.96 -35.42
N THR D 213 9.70 7.16 -34.86
CA THR D 213 10.46 8.26 -35.41
C THR D 213 11.98 8.05 -35.42
N LEU D 214 12.56 7.58 -34.33
CA LEU D 214 13.96 7.25 -34.26
C LEU D 214 14.35 6.13 -35.17
N HIS D 215 13.47 5.14 -35.34
CA HIS D 215 13.82 3.91 -36.03
C HIS D 215 12.68 3.58 -36.98
N PRO D 216 12.64 4.24 -38.16
CA PRO D 216 11.50 4.12 -39.05
C PRO D 216 11.13 2.69 -39.45
N ASP D 217 12.07 1.72 -39.42
CA ASP D 217 11.70 0.32 -39.76
C ASP D 217 10.98 -0.44 -38.62
N LEU D 218 10.81 0.23 -37.48
CA LEU D 218 10.10 -0.37 -36.31
C LEU D 218 8.76 -0.93 -36.70
N GLY D 219 8.55 -2.19 -36.38
CA GLY D 219 7.27 -2.81 -36.65
C GLY D 219 7.17 -3.43 -38.04
N THR D 220 8.20 -3.27 -38.87
CA THR D 220 8.16 -3.82 -40.24
C THR D 220 9.05 -5.05 -40.34
N ASP D 221 8.83 -5.81 -41.41
CA ASP D 221 9.66 -6.97 -41.72
C ASP D 221 11.09 -6.58 -42.14
N LYS D 222 11.32 -5.32 -42.51
CA LYS D 222 12.63 -4.82 -42.90
C LYS D 222 13.57 -4.52 -41.68
N ASP D 223 13.06 -4.62 -40.45
CA ASP D 223 13.77 -4.20 -39.24
C ASP D 223 14.87 -5.18 -38.86
N LYS D 224 16.12 -4.75 -38.90
CA LYS D 224 17.22 -5.62 -38.50
C LYS D 224 17.14 -5.98 -37.03
N GLU D 225 16.41 -5.20 -36.24
CA GLU D 225 16.26 -5.48 -34.82
C GLU D 225 15.00 -6.24 -34.52
N GLN D 226 14.17 -6.49 -35.51
CA GLN D 226 13.06 -7.39 -35.39
C GLN D 226 12.16 -7.06 -34.18
N TRP D 227 11.87 -5.77 -34.01
CA TRP D 227 10.85 -5.33 -33.03
C TRP D 227 9.47 -5.91 -33.26
N LYS D 228 9.16 -6.31 -34.49
CA LYS D 228 7.95 -7.06 -34.72
C LYS D 228 7.77 -8.31 -33.81
N GLU D 229 8.90 -8.93 -33.44
CA GLU D 229 8.93 -10.13 -32.60
C GLU D 229 8.44 -9.91 -31.20
N VAL D 230 8.52 -8.67 -30.73
CA VAL D 230 7.92 -8.31 -29.49
C VAL D 230 6.40 -8.52 -29.56
N HIS D 231 5.76 -8.01 -30.57
CA HIS D 231 4.32 -8.29 -30.67
C HIS D 231 4.02 -9.76 -30.91
N LYS D 232 4.85 -10.44 -31.71
CA LYS D 232 4.68 -11.87 -31.96
C LYS D 232 4.72 -12.60 -30.63
N GLN D 233 5.60 -12.18 -29.73
CA GLN D 233 5.70 -12.77 -28.39
C GLN D 233 4.52 -12.44 -27.51
N VAL D 234 3.97 -11.24 -27.68
CA VAL D 234 2.75 -10.91 -26.94
C VAL D 234 1.63 -11.88 -27.35
N VAL D 235 1.48 -12.11 -28.64
CA VAL D 235 0.45 -13.04 -29.16
C VAL D 235 0.71 -14.47 -28.68
N GLU D 236 1.95 -14.90 -28.76
CA GLU D 236 2.31 -16.30 -28.52
C GLU D 236 2.49 -16.64 -27.04
N SER D 237 2.49 -15.61 -26.19
CA SER D 237 2.78 -15.73 -24.77
C SER D 237 1.85 -16.64 -24.06
N ALA D 238 0.54 -16.45 -24.24
CA ALA D 238 -0.43 -17.32 -23.65
C ALA D 238 -0.18 -18.76 -24.12
N TYR D 239 0.02 -18.93 -25.42
CA TYR D 239 0.31 -20.27 -25.92
C TYR D 239 1.52 -20.89 -25.19
N GLU D 240 2.60 -20.13 -25.03
CA GLU D 240 3.78 -20.70 -24.38
C GLU D 240 3.51 -21.00 -22.92
N VAL D 241 2.84 -20.08 -22.20
CA VAL D 241 2.55 -20.29 -20.80
C VAL D 241 1.61 -21.47 -20.64
N ILE D 242 0.62 -21.56 -21.50
CA ILE D 242 -0.26 -22.71 -21.49
C ILE D 242 0.51 -24.03 -21.71
N LYS D 243 1.43 -24.09 -22.67
CA LYS D 243 2.19 -25.31 -22.92
C LYS D 243 3.03 -25.69 -21.67
N LEU D 244 3.56 -24.69 -20.96
CA LEU D 244 4.45 -24.91 -19.80
C LEU D 244 3.74 -25.23 -18.51
N LYS D 245 2.70 -24.46 -18.16
CA LYS D 245 2.03 -24.66 -16.89
C LYS D 245 0.61 -25.11 -17.00
N GLY D 246 0.06 -25.21 -18.22
CA GLY D 246 -1.30 -25.71 -18.40
C GLY D 246 -2.38 -24.65 -18.59
N TYR D 247 -2.09 -23.41 -18.20
CA TYR D 247 -3.08 -22.34 -18.18
C TYR D 247 -2.34 -21.04 -17.84
N THR D 248 -2.96 -19.89 -18.03
CA THR D 248 -2.43 -18.67 -17.41
C THR D 248 -3.38 -18.16 -16.32
N SER D 249 -2.84 -17.39 -15.36
CA SER D 249 -3.64 -16.91 -14.29
C SER D 249 -3.13 -15.62 -13.65
N TRP D 250 -1.87 -15.56 -13.29
CA TRP D 250 -1.38 -14.45 -12.44
C TRP D 250 -1.47 -13.11 -13.18
N ALA D 251 -1.02 -13.07 -14.42
CA ALA D 251 -1.01 -11.81 -15.13
C ALA D 251 -2.43 -11.30 -15.35
N ILE D 252 -3.32 -12.22 -15.71
CA ILE D 252 -4.72 -11.84 -15.90
C ILE D 252 -5.25 -11.25 -14.60
N GLY D 253 -4.99 -11.89 -13.47
CA GLY D 253 -5.48 -11.40 -12.16
C GLY D 253 -5.02 -9.99 -11.87
N LEU D 254 -3.74 -9.74 -12.14
CA LEU D 254 -3.14 -8.44 -11.87
C LEU D 254 -3.70 -7.39 -12.81
N SER D 255 -3.90 -7.75 -14.07
CA SER D 255 -4.51 -6.85 -15.04
C SER D 255 -5.93 -6.47 -14.64
N VAL D 256 -6.71 -7.44 -14.23
CA VAL D 256 -8.07 -7.24 -13.82
C VAL D 256 -8.13 -6.37 -12.54
N ALA D 257 -7.21 -6.60 -11.61
CA ALA D 257 -7.12 -5.76 -10.43
C ALA D 257 -6.79 -4.31 -10.76
N ASP D 258 -5.95 -4.09 -11.77
CA ASP D 258 -5.62 -2.74 -12.28
C ASP D 258 -6.89 -2.04 -12.78
N LEU D 259 -7.68 -2.74 -13.59
CA LEU D 259 -8.97 -2.21 -14.07
C LEU D 259 -9.93 -1.93 -12.90
N ALA D 260 -10.03 -2.87 -11.96
CA ALA D 260 -10.89 -2.68 -10.80
C ALA D 260 -10.50 -1.47 -10.00
N GLU D 261 -9.20 -1.25 -9.85
CA GLU D 261 -8.71 -0.07 -9.16
C GLU D 261 -9.22 1.23 -9.76
N SER D 262 -9.09 1.39 -11.08
CA SER D 262 -9.61 2.58 -11.71
C SER D 262 -11.08 2.73 -11.54
N ILE D 263 -11.83 1.65 -11.64
CA ILE D 263 -13.28 1.74 -11.53
C ILE D 263 -13.73 2.06 -10.09
N MET D 264 -13.22 1.32 -9.13
CA MET D 264 -13.63 1.42 -7.71
C MET D 264 -13.17 2.75 -7.12
N LYS D 265 -12.02 3.26 -7.53
CA LYS D 265 -11.52 4.53 -7.00
C LYS D 265 -11.83 5.73 -7.91
N ASN D 266 -12.62 5.53 -8.96
CA ASN D 266 -12.96 6.64 -9.87
C ASN D 266 -11.77 7.43 -10.41
N LEU D 267 -10.72 6.71 -10.83
CA LEU D 267 -9.47 7.35 -11.19
C LEU D 267 -9.49 8.08 -12.52
N ARG D 268 -10.27 7.61 -13.48
CA ARG D 268 -10.26 8.15 -14.85
C ARG D 268 -8.88 8.02 -15.50
N ARG D 269 -8.27 6.86 -15.23
CA ARG D 269 -7.11 6.42 -16.01
C ARG D 269 -7.63 5.80 -17.30
N VAL D 270 -6.74 5.73 -18.27
CA VAL D 270 -7.05 5.20 -19.60
C VAL D 270 -6.50 3.80 -19.71
N HIS D 271 -7.35 2.87 -20.12
CA HIS D 271 -6.97 1.47 -20.26
C HIS D 271 -7.51 0.97 -21.58
N PRO D 272 -6.79 0.05 -22.24
CA PRO D 272 -7.35 -0.52 -23.49
C PRO D 272 -8.26 -1.69 -23.18
N VAL D 273 -9.55 -1.46 -23.11
CA VAL D 273 -10.51 -2.47 -22.72
C VAL D 273 -11.55 -2.60 -23.85
N SER D 274 -12.25 -3.71 -23.87
N SER D 274 -12.25 -3.73 -23.86
CA SER D 274 -13.26 -3.92 -24.87
CA SER D 274 -13.30 -3.99 -24.84
C SER D 274 -14.52 -3.11 -24.62
C SER D 274 -14.52 -3.11 -24.61
N THR D 275 -14.88 -2.35 -25.64
CA THR D 275 -16.04 -1.50 -25.59
C THR D 275 -16.72 -1.48 -26.95
N MET D 276 -17.94 -0.98 -26.99
CA MET D 276 -18.72 -0.99 -28.22
C MET D 276 -18.15 0.09 -29.15
N ILE D 277 -17.58 -0.30 -30.26
CA ILE D 277 -16.91 0.69 -31.06
C ILE D 277 -17.59 1.04 -32.38
N LYS D 278 -18.85 0.68 -32.48
CA LYS D 278 -19.68 1.15 -33.58
C LYS D 278 -19.42 2.63 -33.85
N GLY D 279 -19.08 2.98 -35.08
CA GLY D 279 -18.91 4.39 -35.43
C GLY D 279 -17.47 4.83 -35.51
N LEU D 280 -16.51 4.01 -35.04
CA LEU D 280 -15.11 4.27 -35.30
C LEU D 280 -14.57 3.37 -36.40
N TYR D 281 -13.62 3.89 -37.15
CA TYR D 281 -12.84 3.11 -38.06
C TYR D 281 -13.69 2.48 -39.16
N GLY D 282 -14.79 3.16 -39.53
CA GLY D 282 -15.69 2.61 -40.55
C GLY D 282 -16.43 1.34 -40.07
N ILE D 283 -16.44 1.11 -38.77
CA ILE D 283 -17.21 -0.03 -38.21
C ILE D 283 -18.68 0.41 -38.02
N LYS D 284 -19.61 -0.32 -38.64
CA LYS D 284 -21.04 0.02 -38.60
C LYS D 284 -21.88 -0.89 -37.70
N ASP D 285 -21.29 -1.97 -37.19
CA ASP D 285 -21.98 -2.99 -36.37
C ASP D 285 -21.75 -2.88 -34.85
N ASP D 286 -22.63 -3.49 -34.09
CA ASP D 286 -22.50 -3.50 -32.64
C ASP D 286 -21.41 -4.51 -32.26
N VAL D 287 -20.14 -4.12 -32.39
CA VAL D 287 -19.06 -4.99 -31.98
C VAL D 287 -18.24 -4.33 -30.86
N PHE D 288 -17.62 -5.19 -30.02
CA PHE D 288 -16.78 -4.72 -28.93
C PHE D 288 -15.33 -5.10 -29.29
N LEU D 289 -14.43 -4.11 -29.18
CA LEU D 289 -13.01 -4.34 -29.39
C LEU D 289 -12.30 -3.38 -28.46
N SER D 290 -11.01 -3.60 -28.22
CA SER D 290 -10.26 -2.72 -27.34
C SER D 290 -9.82 -1.44 -27.98
N VAL D 291 -10.22 -0.34 -27.34
CA VAL D 291 -9.60 0.95 -27.58
C VAL D 291 -9.29 1.58 -26.23
N PRO D 292 -8.46 2.63 -26.19
CA PRO D 292 -8.18 3.25 -24.89
C PRO D 292 -9.44 3.95 -24.33
N CYS D 293 -9.86 3.56 -23.14
CA CYS D 293 -11.06 4.04 -22.53
C CYS D 293 -10.75 4.67 -21.16
N ILE D 294 -11.48 5.72 -20.85
CA ILE D 294 -11.37 6.34 -19.53
CA ILE D 294 -11.38 6.33 -19.53
C ILE D 294 -12.30 5.58 -18.59
N LEU D 295 -11.70 4.99 -17.56
CA LEU D 295 -12.42 4.20 -16.58
C LEU D 295 -12.60 4.88 -15.23
N GLY D 296 -13.81 4.79 -14.69
CA GLY D 296 -14.10 5.38 -13.40
C GLY D 296 -15.34 4.79 -12.80
N GLN D 297 -16.01 5.54 -11.93
CA GLN D 297 -17.11 4.95 -11.16
C GLN D 297 -18.37 4.59 -11.97
N ASN D 298 -18.51 5.17 -13.15
CA ASN D 298 -19.59 4.81 -14.06
C ASN D 298 -19.13 3.89 -15.22
N GLY D 299 -17.98 3.27 -15.05
CA GLY D 299 -17.47 2.34 -16.04
C GLY D 299 -16.71 3.15 -17.08
N ILE D 300 -17.03 2.94 -18.34
CA ILE D 300 -16.37 3.64 -19.43
C ILE D 300 -17.11 4.93 -19.73
N SER D 301 -16.49 6.09 -19.46
CA SER D 301 -17.17 7.38 -19.66
C SER D 301 -16.82 8.06 -20.97
N ASP D 302 -15.67 7.65 -21.51
CA ASP D 302 -15.08 8.28 -22.68
C ASP D 302 -14.13 7.30 -23.35
N LEU D 303 -13.93 7.50 -24.63
CA LEU D 303 -12.86 6.75 -25.27
C LEU D 303 -11.92 7.64 -26.10
N VAL D 304 -10.68 7.18 -26.21
CA VAL D 304 -9.65 7.93 -26.94
C VAL D 304 -9.71 7.49 -28.39
N LYS D 305 -9.72 8.44 -29.29
CA LYS D 305 -9.69 8.14 -30.74
C LYS D 305 -8.24 8.09 -31.22
N VAL D 306 -7.69 6.89 -31.30
CA VAL D 306 -6.29 6.68 -31.66
C VAL D 306 -6.21 6.79 -33.20
N THR D 307 -5.25 7.56 -33.68
CA THR D 307 -5.02 7.62 -35.13
C THR D 307 -4.32 6.34 -35.54
N LEU D 308 -4.93 5.57 -36.41
CA LEU D 308 -4.34 4.33 -36.83
C LEU D 308 -3.85 4.43 -38.29
N THR D 309 -2.82 3.65 -38.62
CA THR D 309 -2.39 3.50 -40.03
C THR D 309 -3.45 2.75 -40.83
N SER D 310 -3.32 2.79 -42.15
CA SER D 310 -4.23 2.04 -42.97
C SER D 310 -4.24 0.55 -42.66
N GLU D 311 -3.09 -0.03 -42.41
CA GLU D 311 -3.00 -1.44 -42.10
C GLU D 311 -3.65 -1.77 -40.75
N GLU D 312 -3.31 -0.96 -39.72
CA GLU D 312 -3.89 -1.11 -38.39
C GLU D 312 -5.42 -1.06 -38.42
N GLU D 313 -5.95 -0.04 -39.09
CA GLU D 313 -7.36 0.15 -39.27
C GLU D 313 -7.99 -1.05 -39.98
N ALA D 314 -7.35 -1.55 -41.01
CA ALA D 314 -7.89 -2.69 -41.76
C ALA D 314 -7.94 -3.95 -40.86
N ARG D 315 -6.92 -4.11 -40.01
CA ARG D 315 -6.94 -5.25 -39.07
C ARG D 315 -8.10 -5.18 -38.10
N LEU D 316 -8.38 -4.00 -37.56
CA LEU D 316 -9.53 -3.80 -36.66
C LEU D 316 -10.83 -4.04 -37.37
N LYS D 317 -10.96 -3.53 -38.60
CA LYS D 317 -12.17 -3.71 -39.37
C LYS D 317 -12.42 -5.18 -39.65
N LYS D 318 -11.35 -5.93 -39.93
CA LYS D 318 -11.44 -7.34 -40.23
C LYS D 318 -11.89 -8.10 -38.99
N SER D 319 -11.38 -7.73 -37.81
CA SER D 319 -11.84 -8.33 -36.55
C SER D 319 -13.29 -7.99 -36.35
N ALA D 320 -13.67 -6.75 -36.61
CA ALA D 320 -15.03 -6.37 -36.47
C ALA D 320 -16.00 -7.19 -37.39
N ASP D 321 -15.58 -7.42 -38.62
CA ASP D 321 -16.36 -8.21 -39.57
C ASP D 321 -16.52 -9.66 -39.12
N THR D 322 -15.43 -10.28 -38.63
CA THR D 322 -15.49 -11.63 -38.11
C THR D 322 -16.39 -11.74 -36.89
N LEU D 323 -16.22 -10.82 -35.94
CA LEU D 323 -17.04 -10.82 -34.77
C LEU D 323 -18.49 -10.66 -35.11
N TRP D 324 -18.81 -9.68 -35.94
CA TRP D 324 -20.21 -9.49 -36.34
C TRP D 324 -20.77 -10.73 -37.09
N GLY D 325 -19.97 -11.40 -37.90
CA GLY D 325 -20.42 -12.60 -38.61
C GLY D 325 -20.92 -13.67 -37.62
N ILE D 326 -20.23 -13.81 -36.51
CA ILE D 326 -20.64 -14.74 -35.44
C ILE D 326 -21.86 -14.21 -34.69
N GLN D 327 -21.78 -12.97 -34.25
CA GLN D 327 -22.82 -12.40 -33.42
C GLN D 327 -24.19 -12.44 -34.06
N LYS D 328 -24.24 -12.16 -35.35
CA LYS D 328 -25.55 -12.12 -36.01
C LYS D 328 -26.26 -13.50 -36.08
N GLU D 329 -25.52 -14.60 -35.92
CA GLU D 329 -26.09 -15.96 -35.87
C GLU D 329 -26.40 -16.44 -34.46
N LEU D 330 -26.15 -15.63 -33.42
CA LEU D 330 -26.37 -16.11 -32.07
C LEU D 330 -27.85 -16.05 -31.78
N GLN D 331 -28.31 -16.95 -30.94
CA GLN D 331 -29.68 -16.94 -30.47
C GLN D 331 -29.69 -16.60 -29.01
N PHE D 332 -30.30 -15.46 -28.71
CA PHE D 332 -30.44 -14.99 -27.34
C PHE D 332 -31.74 -15.54 -26.80
#